data_5QRV
# 
_entry.id   5QRV 
# 
_audit_conform.dict_name       mmcif_pdbx.dic 
_audit_conform.dict_version    5.387 
_audit_conform.dict_location   http://mmcif.pdb.org/dictionaries/ascii/mmcif_pdbx.dic 
# 
loop_
_database_2.database_id 
_database_2.database_code 
_database_2.pdbx_database_accession 
_database_2.pdbx_DOI 
PDB   5QRV         pdb_00005qrv 10.2210/pdb5qrv/pdb 
WWPDB D_1001402328 ?            ?                   
# 
loop_
_pdbx_audit_revision_history.ordinal 
_pdbx_audit_revision_history.data_content_type 
_pdbx_audit_revision_history.major_revision 
_pdbx_audit_revision_history.minor_revision 
_pdbx_audit_revision_history.revision_date 
1 'Structure model' 1 0 2019-07-10 
2 'Structure model' 1 1 2019-08-07 
3 'Structure model' 1 2 2024-03-06 
# 
_pdbx_audit_revision_details.ordinal             1 
_pdbx_audit_revision_details.revision_ordinal    1 
_pdbx_audit_revision_details.data_content_type   'Structure model' 
_pdbx_audit_revision_details.provider            repository 
_pdbx_audit_revision_details.type                'Initial release' 
_pdbx_audit_revision_details.description         ? 
_pdbx_audit_revision_details.details             ? 
# 
loop_
_pdbx_audit_revision_group.ordinal 
_pdbx_audit_revision_group.revision_ordinal 
_pdbx_audit_revision_group.data_content_type 
_pdbx_audit_revision_group.group 
1 2 'Structure model' 'Author supporting evidence' 
2 2 'Structure model' 'Data collection'            
3 2 'Structure model' 'Structure summary'          
4 3 'Structure model' 'Data collection'            
5 3 'Structure model' 'Database references'        
6 3 'Structure model' 'Derived calculations'       
# 
loop_
_pdbx_audit_revision_category.ordinal 
_pdbx_audit_revision_category.revision_ordinal 
_pdbx_audit_revision_category.data_content_type 
_pdbx_audit_revision_category.category 
1 2 'Structure model' pdbx_entity_instance_feature 
2 2 'Structure model' pdbx_entry_details           
3 3 'Structure model' chem_comp_atom               
4 3 'Structure model' chem_comp_bond               
5 3 'Structure model' database_2                   
6 3 'Structure model' pdbx_struct_conn_angle       
7 3 'Structure model' struct_conn                  
# 
loop_
_pdbx_audit_revision_item.ordinal 
_pdbx_audit_revision_item.revision_ordinal 
_pdbx_audit_revision_item.data_content_type 
_pdbx_audit_revision_item.item 
1  3 'Structure model' '_database_2.pdbx_DOI'                        
2  3 'Structure model' '_database_2.pdbx_database_accession'         
3  3 'Structure model' '_pdbx_struct_conn_angle.ptnr1_auth_comp_id'  
4  3 'Structure model' '_pdbx_struct_conn_angle.ptnr1_auth_seq_id'   
5  3 'Structure model' '_pdbx_struct_conn_angle.ptnr1_label_alt_id'  
6  3 'Structure model' '_pdbx_struct_conn_angle.ptnr1_label_asym_id' 
7  3 'Structure model' '_pdbx_struct_conn_angle.ptnr1_label_atom_id' 
8  3 'Structure model' '_pdbx_struct_conn_angle.ptnr1_label_comp_id' 
9  3 'Structure model' '_pdbx_struct_conn_angle.ptnr1_label_seq_id'  
10 3 'Structure model' '_pdbx_struct_conn_angle.ptnr1_symmetry'      
11 3 'Structure model' '_pdbx_struct_conn_angle.ptnr2_auth_seq_id'   
12 3 'Structure model' '_pdbx_struct_conn_angle.ptnr2_label_asym_id' 
13 3 'Structure model' '_pdbx_struct_conn_angle.ptnr3_auth_comp_id'  
14 3 'Structure model' '_pdbx_struct_conn_angle.ptnr3_auth_seq_id'   
15 3 'Structure model' '_pdbx_struct_conn_angle.ptnr3_label_alt_id'  
16 3 'Structure model' '_pdbx_struct_conn_angle.ptnr3_label_asym_id' 
17 3 'Structure model' '_pdbx_struct_conn_angle.ptnr3_label_atom_id' 
18 3 'Structure model' '_pdbx_struct_conn_angle.ptnr3_label_comp_id' 
19 3 'Structure model' '_pdbx_struct_conn_angle.ptnr3_label_seq_id'  
20 3 'Structure model' '_pdbx_struct_conn_angle.ptnr3_symmetry'      
21 3 'Structure model' '_pdbx_struct_conn_angle.value'               
22 3 'Structure model' '_struct_conn.pdbx_dist_value'                
23 3 'Structure model' '_struct_conn.pdbx_ptnr1_label_alt_id'        
24 3 'Structure model' '_struct_conn.ptnr1_auth_comp_id'             
25 3 'Structure model' '_struct_conn.ptnr1_auth_seq_id'              
26 3 'Structure model' '_struct_conn.ptnr1_label_asym_id'            
27 3 'Structure model' '_struct_conn.ptnr1_label_atom_id'            
28 3 'Structure model' '_struct_conn.ptnr1_label_comp_id'            
29 3 'Structure model' '_struct_conn.ptnr1_label_seq_id'             
30 3 'Structure model' '_struct_conn.ptnr2_auth_comp_id'             
31 3 'Structure model' '_struct_conn.ptnr2_auth_seq_id'              
32 3 'Structure model' '_struct_conn.ptnr2_label_asym_id'            
33 3 'Structure model' '_struct_conn.ptnr2_label_atom_id'            
34 3 'Structure model' '_struct_conn.ptnr2_label_comp_id'            
35 3 'Structure model' '_struct_conn.ptnr2_symmetry'                 
# 
_pdbx_database_status.entry_id                        5QRV 
_pdbx_database_status.status_code                     REL 
_pdbx_database_status.status_code_sf                  REL 
_pdbx_database_status.status_code_mr                  ? 
_pdbx_database_status.status_code_cs                  ? 
_pdbx_database_status.recvd_initial_deposition_date   2019-05-25 
_pdbx_database_status.deposit_site                    RCSB 
_pdbx_database_status.process_site                    RCSB 
_pdbx_database_status.SG_entry                        ? 
_pdbx_database_status.pdb_format_compatible           Y 
_pdbx_database_status.methods_development_category    ? 
_pdbx_database_status.status_code_nmr_data            ? 
# 
loop_
_audit_author.name 
_audit_author.pdbx_ordinal 
'Newman, J.A.'        1  
'Gavard, A.E.'        2  
'Fernandez-Cid, A.'   3  
'Sherestha, L.'       4  
'Burgess-Brown, N.A.' 5  
'von Delft, F.'       6  
'Arrowsmith, C.H.'    7  
'Edwards, A.'         8  
'Bountra, C.'         9  
'Gileadi, O.'         10 
# 
_citation.id                        primary 
_citation.title                     'PanDDA analysis group deposition' 
_citation.journal_abbrev            'To Be Published' 
_citation.journal_volume            ? 
_citation.page_first                ? 
_citation.page_last                 ? 
_citation.year                      ? 
_citation.journal_id_ASTM           ? 
_citation.country                   ? 
_citation.journal_id_ISSN           ? 
_citation.journal_id_CSD            0353 
_citation.book_publisher            ? 
_citation.pdbx_database_id_PubMed   ? 
_citation.pdbx_database_id_DOI      ? 
# 
loop_
_citation_author.citation_id 
_citation_author.name 
_citation_author.identifier_ORCID 
_citation_author.ordinal 
primary 'Newman, J.A.'        ? 1  
primary 'Gavard, A.E.'        ? 2  
primary 'Fernandez-Cid, A.'   ? 3  
primary 'Sherestha, L.'       ? 4  
primary 'Burgess-Brown, N.A.' ? 5  
primary 'von Delft, F.'       ? 6  
primary 'Arrowsmith, C.H.'    ? 7  
primary 'Edwards, A.'         ? 8  
primary 'Bountra, C.'         ? 9  
primary 'Gileadi, O.'         ? 10 
# 
loop_
_entity.id 
_entity.type 
_entity.src_method 
_entity.pdbx_description 
_entity.formula_weight 
_entity.pdbx_number_of_molecules 
_entity.pdbx_ec 
_entity.pdbx_mutation 
_entity.pdbx_fragment 
_entity.details 
1 polymer     man 'T-box transcription factor T'                 19597.586 1  ? ? ? ? 
2 non-polymer syn 'CADMIUM ION'                                  112.411   5  ? ? ? ? 
3 non-polymer syn '4-(furan-2-carbonyl)piperazine-1-carboxamide' 223.229   1  ? ? ? ? 
4 water       nat water                                          18.015    70 ? ? ? ? 
# 
_entity_name_com.entity_id   1 
_entity_name_com.name        'Brachyury protein,Protein T' 
# 
_entity_poly.entity_id                      1 
_entity_poly.type                           'polypeptide(L)' 
_entity_poly.nstd_linkage                   no 
_entity_poly.nstd_monomer                   no 
_entity_poly.pdbx_seq_one_letter_code       
;GELRVGLEESELWLRFKELTNEMIVTKNGRRMFPVLKVNVSGLDPNAMYSFLLDFVAADNHRWKYVNGEWVPGGKPEPQA
PSCVYIHPDSPNFGAHWMKAPVSFSKVKLTNKLNGGGQIMLNSLHKYEPRIHIVRVGGPQRMITSHCFPETQFIAVTAYQ
NEEITALKIKYN
;
_entity_poly.pdbx_seq_one_letter_code_can   
;GELRVGLEESELWLRFKELTNEMIVTKNGRRMFPVLKVNVSGLDPNAMYSFLLDFVAADNHRWKYVNGEWVPGGKPEPQA
PSCVYIHPDSPNFGAHWMKAPVSFSKVKLTNKLNGGGQIMLNSLHKYEPRIHIVRVGGPQRMITSHCFPETQFIAVTAYQ
NEEITALKIKYN
;
_entity_poly.pdbx_strand_id                 A 
_entity_poly.pdbx_target_identifier         ? 
# 
loop_
_pdbx_entity_nonpoly.entity_id 
_pdbx_entity_nonpoly.name 
_pdbx_entity_nonpoly.comp_id 
2 'CADMIUM ION'                                  CD  
3 '4-(furan-2-carbonyl)piperazine-1-carboxamide' K2M 
4 water                                          HOH 
# 
loop_
_entity_poly_seq.entity_id 
_entity_poly_seq.num 
_entity_poly_seq.mon_id 
_entity_poly_seq.hetero 
1 1   GLY n 
1 2   GLU n 
1 3   LEU n 
1 4   ARG n 
1 5   VAL n 
1 6   GLY n 
1 7   LEU n 
1 8   GLU n 
1 9   GLU n 
1 10  SER n 
1 11  GLU n 
1 12  LEU n 
1 13  TRP n 
1 14  LEU n 
1 15  ARG n 
1 16  PHE n 
1 17  LYS n 
1 18  GLU n 
1 19  LEU n 
1 20  THR n 
1 21  ASN n 
1 22  GLU n 
1 23  MET n 
1 24  ILE n 
1 25  VAL n 
1 26  THR n 
1 27  LYS n 
1 28  ASN n 
1 29  GLY n 
1 30  ARG n 
1 31  ARG n 
1 32  MET n 
1 33  PHE n 
1 34  PRO n 
1 35  VAL n 
1 36  LEU n 
1 37  LYS n 
1 38  VAL n 
1 39  ASN n 
1 40  VAL n 
1 41  SER n 
1 42  GLY n 
1 43  LEU n 
1 44  ASP n 
1 45  PRO n 
1 46  ASN n 
1 47  ALA n 
1 48  MET n 
1 49  TYR n 
1 50  SER n 
1 51  PHE n 
1 52  LEU n 
1 53  LEU n 
1 54  ASP n 
1 55  PHE n 
1 56  VAL n 
1 57  ALA n 
1 58  ALA n 
1 59  ASP n 
1 60  ASN n 
1 61  HIS n 
1 62  ARG n 
1 63  TRP n 
1 64  LYS n 
1 65  TYR n 
1 66  VAL n 
1 67  ASN n 
1 68  GLY n 
1 69  GLU n 
1 70  TRP n 
1 71  VAL n 
1 72  PRO n 
1 73  GLY n 
1 74  GLY n 
1 75  LYS n 
1 76  PRO n 
1 77  GLU n 
1 78  PRO n 
1 79  GLN n 
1 80  ALA n 
1 81  PRO n 
1 82  SER n 
1 83  CYS n 
1 84  VAL n 
1 85  TYR n 
1 86  ILE n 
1 87  HIS n 
1 88  PRO n 
1 89  ASP n 
1 90  SER n 
1 91  PRO n 
1 92  ASN n 
1 93  PHE n 
1 94  GLY n 
1 95  ALA n 
1 96  HIS n 
1 97  TRP n 
1 98  MET n 
1 99  LYS n 
1 100 ALA n 
1 101 PRO n 
1 102 VAL n 
1 103 SER n 
1 104 PHE n 
1 105 SER n 
1 106 LYS n 
1 107 VAL n 
1 108 LYS n 
1 109 LEU n 
1 110 THR n 
1 111 ASN n 
1 112 LYS n 
1 113 LEU n 
1 114 ASN n 
1 115 GLY n 
1 116 GLY n 
1 117 GLY n 
1 118 GLN n 
1 119 ILE n 
1 120 MET n 
1 121 LEU n 
1 122 ASN n 
1 123 SER n 
1 124 LEU n 
1 125 HIS n 
1 126 LYS n 
1 127 TYR n 
1 128 GLU n 
1 129 PRO n 
1 130 ARG n 
1 131 ILE n 
1 132 HIS n 
1 133 ILE n 
1 134 VAL n 
1 135 ARG n 
1 136 VAL n 
1 137 GLY n 
1 138 GLY n 
1 139 PRO n 
1 140 GLN n 
1 141 ARG n 
1 142 MET n 
1 143 ILE n 
1 144 THR n 
1 145 SER n 
1 146 HIS n 
1 147 CYS n 
1 148 PHE n 
1 149 PRO n 
1 150 GLU n 
1 151 THR n 
1 152 GLN n 
1 153 PHE n 
1 154 ILE n 
1 155 ALA n 
1 156 VAL n 
1 157 THR n 
1 158 ALA n 
1 159 TYR n 
1 160 GLN n 
1 161 ASN n 
1 162 GLU n 
1 163 GLU n 
1 164 ILE n 
1 165 THR n 
1 166 ALA n 
1 167 LEU n 
1 168 LYS n 
1 169 ILE n 
1 170 LYS n 
1 171 TYR n 
1 172 ASN n 
# 
_entity_src_gen.entity_id                          1 
_entity_src_gen.pdbx_src_id                        1 
_entity_src_gen.pdbx_alt_source_flag               sample 
_entity_src_gen.pdbx_seq_type                      'Biological sequence' 
_entity_src_gen.pdbx_beg_seq_num                   1 
_entity_src_gen.pdbx_end_seq_num                   172 
_entity_src_gen.gene_src_common_name               Human 
_entity_src_gen.gene_src_genus                     ? 
_entity_src_gen.pdbx_gene_src_gene                 'TBXT, T' 
_entity_src_gen.gene_src_species                   ? 
_entity_src_gen.gene_src_strain                    ? 
_entity_src_gen.gene_src_tissue                    ? 
_entity_src_gen.gene_src_tissue_fraction           ? 
_entity_src_gen.gene_src_details                   ? 
_entity_src_gen.pdbx_gene_src_fragment             ? 
_entity_src_gen.pdbx_gene_src_scientific_name      'Homo sapiens' 
_entity_src_gen.pdbx_gene_src_ncbi_taxonomy_id     9606 
_entity_src_gen.pdbx_gene_src_variant              ? 
_entity_src_gen.pdbx_gene_src_cell_line            ? 
_entity_src_gen.pdbx_gene_src_atcc                 ? 
_entity_src_gen.pdbx_gene_src_organ                ? 
_entity_src_gen.pdbx_gene_src_organelle            ? 
_entity_src_gen.pdbx_gene_src_cell                 ? 
_entity_src_gen.pdbx_gene_src_cellular_location    ? 
_entity_src_gen.host_org_common_name               ? 
_entity_src_gen.pdbx_host_org_scientific_name      'Escherichia coli' 
_entity_src_gen.pdbx_host_org_ncbi_taxonomy_id     562 
_entity_src_gen.host_org_genus                     ? 
_entity_src_gen.pdbx_host_org_gene                 ? 
_entity_src_gen.pdbx_host_org_organ                ? 
_entity_src_gen.host_org_species                   ? 
_entity_src_gen.pdbx_host_org_tissue               ? 
_entity_src_gen.pdbx_host_org_tissue_fraction      ? 
_entity_src_gen.pdbx_host_org_strain               ? 
_entity_src_gen.pdbx_host_org_variant              ? 
_entity_src_gen.pdbx_host_org_cell_line            ? 
_entity_src_gen.pdbx_host_org_atcc                 ? 
_entity_src_gen.pdbx_host_org_culture_collection   ? 
_entity_src_gen.pdbx_host_org_cell                 ? 
_entity_src_gen.pdbx_host_org_organelle            ? 
_entity_src_gen.pdbx_host_org_cellular_location    ? 
_entity_src_gen.pdbx_host_org_vector_type          ? 
_entity_src_gen.pdbx_host_org_vector               ? 
_entity_src_gen.host_org_details                   ? 
_entity_src_gen.expression_system_id               ? 
_entity_src_gen.plasmid_name                       ? 
_entity_src_gen.plasmid_details                    ? 
_entity_src_gen.pdbx_description                   ? 
# 
loop_
_chem_comp.id 
_chem_comp.type 
_chem_comp.mon_nstd_flag 
_chem_comp.name 
_chem_comp.pdbx_synonyms 
_chem_comp.formula 
_chem_comp.formula_weight 
ALA 'L-peptide linking' y ALANINE                                        ? 'C3 H7 N O2'     89.093  
ARG 'L-peptide linking' y ARGININE                                       ? 'C6 H15 N4 O2 1' 175.209 
ASN 'L-peptide linking' y ASPARAGINE                                     ? 'C4 H8 N2 O3'    132.118 
ASP 'L-peptide linking' y 'ASPARTIC ACID'                                ? 'C4 H7 N O4'     133.103 
CD  non-polymer         . 'CADMIUM ION'                                  ? 'Cd 2'           112.411 
CYS 'L-peptide linking' y CYSTEINE                                       ? 'C3 H7 N O2 S'   121.158 
GLN 'L-peptide linking' y GLUTAMINE                                      ? 'C5 H10 N2 O3'   146.144 
GLU 'L-peptide linking' y 'GLUTAMIC ACID'                                ? 'C5 H9 N O4'     147.129 
GLY 'peptide linking'   y GLYCINE                                        ? 'C2 H5 N O2'     75.067  
HIS 'L-peptide linking' y HISTIDINE                                      ? 'C6 H10 N3 O2 1' 156.162 
HOH non-polymer         . WATER                                          ? 'H2 O'           18.015  
ILE 'L-peptide linking' y ISOLEUCINE                                     ? 'C6 H13 N O2'    131.173 
K2M non-polymer         . '4-(furan-2-carbonyl)piperazine-1-carboxamide' ? 'C10 H13 N3 O3'  223.229 
LEU 'L-peptide linking' y LEUCINE                                        ? 'C6 H13 N O2'    131.173 
LYS 'L-peptide linking' y LYSINE                                         ? 'C6 H15 N2 O2 1' 147.195 
MET 'L-peptide linking' y METHIONINE                                     ? 'C5 H11 N O2 S'  149.211 
PHE 'L-peptide linking' y PHENYLALANINE                                  ? 'C9 H11 N O2'    165.189 
PRO 'L-peptide linking' y PROLINE                                        ? 'C5 H9 N O2'     115.130 
SER 'L-peptide linking' y SERINE                                         ? 'C3 H7 N O3'     105.093 
THR 'L-peptide linking' y THREONINE                                      ? 'C4 H9 N O3'     119.119 
TRP 'L-peptide linking' y TRYPTOPHAN                                     ? 'C11 H12 N2 O2'  204.225 
TYR 'L-peptide linking' y TYROSINE                                       ? 'C9 H11 N O3'    181.189 
VAL 'L-peptide linking' y VALINE                                         ? 'C5 H11 N O2'    117.146 
# 
loop_
_pdbx_poly_seq_scheme.asym_id 
_pdbx_poly_seq_scheme.entity_id 
_pdbx_poly_seq_scheme.seq_id 
_pdbx_poly_seq_scheme.mon_id 
_pdbx_poly_seq_scheme.ndb_seq_num 
_pdbx_poly_seq_scheme.pdb_seq_num 
_pdbx_poly_seq_scheme.auth_seq_num 
_pdbx_poly_seq_scheme.pdb_mon_id 
_pdbx_poly_seq_scheme.auth_mon_id 
_pdbx_poly_seq_scheme.pdb_strand_id 
_pdbx_poly_seq_scheme.pdb_ins_code 
_pdbx_poly_seq_scheme.hetero 
A 1 1   GLY 1   40  ?   ?   ?   A . n 
A 1 2   GLU 2   41  41  GLU GLU A . n 
A 1 3   LEU 3   42  42  LEU LEU A . n 
A 1 4   ARG 4   43  43  ARG ARG A . n 
A 1 5   VAL 5   44  44  VAL VAL A . n 
A 1 6   GLY 6   45  45  GLY GLY A . n 
A 1 7   LEU 7   46  46  LEU LEU A . n 
A 1 8   GLU 8   47  47  GLU GLU A . n 
A 1 9   GLU 9   48  48  GLU GLU A . n 
A 1 10  SER 10  49  49  SER SER A . n 
A 1 11  GLU 11  50  50  GLU GLU A . n 
A 1 12  LEU 12  51  51  LEU LEU A . n 
A 1 13  TRP 13  52  52  TRP TRP A . n 
A 1 14  LEU 14  53  53  LEU LEU A . n 
A 1 15  ARG 15  54  54  ARG ARG A . n 
A 1 16  PHE 16  55  55  PHE PHE A . n 
A 1 17  LYS 17  56  56  LYS LYS A . n 
A 1 18  GLU 18  57  57  GLU GLU A . n 
A 1 19  LEU 19  58  58  LEU LEU A . n 
A 1 20  THR 20  59  59  THR THR A . n 
A 1 21  ASN 21  60  60  ASN ASN A . n 
A 1 22  GLU 22  61  61  GLU GLU A . n 
A 1 23  MET 23  62  62  MET MET A . n 
A 1 24  ILE 24  63  63  ILE ILE A . n 
A 1 25  VAL 25  64  64  VAL VAL A . n 
A 1 26  THR 26  65  65  THR THR A . n 
A 1 27  LYS 27  66  66  LYS LYS A . n 
A 1 28  ASN 28  67  67  ASN ASN A . n 
A 1 29  GLY 29  68  68  GLY GLY A . n 
A 1 30  ARG 30  69  69  ARG ARG A . n 
A 1 31  ARG 31  70  70  ARG ARG A . n 
A 1 32  MET 32  71  71  MET MET A . n 
A 1 33  PHE 33  72  72  PHE PHE A . n 
A 1 34  PRO 34  73  73  PRO PRO A . n 
A 1 35  VAL 35  74  74  VAL VAL A . n 
A 1 36  LEU 36  75  75  LEU LEU A . n 
A 1 37  LYS 37  76  76  LYS LYS A . n 
A 1 38  VAL 38  77  77  VAL VAL A . n 
A 1 39  ASN 39  78  78  ASN ASN A . n 
A 1 40  VAL 40  79  79  VAL VAL A . n 
A 1 41  SER 41  80  80  SER SER A . n 
A 1 42  GLY 42  81  81  GLY GLY A . n 
A 1 43  LEU 43  82  82  LEU LEU A . n 
A 1 44  ASP 44  83  83  ASP ASP A . n 
A 1 45  PRO 45  84  84  PRO PRO A . n 
A 1 46  ASN 46  85  85  ASN ASN A . n 
A 1 47  ALA 47  86  86  ALA ALA A . n 
A 1 48  MET 48  87  87  MET MET A . n 
A 1 49  TYR 49  88  88  TYR TYR A . n 
A 1 50  SER 50  89  89  SER SER A . n 
A 1 51  PHE 51  90  90  PHE PHE A . n 
A 1 52  LEU 52  91  91  LEU LEU A . n 
A 1 53  LEU 53  92  92  LEU LEU A . n 
A 1 54  ASP 54  93  93  ASP ASP A . n 
A 1 55  PHE 55  94  94  PHE PHE A . n 
A 1 56  VAL 56  95  95  VAL VAL A . n 
A 1 57  ALA 57  96  96  ALA ALA A . n 
A 1 58  ALA 58  97  97  ALA ALA A . n 
A 1 59  ASP 59  98  98  ASP ASP A . n 
A 1 60  ASN 60  99  99  ASN ASN A . n 
A 1 61  HIS 61  100 100 HIS HIS A . n 
A 1 62  ARG 62  101 101 ARG ARG A . n 
A 1 63  TRP 63  102 102 TRP TRP A . n 
A 1 64  LYS 64  103 103 LYS LYS A . n 
A 1 65  TYR 65  104 104 TYR TYR A . n 
A 1 66  VAL 66  105 105 VAL VAL A . n 
A 1 67  ASN 67  106 106 ASN ASN A . n 
A 1 68  GLY 68  107 107 GLY GLY A . n 
A 1 69  GLU 69  108 108 GLU GLU A . n 
A 1 70  TRP 70  109 109 TRP TRP A . n 
A 1 71  VAL 71  110 110 VAL VAL A . n 
A 1 72  PRO 72  111 111 PRO PRO A . n 
A 1 73  GLY 73  112 112 GLY GLY A . n 
A 1 74  GLY 74  113 113 GLY GLY A . n 
A 1 75  LYS 75  114 114 LYS LYS A . n 
A 1 76  PRO 76  115 115 PRO PRO A . n 
A 1 77  GLU 77  116 116 GLU GLU A . n 
A 1 78  PRO 78  117 117 PRO PRO A . n 
A 1 79  GLN 79  118 118 GLN GLN A . n 
A 1 80  ALA 80  119 119 ALA ALA A . n 
A 1 81  PRO 81  120 120 PRO PRO A . n 
A 1 82  SER 82  121 121 SER SER A . n 
A 1 83  CYS 83  122 122 CYS CYS A . n 
A 1 84  VAL 84  123 123 VAL VAL A . n 
A 1 85  TYR 85  124 124 TYR TYR A . n 
A 1 86  ILE 86  125 125 ILE ILE A . n 
A 1 87  HIS 87  126 126 HIS HIS A . n 
A 1 88  PRO 88  127 127 PRO PRO A . n 
A 1 89  ASP 89  128 128 ASP ASP A . n 
A 1 90  SER 90  129 129 SER SER A . n 
A 1 91  PRO 91  130 130 PRO PRO A . n 
A 1 92  ASN 92  131 131 ASN ASN A . n 
A 1 93  PHE 93  132 132 PHE PHE A . n 
A 1 94  GLY 94  133 133 GLY GLY A . n 
A 1 95  ALA 95  134 134 ALA ALA A . n 
A 1 96  HIS 96  135 135 HIS HIS A . n 
A 1 97  TRP 97  136 136 TRP TRP A . n 
A 1 98  MET 98  137 137 MET MET A . n 
A 1 99  LYS 99  138 138 LYS LYS A . n 
A 1 100 ALA 100 139 139 ALA ALA A . n 
A 1 101 PRO 101 140 140 PRO PRO A . n 
A 1 102 VAL 102 141 141 VAL VAL A . n 
A 1 103 SER 103 142 142 SER SER A . n 
A 1 104 PHE 104 143 143 PHE PHE A . n 
A 1 105 SER 105 144 144 SER SER A . n 
A 1 106 LYS 106 145 145 LYS LYS A . n 
A 1 107 VAL 107 146 146 VAL VAL A . n 
A 1 108 LYS 108 147 147 LYS LYS A . n 
A 1 109 LEU 109 148 148 LEU LEU A . n 
A 1 110 THR 110 149 149 THR THR A . n 
A 1 111 ASN 111 150 150 ASN ASN A . n 
A 1 112 LYS 112 151 151 LYS LYS A . n 
A 1 113 LEU 113 152 152 LEU LEU A . n 
A 1 114 ASN 114 153 153 ASN ASN A . n 
A 1 115 GLY 115 154 154 GLY GLY A . n 
A 1 116 GLY 116 155 155 GLY GLY A . n 
A 1 117 GLY 117 156 156 GLY GLY A . n 
A 1 118 GLN 118 157 157 GLN GLN A . n 
A 1 119 ILE 119 158 158 ILE ILE A . n 
A 1 120 MET 120 159 159 MET MET A . n 
A 1 121 LEU 121 160 160 LEU LEU A . n 
A 1 122 ASN 122 161 161 ASN ASN A . n 
A 1 123 SER 123 162 162 SER SER A . n 
A 1 124 LEU 124 163 163 LEU LEU A . n 
A 1 125 HIS 125 164 164 HIS HIS A . n 
A 1 126 LYS 126 165 165 LYS LYS A . n 
A 1 127 TYR 127 166 166 TYR TYR A . n 
A 1 128 GLU 128 167 167 GLU GLU A . n 
A 1 129 PRO 129 168 168 PRO PRO A . n 
A 1 130 ARG 130 169 169 ARG ARG A . n 
A 1 131 ILE 131 170 170 ILE ILE A . n 
A 1 132 HIS 132 171 171 HIS HIS A . n 
A 1 133 ILE 133 172 172 ILE ILE A . n 
A 1 134 VAL 134 173 173 VAL VAL A . n 
A 1 135 ARG 135 174 174 ARG ARG A . n 
A 1 136 VAL 136 175 175 VAL VAL A . n 
A 1 137 GLY 137 176 176 GLY GLY A . n 
A 1 138 GLY 138 177 177 GLY GLY A . n 
A 1 139 PRO 139 178 178 PRO PRO A . n 
A 1 140 GLN 140 179 179 GLN GLN A . n 
A 1 141 ARG 141 180 180 ARG ARG A . n 
A 1 142 MET 142 181 181 MET MET A . n 
A 1 143 ILE 143 182 182 ILE ILE A . n 
A 1 144 THR 144 183 183 THR THR A . n 
A 1 145 SER 145 184 184 SER SER A . n 
A 1 146 HIS 146 185 185 HIS HIS A . n 
A 1 147 CYS 147 186 186 CYS CYS A . n 
A 1 148 PHE 148 187 187 PHE PHE A . n 
A 1 149 PRO 149 188 188 PRO PRO A . n 
A 1 150 GLU 150 189 189 GLU GLU A . n 
A 1 151 THR 151 190 190 THR THR A . n 
A 1 152 GLN 152 191 191 GLN GLN A . n 
A 1 153 PHE 153 192 192 PHE PHE A . n 
A 1 154 ILE 154 193 193 ILE ILE A . n 
A 1 155 ALA 155 194 194 ALA ALA A . n 
A 1 156 VAL 156 195 195 VAL VAL A . n 
A 1 157 THR 157 196 196 THR THR A . n 
A 1 158 ALA 158 197 197 ALA ALA A . n 
A 1 159 TYR 159 198 198 TYR TYR A . n 
A 1 160 GLN 160 199 199 GLN GLN A . n 
A 1 161 ASN 161 200 200 ASN ASN A . n 
A 1 162 GLU 162 201 201 GLU GLU A . n 
A 1 163 GLU 163 202 202 GLU GLU A . n 
A 1 164 ILE 164 203 203 ILE ILE A . n 
A 1 165 THR 165 204 204 THR THR A . n 
A 1 166 ALA 166 205 205 ALA ALA A . n 
A 1 167 LEU 167 206 206 LEU LEU A . n 
A 1 168 LYS 168 207 207 LYS LYS A . n 
A 1 169 ILE 169 208 208 ILE ILE A . n 
A 1 170 LYS 170 209 209 LYS LYS A . n 
A 1 171 TYR 171 210 210 TYR TYR A . n 
A 1 172 ASN 172 211 211 ASN ASN A . n 
# 
loop_
_pdbx_nonpoly_scheme.asym_id 
_pdbx_nonpoly_scheme.entity_id 
_pdbx_nonpoly_scheme.mon_id 
_pdbx_nonpoly_scheme.ndb_seq_num 
_pdbx_nonpoly_scheme.pdb_seq_num 
_pdbx_nonpoly_scheme.auth_seq_num 
_pdbx_nonpoly_scheme.pdb_mon_id 
_pdbx_nonpoly_scheme.auth_mon_id 
_pdbx_nonpoly_scheme.pdb_strand_id 
_pdbx_nonpoly_scheme.pdb_ins_code 
B 2 CD  1  301 1  CD  CD  A . 
C 2 CD  1  302 2  CD  CD  A . 
D 2 CD  1  303 3  CD  CD  A . 
E 2 CD  1  304 4  CD  CD  A . 
F 2 CD  1  305 5  CD  CD  A . 
G 3 K2M 1  306 1  K2M LIG A . 
H 4 HOH 1  401 53 HOH HOH A . 
H 4 HOH 2  402 79 HOH HOH A . 
H 4 HOH 3  403 48 HOH HOH A . 
H 4 HOH 4  404 24 HOH HOH A . 
H 4 HOH 5  405 21 HOH HOH A . 
H 4 HOH 6  406 45 HOH HOH A . 
H 4 HOH 7  407 58 HOH HOH A . 
H 4 HOH 8  408 68 HOH HOH A . 
H 4 HOH 9  409 61 HOH HOH A . 
H 4 HOH 10 410 54 HOH HOH A . 
H 4 HOH 11 411 55 HOH HOH A . 
H 4 HOH 12 412 71 HOH HOH A . 
H 4 HOH 13 413 14 HOH HOH A . 
H 4 HOH 14 414 16 HOH HOH A . 
H 4 HOH 15 415 44 HOH HOH A . 
H 4 HOH 16 416 41 HOH HOH A . 
H 4 HOH 17 417 51 HOH HOH A . 
H 4 HOH 18 418 4  HOH HOH A . 
H 4 HOH 19 419 70 HOH HOH A . 
H 4 HOH 20 420 50 HOH HOH A . 
H 4 HOH 21 421 52 HOH HOH A . 
H 4 HOH 22 422 49 HOH HOH A . 
H 4 HOH 23 423 56 HOH HOH A . 
H 4 HOH 24 424 52 HOH HOH A . 
H 4 HOH 25 425 67 HOH HOH A . 
H 4 HOH 26 426 31 HOH HOH A . 
H 4 HOH 27 427 32 HOH HOH A . 
H 4 HOH 28 428 33 HOH HOH A . 
H 4 HOH 29 429 17 HOH HOH A . 
H 4 HOH 30 430 47 HOH HOH A . 
H 4 HOH 31 431 63 HOH HOH A . 
H 4 HOH 32 432 45 HOH HOH A . 
H 4 HOH 33 433 10 HOH HOH A . 
H 4 HOH 34 434 69 HOH HOH A . 
H 4 HOH 35 435 18 HOH HOH A . 
H 4 HOH 36 436 6  HOH HOH A . 
H 4 HOH 37 437 75 HOH HOH A . 
H 4 HOH 38 438 8  HOH HOH A . 
H 4 HOH 39 439 1  HOH HOH A . 
H 4 HOH 40 440 57 HOH HOH A . 
H 4 HOH 41 441 66 HOH HOH A . 
H 4 HOH 42 442 73 HOH HOH A . 
H 4 HOH 43 443 8  HOH HOH A . 
H 4 HOH 44 444 30 HOH HOH A . 
H 4 HOH 45 445 64 HOH HOH A . 
H 4 HOH 46 446 12 HOH HOH A . 
H 4 HOH 47 447 60 HOH HOH A . 
H 4 HOH 48 448 14 HOH HOH A . 
H 4 HOH 49 449 28 HOH HOH A . 
H 4 HOH 50 450 11 HOH HOH A . 
H 4 HOH 51 451 23 HOH HOH A . 
H 4 HOH 52 452 2  HOH HOH A . 
H 4 HOH 53 453 46 HOH HOH A . 
H 4 HOH 54 454 4  HOH HOH A . 
H 4 HOH 55 455 77 HOH HOH A . 
H 4 HOH 56 456 65 HOH HOH A . 
H 4 HOH 57 457 1  HOH HOH A . 
H 4 HOH 58 458 15 HOH HOH A . 
H 4 HOH 59 459 6  HOH HOH A . 
H 4 HOH 60 460 7  HOH HOH A . 
H 4 HOH 61 461 72 HOH HOH A . 
H 4 HOH 62 462 3  HOH HOH A . 
H 4 HOH 63 463 5  HOH HOH A . 
H 4 HOH 64 464 10 HOH HOH A . 
H 4 HOH 65 465 62 HOH HOH A . 
H 4 HOH 66 466 43 HOH HOH A . 
H 4 HOH 67 467 78 HOH HOH A . 
H 4 HOH 68 468 16 HOH HOH A . 
H 4 HOH 69 469 17 HOH HOH A . 
H 4 HOH 70 470 18 HOH HOH A . 
# 
loop_
_pdbx_unobs_or_zero_occ_atoms.id 
_pdbx_unobs_or_zero_occ_atoms.PDB_model_num 
_pdbx_unobs_or_zero_occ_atoms.polymer_flag 
_pdbx_unobs_or_zero_occ_atoms.occupancy_flag 
_pdbx_unobs_or_zero_occ_atoms.auth_asym_id 
_pdbx_unobs_or_zero_occ_atoms.auth_comp_id 
_pdbx_unobs_or_zero_occ_atoms.auth_seq_id 
_pdbx_unobs_or_zero_occ_atoms.PDB_ins_code 
_pdbx_unobs_or_zero_occ_atoms.auth_atom_id 
_pdbx_unobs_or_zero_occ_atoms.label_alt_id 
_pdbx_unobs_or_zero_occ_atoms.label_asym_id 
_pdbx_unobs_or_zero_occ_atoms.label_comp_id 
_pdbx_unobs_or_zero_occ_atoms.label_seq_id 
_pdbx_unobs_or_zero_occ_atoms.label_atom_id 
1 1 Y 1 A ARG 43 ? CG  ? A ARG 4 CG  
2 1 Y 1 A ARG 43 ? CD  ? A ARG 4 CD  
3 1 Y 1 A ARG 43 ? NE  ? A ARG 4 NE  
4 1 Y 1 A ARG 43 ? CZ  ? A ARG 4 CZ  
5 1 Y 1 A ARG 43 ? NH1 ? A ARG 4 NH1 
6 1 Y 1 A ARG 43 ? NH2 ? A ARG 4 NH2 
# 
loop_
_software.pdbx_ordinal 
_software.name 
_software.version 
_software.date 
_software.type 
_software.contact_author 
_software.contact_author_email 
_software.classification 
_software.location 
_software.language 
_software.citation_id 
1 REFMAC      5.8.0238 ?               program 'Garib N. Murshudov' garib@ysbl.york.ac.uk    refinement        
http://www.ccp4.ac.uk/dist/html/refmac5.html        Fortran_77 ? 
2 Aimless     0.7.1    27/03/18        program 'Phil Evans'         ?                        'data scaling'    
http://www.mrc-lmb.cam.ac.uk/harry/pre/aimless.html ?          ? 
3 PDB_EXTRACT 3.23     'SEP. 23, 2016' package PDB                  deposit@deposit.rcsb.org 'data extraction' 
http://sw-tools.pdb.org/apps/PDB_EXTRACT/           C++        ? 
4 XDS         .        ?               program ?                    ?                        'data reduction'  ? ?          ? 
5 REFMAC      .        ?               program ?                    ?                        phasing           ? ?          ? 
# 
_cell.entry_id           5QRV 
_cell.length_a           60.020 
_cell.length_b           60.020 
_cell.length_c           110.050 
_cell.angle_alpha        90.000 
_cell.angle_beta         90.000 
_cell.angle_gamma        90.000 
_cell.Z_PDB              8 
_cell.pdbx_unique_axis   ? 
# 
_symmetry.entry_id                         5QRV 
_symmetry.Int_Tables_number                91 
_symmetry.space_group_name_H-M             'P 41 2 2' 
_symmetry.pdbx_full_space_group_name_H-M   ? 
_symmetry.cell_setting                     ? 
# 
_exptl.crystals_number   1 
_exptl.entry_id          5QRV 
_exptl.method            'X-RAY DIFFRACTION' 
# 
_exptl_crystal.id                    1 
_exptl_crystal.pdbx_mosaicity        0.000 
_exptl_crystal.pdbx_mosaicity_esd    ? 
_exptl_crystal.density_Matthews      2.53 
_exptl_crystal.density_diffrn        ? 
_exptl_crystal.density_meas          ? 
_exptl_crystal.density_meas_temp     ? 
_exptl_crystal.density_percent_sol   51.36 
_exptl_crystal.size_max              ? 
_exptl_crystal.size_mid              ? 
_exptl_crystal.size_min              ? 
_exptl_crystal.size_rad              ? 
_exptl_crystal.description           ? 
# 
_exptl_crystal_grow.crystal_id      1 
_exptl_crystal_grow.method          'VAPOR DIFFUSION, SITTING DROP' 
_exptl_crystal_grow.pH              4.5 
_exptl_crystal_grow.temp            298 
_exptl_crystal_grow.pdbx_details    '0.1 M CdCl, 0.1 M Acetate pH 4.5, 32% PEG 400' 
_exptl_crystal_grow.temp_details    ? 
_exptl_crystal_grow.pdbx_pH_range   ? 
# 
_diffrn.id                     1 
_diffrn.ambient_temp           100 
_diffrn.crystal_id             1 
_diffrn.ambient_temp_details   ? 
# 
_diffrn_detector.detector               PIXEL 
_diffrn_detector.type                   'DECTRIS PILATUS 6M' 
_diffrn_detector.pdbx_collection_date   2018-07-22 
_diffrn_detector.diffrn_id              1 
_diffrn_detector.details                ? 
# 
_diffrn_radiation.diffrn_id                        1 
_diffrn_radiation.wavelength_id                    1 
_diffrn_radiation.pdbx_diffrn_protocol             'SINGLE WAVELENGTH' 
_diffrn_radiation.pdbx_monochromatic_or_laue_m_l   M 
_diffrn_radiation.monochromator                    ? 
_diffrn_radiation.pdbx_scattering_type             x-ray 
# 
_diffrn_radiation_wavelength.id           1 
_diffrn_radiation_wavelength.wavelength   0.91587 
_diffrn_radiation_wavelength.wt           1.0 
# 
_diffrn_source.diffrn_id                   1 
_diffrn_source.source                      SYNCHROTRON 
_diffrn_source.type                        'DIAMOND BEAMLINE I04-1' 
_diffrn_source.pdbx_wavelength_list        0.91587 
_diffrn_source.pdbx_synchrotron_site       Diamond 
_diffrn_source.pdbx_synchrotron_beamline   I04-1 
_diffrn_source.pdbx_wavelength             ? 
# 
_reflns.entry_id                     5QRV 
_reflns.pdbx_diffrn_id               1 
_reflns.pdbx_ordinal                 1 
_reflns.observed_criterion_sigma_I   ? 
_reflns.observed_criterion_sigma_F   ? 
_reflns.d_resolution_low             40.560 
_reflns.d_resolution_high            1.670 
_reflns.number_obs                   24137 
_reflns.number_all                   ? 
_reflns.percent_possible_obs         99.900 
_reflns.pdbx_Rmerge_I_obs            0.073 
_reflns.pdbx_Rsym_value              ? 
_reflns.pdbx_netI_over_sigmaI        16.400 
_reflns.B_iso_Wilson_estimate        ? 
_reflns.pdbx_redundancy              12.700 
_reflns.pdbx_Rrim_I_all              0.077 
_reflns.pdbx_Rpim_I_all              0.022 
_reflns.pdbx_CC_half                 0.999 
_reflns.pdbx_netI_over_av_sigmaI     ? 
_reflns.pdbx_number_measured_all     305930 
_reflns.pdbx_scaling_rejects         0 
_reflns.pdbx_chi_squared             ? 
_reflns.Rmerge_F_all                 ? 
_reflns.Rmerge_F_obs                 ? 
_reflns.observed_criterion_F_max     ? 
_reflns.observed_criterion_F_min     ? 
_reflns.observed_criterion_I_max     ? 
_reflns.observed_criterion_I_min     ? 
_reflns.pdbx_d_res_high_opt          ? 
_reflns.pdbx_d_res_low_opt           ? 
_reflns.details                      ? 
# 
loop_
_reflns_shell.pdbx_diffrn_id 
_reflns_shell.pdbx_ordinal 
_reflns_shell.d_res_high 
_reflns_shell.d_res_low 
_reflns_shell.number_measured_obs 
_reflns_shell.number_measured_all 
_reflns_shell.number_unique_obs 
_reflns_shell.pdbx_rejects 
_reflns_shell.Rmerge_I_obs 
_reflns_shell.meanI_over_sigI_obs 
_reflns_shell.pdbx_Rsym_value 
_reflns_shell.pdbx_chi_squared 
_reflns_shell.pdbx_redundancy 
_reflns_shell.percent_possible_obs 
_reflns_shell.pdbx_netI_over_sigmaI_obs 
_reflns_shell.number_possible 
_reflns_shell.number_unique_all 
_reflns_shell.Rmerge_F_all 
_reflns_shell.Rmerge_F_obs 
_reflns_shell.Rmerge_I_all 
_reflns_shell.meanI_over_sigI_all 
_reflns_shell.percent_possible_all 
_reflns_shell.pdbx_Rrim_I_all 
_reflns_shell.pdbx_Rpim_I_all 
_reflns_shell.pdbx_CC_half 
1 1 1.670 1.710  ? 21229 ? ? 2.338 ? ? ? 12.200 ? 1.300  ? 1744 ? ? ? ? 99.800 2.441 0.694 0.741 
1 2 7.470 40.560 ? 3611  ? ? 0.042 ? ? ? 10.600 ? 47.900 ? 342  ? ? ? ? 99.500 0.044 0.013 0.999 
# 
_refine.entry_id                                 5QRV 
_refine.pdbx_refine_id                           'X-RAY DIFFRACTION' 
_refine.ls_d_res_high                            1.6700 
_refine.ls_d_res_low                             40.5900 
_refine.pdbx_ls_sigma_F                          0.000 
_refine.pdbx_data_cutoff_high_absF               ? 
_refine.pdbx_data_cutoff_low_absF                ? 
_refine.ls_percent_reflns_obs                    99.8700 
_refine.ls_number_reflns_obs                     22914 
_refine.ls_number_reflns_all                     ? 
_refine.pdbx_ls_cross_valid_method               THROUGHOUT 
_refine.ls_matrix_type                           ? 
_refine.pdbx_R_Free_selection_details            RANDOM 
_refine.details                                  
'HYDROGENS HAVE BEEN ADDED IN THE RIDING POSITIONS U VALUES      : REFINED INDIVIDUALLY' 
_refine.ls_R_factor_all                          ? 
_refine.ls_R_factor_obs                          0.2220 
_refine.ls_R_factor_R_work                       0.2206 
_refine.ls_wR_factor_R_work                      ? 
_refine.ls_R_factor_R_free                       0.2515 
_refine.ls_wR_factor_R_free                      ? 
_refine.ls_percent_reflns_R_free                 4.9000 
_refine.ls_number_reflns_R_free                  1177 
_refine.ls_number_reflns_R_work                  ? 
_refine.ls_R_factor_R_free_error                 ? 
_refine.B_iso_mean                               38.4430 
_refine.solvent_model_param_bsol                 ? 
_refine.solvent_model_param_ksol                 ? 
_refine.pdbx_isotropic_thermal_model             ? 
_refine.aniso_B[1][1]                            1.2800 
_refine.aniso_B[2][2]                            1.2800 
_refine.aniso_B[3][3]                            -2.5500 
_refine.aniso_B[1][2]                            -0.0000 
_refine.aniso_B[1][3]                            -0.0000 
_refine.aniso_B[2][3]                            -0.0000 
_refine.correlation_coeff_Fo_to_Fc               0.9580 
_refine.correlation_coeff_Fo_to_Fc_free          0.9420 
_refine.overall_SU_R_Cruickshank_DPI             ? 
_refine.pdbx_overall_SU_R_free_Cruickshank_DPI   ? 
_refine.pdbx_overall_SU_R_Blow_DPI               ? 
_refine.pdbx_overall_SU_R_free_Blow_DPI          ? 
_refine.overall_SU_R_free                        ? 
_refine.pdbx_overall_ESU_R                       0.1280 
_refine.pdbx_overall_ESU_R_Free                  0.1200 
_refine.overall_SU_ML                            0.1120 
_refine.overall_SU_B                             3.6500 
_refine.solvent_model_details                    MASK 
_refine.pdbx_solvent_vdw_probe_radii             1.2000 
_refine.pdbx_solvent_ion_probe_radii             0.8000 
_refine.pdbx_solvent_shrinkage_radii             0.8000 
_refine.ls_number_parameters                     ? 
_refine.ls_number_restraints                     ? 
_refine.pdbx_starting_model                      6f58 
_refine.pdbx_method_to_determine_struct          'FOURIER SYNTHESIS' 
_refine.pdbx_stereochemistry_target_values       'MAXIMUM LIKELIHOOD' 
_refine.pdbx_stereochem_target_val_spec_case     ? 
_refine.overall_FOM_work_R_set                   ? 
_refine.B_iso_max                                126.350 
_refine.B_iso_min                                22.060 
_refine.pdbx_overall_phase_error                 ? 
_refine.occupancy_max                            ? 
_refine.occupancy_min                            ? 
_refine.pdbx_diffrn_id                           1 
_refine.pdbx_TLS_residual_ADP_flag               ? 
_refine.pdbx_ls_sigma_I                          ? 
_refine.pdbx_data_cutoff_high_rms_absF           ? 
_refine.ls_R_factor_R_free_error_details         ? 
# 
_refine_hist.cycle_id                         final 
_refine_hist.pdbx_refine_id                   'X-RAY DIFFRACTION' 
_refine_hist.d_res_high                       1.6700 
_refine_hist.d_res_low                        40.5900 
_refine_hist.pdbx_number_atoms_ligand         20 
_refine_hist.number_atoms_solvent             70 
_refine_hist.number_atoms_total               1459 
_refine_hist.pdbx_number_residues_total       172 
_refine_hist.pdbx_B_iso_mean_ligand           39.51 
_refine_hist.pdbx_B_iso_mean_solvent          39.13 
_refine_hist.pdbx_number_atoms_protein        1369 
_refine_hist.pdbx_number_atoms_nucleic_acid   0 
# 
loop_
_refine_ls_restr.pdbx_refine_id 
_refine_ls_restr.type 
_refine_ls_restr.number 
_refine_ls_restr.dev_ideal 
_refine_ls_restr.dev_ideal_target 
_refine_ls_restr.weight 
_refine_ls_restr.pdbx_restraint_function 
'X-RAY DIFFRACTION' r_bond_refined_d       2036 0.009  0.013  ? ? 
'X-RAY DIFFRACTION' r_bond_other_d         1587 0.001  0.017  ? ? 
'X-RAY DIFFRACTION' r_angle_refined_deg    2466 1.621  1.650  ? ? 
'X-RAY DIFFRACTION' r_angle_other_deg      3712 1.331  1.567  ? ? 
'X-RAY DIFFRACTION' r_dihedral_angle_1_deg 219  7.582  5.000  ? ? 
'X-RAY DIFFRACTION' r_dihedral_angle_2_deg 93   29.899 22.258 ? ? 
'X-RAY DIFFRACTION' r_dihedral_angle_3_deg 277  17.750 15.000 ? ? 
'X-RAY DIFFRACTION' r_dihedral_angle_4_deg 7    15.627 15.000 ? ? 
'X-RAY DIFFRACTION' r_chiral_restr         218  0.080  0.200  ? ? 
'X-RAY DIFFRACTION' r_gen_planes_refined   2052 0.009  0.020  ? ? 
'X-RAY DIFFRACTION' r_gen_planes_other     387  0.002  0.020  ? ? 
'X-RAY DIFFRACTION' r_mcbond_it            958  3.436  3.847  ? ? 
'X-RAY DIFFRACTION' r_mcbond_other         955  3.437  3.841  ? ? 
'X-RAY DIFFRACTION' r_mcangle_it           1079 5.343  5.852  ? ? 
# 
_refine_ls_shell.d_res_high                       1.6700 
_refine_ls_shell.d_res_low                        1.7130 
_refine_ls_shell.pdbx_total_number_of_bins_used   20 
_refine_ls_shell.percent_reflns_obs               99.7700 
_refine_ls_shell.number_reflns_R_work             1642 
_refine_ls_shell.R_factor_all                     ? 
_refine_ls_shell.R_factor_R_work                  0.3470 
_refine_ls_shell.R_factor_R_free                  0.3820 
_refine_ls_shell.percent_reflns_R_free            ? 
_refine_ls_shell.number_reflns_R_free             96 
_refine_ls_shell.R_factor_R_free_error            ? 
_refine_ls_shell.number_reflns_all                1738 
_refine_ls_shell.number_reflns_obs                ? 
_refine_ls_shell.pdbx_refine_id                   'X-RAY DIFFRACTION' 
# 
_struct.entry_id                  5QRV 
_struct.title                     
'PanDDA analysis group deposition -- Crystal Structure of human Brachyury in complex with Z198194396' 
_struct.pdbx_model_details        ? 
_struct.pdbx_CASP_flag            ? 
_struct.pdbx_model_type_details   ? 
# 
_struct_keywords.entry_id        5QRV 
_struct_keywords.text            'SGC - Diamond I04-1 fragment screening, PanDDA, XChemExplorer, TRANSCRIPTION' 
_struct_keywords.pdbx_keywords   TRANSCRIPTION 
# 
loop_
_struct_asym.id 
_struct_asym.pdbx_blank_PDB_chainid_flag 
_struct_asym.pdbx_modified 
_struct_asym.entity_id 
_struct_asym.details 
A N N 1 ? 
B N N 2 ? 
C N N 2 ? 
D N N 2 ? 
E N N 2 ? 
F N N 2 ? 
G N N 3 ? 
H N N 4 ? 
# 
_struct_ref.id                         1 
_struct_ref.db_name                    UNP 
_struct_ref.db_code                    TBXT_HUMAN 
_struct_ref.pdbx_db_accession          O15178 
_struct_ref.pdbx_db_isoform            ? 
_struct_ref.entity_id                  1 
_struct_ref.pdbx_seq_one_letter_code   
;ELRVGLEESELWLRFKELTNEMIVTKNGRRMFPVLKVNVSGLDPNAMYSFLLDFVAADNHRWKYVNGEWVPGGKPEPQAP
SCVYIHPDSPNFGAHWMKAPVSFSKVKLTNKLNGGGQIMLNSLHKYEPRIHIVRVGGPQRMITSHCFPETQFIAVTAYQN
EEITALKIKYN
;
_struct_ref.pdbx_align_begin           41 
# 
_struct_ref_seq.align_id                      1 
_struct_ref_seq.ref_id                        1 
_struct_ref_seq.pdbx_PDB_id_code              5QRV 
_struct_ref_seq.pdbx_strand_id                A 
_struct_ref_seq.seq_align_beg                 2 
_struct_ref_seq.pdbx_seq_align_beg_ins_code   ? 
_struct_ref_seq.seq_align_end                 172 
_struct_ref_seq.pdbx_seq_align_end_ins_code   ? 
_struct_ref_seq.pdbx_db_accession             O15178 
_struct_ref_seq.db_align_beg                  41 
_struct_ref_seq.pdbx_db_align_beg_ins_code    ? 
_struct_ref_seq.db_align_end                  211 
_struct_ref_seq.pdbx_db_align_end_ins_code    ? 
_struct_ref_seq.pdbx_auth_seq_align_beg       41 
_struct_ref_seq.pdbx_auth_seq_align_end       211 
# 
_struct_ref_seq_dif.align_id                     1 
_struct_ref_seq_dif.pdbx_pdb_id_code             5QRV 
_struct_ref_seq_dif.mon_id                       GLY 
_struct_ref_seq_dif.pdbx_pdb_strand_id           A 
_struct_ref_seq_dif.seq_num                      1 
_struct_ref_seq_dif.pdbx_pdb_ins_code            ? 
_struct_ref_seq_dif.pdbx_seq_db_name             UNP 
_struct_ref_seq_dif.pdbx_seq_db_accession_code   O15178 
_struct_ref_seq_dif.db_mon_id                    ? 
_struct_ref_seq_dif.pdbx_seq_db_seq_num          ? 
_struct_ref_seq_dif.details                      'expression tag' 
_struct_ref_seq_dif.pdbx_auth_seq_num            40 
_struct_ref_seq_dif.pdbx_ordinal                 1 
# 
_pdbx_struct_assembly.id                   1 
_pdbx_struct_assembly.details              author_defined_assembly 
_pdbx_struct_assembly.method_details       ? 
_pdbx_struct_assembly.oligomeric_details   monomeric 
_pdbx_struct_assembly.oligomeric_count     1 
# 
_pdbx_struct_assembly_gen.assembly_id       1 
_pdbx_struct_assembly_gen.oper_expression   1 
_pdbx_struct_assembly_gen.asym_id_list      A,B,C,D,E,F,G,H 
# 
_pdbx_struct_oper_list.id                   1 
_pdbx_struct_oper_list.type                 'identity operation' 
_pdbx_struct_oper_list.name                 1_555 
_pdbx_struct_oper_list.symmetry_operation   x,y,z 
_pdbx_struct_oper_list.matrix[1][1]         1.0000000000 
_pdbx_struct_oper_list.matrix[1][2]         0.0000000000 
_pdbx_struct_oper_list.matrix[1][3]         0.0000000000 
_pdbx_struct_oper_list.vector[1]            0.0000000000 
_pdbx_struct_oper_list.matrix[2][1]         0.0000000000 
_pdbx_struct_oper_list.matrix[2][2]         1.0000000000 
_pdbx_struct_oper_list.matrix[2][3]         0.0000000000 
_pdbx_struct_oper_list.vector[2]            0.0000000000 
_pdbx_struct_oper_list.matrix[3][1]         0.0000000000 
_pdbx_struct_oper_list.matrix[3][2]         0.0000000000 
_pdbx_struct_oper_list.matrix[3][3]         1.0000000000 
_pdbx_struct_oper_list.vector[3]            0.0000000000 
# 
loop_
_struct_conf.conf_type_id 
_struct_conf.id 
_struct_conf.pdbx_PDB_helix_id 
_struct_conf.beg_label_comp_id 
_struct_conf.beg_label_asym_id 
_struct_conf.beg_label_seq_id 
_struct_conf.pdbx_beg_PDB_ins_code 
_struct_conf.end_label_comp_id 
_struct_conf.end_label_asym_id 
_struct_conf.end_label_seq_id 
_struct_conf.pdbx_end_PDB_ins_code 
_struct_conf.beg_auth_comp_id 
_struct_conf.beg_auth_asym_id 
_struct_conf.beg_auth_seq_id 
_struct_conf.end_auth_comp_id 
_struct_conf.end_auth_asym_id 
_struct_conf.end_auth_seq_id 
_struct_conf.pdbx_PDB_helix_class 
_struct_conf.details 
_struct_conf.pdbx_PDB_helix_length 
HELX_P HELX_P1 AA1 GLU A 9   ? LEU A 19  ? GLU A 48  LEU A 58  1 ? 11 
HELX_P HELX_P2 AA2 GLY A 94  ? LYS A 99  ? GLY A 133 LYS A 138 1 ? 6  
HELX_P HELX_P3 AA3 PRO A 149 ? GLN A 152 ? PRO A 188 GLN A 191 5 ? 4  
HELX_P HELX_P4 AA4 ASN A 161 ? ASN A 172 ? ASN A 200 ASN A 211 1 ? 12 
# 
_struct_conf_type.id          HELX_P 
_struct_conf_type.criteria    ? 
_struct_conf_type.reference   ? 
# 
loop_
_struct_conn.id 
_struct_conn.conn_type_id 
_struct_conn.pdbx_leaving_atom_flag 
_struct_conn.pdbx_PDB_id 
_struct_conn.ptnr1_label_asym_id 
_struct_conn.ptnr1_label_comp_id 
_struct_conn.ptnr1_label_seq_id 
_struct_conn.ptnr1_label_atom_id 
_struct_conn.pdbx_ptnr1_label_alt_id 
_struct_conn.pdbx_ptnr1_PDB_ins_code 
_struct_conn.pdbx_ptnr1_standard_comp_id 
_struct_conn.ptnr1_symmetry 
_struct_conn.ptnr2_label_asym_id 
_struct_conn.ptnr2_label_comp_id 
_struct_conn.ptnr2_label_seq_id 
_struct_conn.ptnr2_label_atom_id 
_struct_conn.pdbx_ptnr2_label_alt_id 
_struct_conn.pdbx_ptnr2_PDB_ins_code 
_struct_conn.ptnr1_auth_asym_id 
_struct_conn.ptnr1_auth_comp_id 
_struct_conn.ptnr1_auth_seq_id 
_struct_conn.ptnr2_auth_asym_id 
_struct_conn.ptnr2_auth_comp_id 
_struct_conn.ptnr2_auth_seq_id 
_struct_conn.ptnr2_symmetry 
_struct_conn.pdbx_ptnr3_label_atom_id 
_struct_conn.pdbx_ptnr3_label_seq_id 
_struct_conn.pdbx_ptnr3_label_comp_id 
_struct_conn.pdbx_ptnr3_label_asym_id 
_struct_conn.pdbx_ptnr3_label_alt_id 
_struct_conn.pdbx_ptnr3_PDB_ins_code 
_struct_conn.details 
_struct_conn.pdbx_dist_value 
_struct_conn.pdbx_value_order 
_struct_conn.pdbx_role 
metalc1  metalc ? ? A HIS 61  NE2 ? ? ? 1_555 E CD  . CD ? ? A HIS 100 A CD  304 1_555 ? ? ? ? ? ? ? 2.255 ? ? 
metalc2  metalc ? ? A CYS 83  SG  ? ? ? 1_555 D CD  . CD ? ? A CYS 122 A CD  303 1_555 ? ? ? ? ? ? ? 2.615 ? ? 
metalc3  metalc ? ? A CYS 83  SG  ? ? ? 1_555 F CD  . CD ? ? A CYS 122 A CD  305 1_555 ? ? ? ? ? ? ? 2.492 ? ? 
metalc4  metalc ? ? A GLU 128 OE1 ? ? ? 1_555 B CD  . CD ? ? A GLU 167 A CD  301 1_555 ? ? ? ? ? ? ? 2.513 ? ? 
metalc5  metalc ? ? A GLU 128 OE1 ? ? ? 1_555 B CD  . CD ? ? A GLU 167 A CD  301 5_655 ? ? ? ? ? ? ? 2.513 ? ? 
metalc6  metalc ? ? A GLU 128 OE1 ? ? ? 1_555 C CD  . CD ? ? A GLU 167 A CD  302 1_555 ? ? ? ? ? ? ? 2.684 ? ? 
metalc7  metalc ? ? A GLU 128 OE2 ? ? ? 1_555 C CD  . CD ? ? A GLU 167 A CD  302 1_555 ? ? ? ? ? ? ? 2.275 ? ? 
metalc8  metalc ? ? A CYS 147 SG  A ? ? 1_555 B CD  . CD ? ? A CYS 186 A CD  301 1_555 ? ? ? ? ? ? ? 2.393 ? ? 
metalc9  metalc ? ? A CYS 147 SG  B ? ? 1_555 B CD  . CD ? ? A CYS 186 A CD  301 1_555 ? ? ? ? ? ? ? 2.466 ? ? 
metalc10 metalc ? ? A CYS 147 SG  A ? ? 1_555 B CD  . CD ? ? A CYS 186 A CD  301 5_655 ? ? ? ? ? ? ? 2.393 ? ? 
metalc11 metalc ? ? A CYS 147 SG  B ? ? 1_555 B CD  . CD ? ? A CYS 186 A CD  301 5_655 ? ? ? ? ? ? ? 2.466 ? ? 
metalc12 metalc ? ? A CYS 147 SG  A ? ? 1_555 C CD  . CD ? ? A CYS 186 A CD  302 5_655 ? ? ? ? ? ? ? 2.570 ? ? 
metalc13 metalc ? ? A CYS 147 SG  B ? ? 1_555 C CD  . CD ? ? A CYS 186 A CD  302 5_655 ? ? ? ? ? ? ? 2.474 ? ? 
metalc14 metalc ? ? B CD  .   CD  ? ? ? 1_555 H HOH . O  ? ? A CD  301 A HOH 457 1_555 ? ? ? ? ? ? ? 2.343 ? ? 
metalc15 metalc ? ? B CD  .   CD  ? ? ? 1_555 H HOH . O  ? ? A CD  301 A HOH 457 5_655 ? ? ? ? ? ? ? 2.343 ? ? 
metalc16 metalc ? ? C CD  .   CD  ? ? ? 1_555 H HOH . O  ? ? A CD  302 A HOH 454 5_655 ? ? ? ? ? ? ? 2.365 ? ? 
metalc17 metalc ? ? C CD  .   CD  ? ? ? 1_555 H HOH . O  ? ? A CD  302 A HOH 462 1_555 ? ? ? ? ? ? ? 2.329 ? ? 
metalc18 metalc ? ? D CD  .   CD  ? ? ? 1_555 H HOH . O  ? ? A CD  303 A HOH 455 1_555 ? ? ? ? ? ? ? 2.441 ? ? 
metalc19 metalc ? ? E CD  .   CD  ? ? ? 1_555 H HOH . O  ? ? A CD  304 A HOH 459 1_555 ? ? ? ? ? ? ? 2.376 ? ? 
metalc20 metalc ? ? E CD  .   CD  ? ? ? 1_555 H HOH . O  ? ? A CD  304 A HOH 460 1_555 ? ? ? ? ? ? ? 2.380 ? ? 
metalc21 metalc ? ? E CD  .   CD  ? ? ? 1_555 H HOH . O  ? ? A CD  304 A HOH 463 1_555 ? ? ? ? ? ? ? 2.201 ? ? 
metalc22 metalc ? ? F CD  .   CD  ? ? ? 1_555 H HOH . O  ? ? A CD  305 A HOH 446 1_555 ? ? ? ? ? ? ? 2.577 ? ? 
metalc23 metalc ? ? F CD  .   CD  ? ? ? 1_555 H HOH . O  ? ? A CD  305 A HOH 470 1_555 ? ? ? ? ? ? ? 2.590 ? ? 
# 
_struct_conn_type.id          metalc 
_struct_conn_type.criteria    ? 
_struct_conn_type.reference   ? 
# 
loop_
_pdbx_struct_conn_angle.id 
_pdbx_struct_conn_angle.ptnr1_label_atom_id 
_pdbx_struct_conn_angle.ptnr1_label_alt_id 
_pdbx_struct_conn_angle.ptnr1_label_asym_id 
_pdbx_struct_conn_angle.ptnr1_label_comp_id 
_pdbx_struct_conn_angle.ptnr1_label_seq_id 
_pdbx_struct_conn_angle.ptnr1_auth_atom_id 
_pdbx_struct_conn_angle.ptnr1_auth_asym_id 
_pdbx_struct_conn_angle.ptnr1_auth_comp_id 
_pdbx_struct_conn_angle.ptnr1_auth_seq_id 
_pdbx_struct_conn_angle.ptnr1_PDB_ins_code 
_pdbx_struct_conn_angle.ptnr1_symmetry 
_pdbx_struct_conn_angle.ptnr2_label_atom_id 
_pdbx_struct_conn_angle.ptnr2_label_alt_id 
_pdbx_struct_conn_angle.ptnr2_label_asym_id 
_pdbx_struct_conn_angle.ptnr2_label_comp_id 
_pdbx_struct_conn_angle.ptnr2_label_seq_id 
_pdbx_struct_conn_angle.ptnr2_auth_atom_id 
_pdbx_struct_conn_angle.ptnr2_auth_asym_id 
_pdbx_struct_conn_angle.ptnr2_auth_comp_id 
_pdbx_struct_conn_angle.ptnr2_auth_seq_id 
_pdbx_struct_conn_angle.ptnr2_PDB_ins_code 
_pdbx_struct_conn_angle.ptnr2_symmetry 
_pdbx_struct_conn_angle.ptnr3_label_atom_id 
_pdbx_struct_conn_angle.ptnr3_label_alt_id 
_pdbx_struct_conn_angle.ptnr3_label_asym_id 
_pdbx_struct_conn_angle.ptnr3_label_comp_id 
_pdbx_struct_conn_angle.ptnr3_label_seq_id 
_pdbx_struct_conn_angle.ptnr3_auth_atom_id 
_pdbx_struct_conn_angle.ptnr3_auth_asym_id 
_pdbx_struct_conn_angle.ptnr3_auth_comp_id 
_pdbx_struct_conn_angle.ptnr3_auth_seq_id 
_pdbx_struct_conn_angle.ptnr3_PDB_ins_code 
_pdbx_struct_conn_angle.ptnr3_symmetry 
_pdbx_struct_conn_angle.value 
_pdbx_struct_conn_angle.value_esd 
1  NE2 ? A HIS 61  ? A HIS 100 ? 1_555 CD ? E CD . ? A CD 304 ? 1_555 O   ? H HOH .   ? A HOH 459 ? 1_555 99.1  ? 
2  NE2 ? A HIS 61  ? A HIS 100 ? 1_555 CD ? E CD . ? A CD 304 ? 1_555 O   ? H HOH .   ? A HOH 460 ? 1_555 103.0 ? 
3  O   ? H HOH .   ? A HOH 459 ? 1_555 CD ? E CD . ? A CD 304 ? 1_555 O   ? H HOH .   ? A HOH 460 ? 1_555 121.4 ? 
4  NE2 ? A HIS 61  ? A HIS 100 ? 1_555 CD ? E CD . ? A CD 304 ? 1_555 O   ? H HOH .   ? A HOH 463 ? 1_555 114.6 ? 
5  O   ? H HOH .   ? A HOH 459 ? 1_555 CD ? E CD . ? A CD 304 ? 1_555 O   ? H HOH .   ? A HOH 463 ? 1_555 107.0 ? 
6  O   ? H HOH .   ? A HOH 460 ? 1_555 CD ? E CD . ? A CD 304 ? 1_555 O   ? H HOH .   ? A HOH 463 ? 1_555 111.4 ? 
7  SG  ? A CYS 83  ? A CYS 122 ? 1_555 CD ? D CD . ? A CD 303 ? 1_555 O   ? H HOH .   ? A HOH 455 ? 1_555 93.6  ? 
8  SG  ? A CYS 83  ? A CYS 122 ? 1_555 CD ? F CD . ? A CD 305 ? 1_555 O   ? H HOH .   ? A HOH 446 ? 1_555 97.9  ? 
9  SG  ? A CYS 83  ? A CYS 122 ? 1_555 CD ? F CD . ? A CD 305 ? 1_555 O   ? H HOH .   ? A HOH 470 ? 1_555 89.1  ? 
10 O   ? H HOH .   ? A HOH 446 ? 1_555 CD ? F CD . ? A CD 305 ? 1_555 O   ? H HOH .   ? A HOH 470 ? 1_555 172.9 ? 
11 OE1 ? A GLU 128 ? A GLU 167 ? 1_555 CD ? B CD . ? A CD 301 ? 1_555 OE1 ? A GLU 128 ? A GLU 167 ? 1_555 0.0   ? 
12 OE1 ? A GLU 128 ? A GLU 167 ? 1_555 CD ? B CD . ? A CD 301 ? 1_555 SG  A A CYS 147 ? A CYS 186 ? 1_555 92.5  ? 
13 OE1 ? A GLU 128 ? A GLU 167 ? 1_555 CD ? B CD . ? A CD 301 ? 1_555 SG  A A CYS 147 ? A CYS 186 ? 1_555 92.5  ? 
14 OE1 ? A GLU 128 ? A GLU 167 ? 1_555 CD ? B CD . ? A CD 301 ? 1_555 SG  B A CYS 147 ? A CYS 186 ? 1_555 89.7  ? 
15 OE1 ? A GLU 128 ? A GLU 167 ? 1_555 CD ? B CD . ? A CD 301 ? 1_555 SG  B A CYS 147 ? A CYS 186 ? 1_555 89.7  ? 
16 SG  A A CYS 147 ? A CYS 186 ? 1_555 CD ? B CD . ? A CD 301 ? 1_555 SG  B A CYS 147 ? A CYS 186 ? 1_555 37.7  ? 
17 OE1 ? A GLU 128 ? A GLU 167 ? 1_555 CD ? B CD . ? A CD 301 ? 1_555 SG  A A CYS 147 ? A CYS 186 ? 1_555 92.5  ? 
18 OE1 ? A GLU 128 ? A GLU 167 ? 1_555 CD ? B CD . ? A CD 301 ? 1_555 SG  A A CYS 147 ? A CYS 186 ? 1_555 92.5  ? 
19 SG  A A CYS 147 ? A CYS 186 ? 1_555 CD ? B CD . ? A CD 301 ? 1_555 SG  A A CYS 147 ? A CYS 186 ? 1_555 0.0   ? 
20 SG  B A CYS 147 ? A CYS 186 ? 1_555 CD ? B CD . ? A CD 301 ? 1_555 SG  A A CYS 147 ? A CYS 186 ? 1_555 37.7  ? 
21 OE1 ? A GLU 128 ? A GLU 167 ? 1_555 CD ? B CD . ? A CD 301 ? 1_555 SG  B A CYS 147 ? A CYS 186 ? 1_555 89.7  ? 
22 OE1 ? A GLU 128 ? A GLU 167 ? 1_555 CD ? B CD . ? A CD 301 ? 1_555 SG  B A CYS 147 ? A CYS 186 ? 1_555 89.7  ? 
23 SG  A A CYS 147 ? A CYS 186 ? 1_555 CD ? B CD . ? A CD 301 ? 1_555 SG  B A CYS 147 ? A CYS 186 ? 1_555 37.7  ? 
24 SG  B A CYS 147 ? A CYS 186 ? 1_555 CD ? B CD . ? A CD 301 ? 1_555 SG  B A CYS 147 ? A CYS 186 ? 1_555 0.0   ? 
25 SG  A A CYS 147 ? A CYS 186 ? 1_555 CD ? B CD . ? A CD 301 ? 1_555 SG  B A CYS 147 ? A CYS 186 ? 1_555 37.7  ? 
26 OE1 ? A GLU 128 ? A GLU 167 ? 1_555 CD ? B CD . ? A CD 301 ? 1_555 O   ? H HOH .   ? A HOH 457 ? 1_555 90.4  ? 
27 OE1 ? A GLU 128 ? A GLU 167 ? 1_555 CD ? B CD . ? A CD 301 ? 1_555 O   ? H HOH .   ? A HOH 457 ? 1_555 90.4  ? 
28 SG  A A CYS 147 ? A CYS 186 ? 1_555 CD ? B CD . ? A CD 301 ? 1_555 O   ? H HOH .   ? A HOH 457 ? 1_555 75.8  ? 
29 SG  B A CYS 147 ? A CYS 186 ? 1_555 CD ? B CD . ? A CD 301 ? 1_555 O   ? H HOH .   ? A HOH 457 ? 1_555 113.4 ? 
30 SG  A A CYS 147 ? A CYS 186 ? 1_555 CD ? B CD . ? A CD 301 ? 1_555 O   ? H HOH .   ? A HOH 457 ? 1_555 75.8  ? 
31 SG  B A CYS 147 ? A CYS 186 ? 1_555 CD ? B CD . ? A CD 301 ? 1_555 O   ? H HOH .   ? A HOH 457 ? 1_555 113.4 ? 
32 OE1 ? A GLU 128 ? A GLU 167 ? 1_555 CD ? B CD . ? A CD 301 ? 1_555 O   ? H HOH .   ? A HOH 457 ? 5_655 91.5  ? 
33 OE1 ? A GLU 128 ? A GLU 167 ? 1_555 CD ? B CD . ? A CD 301 ? 1_555 O   ? H HOH .   ? A HOH 457 ? 5_655 91.5  ? 
34 SG  A A CYS 147 ? A CYS 186 ? 1_555 CD ? B CD . ? A CD 301 ? 1_555 O   ? H HOH .   ? A HOH 457 ? 5_655 112.9 ? 
35 SG  B A CYS 147 ? A CYS 186 ? 1_555 CD ? B CD . ? A CD 301 ? 1_555 O   ? H HOH .   ? A HOH 457 ? 5_655 150.6 ? 
36 SG  A A CYS 147 ? A CYS 186 ? 1_555 CD ? B CD . ? A CD 301 ? 1_555 O   ? H HOH .   ? A HOH 457 ? 5_655 112.9 ? 
37 SG  B A CYS 147 ? A CYS 186 ? 1_555 CD ? B CD . ? A CD 301 ? 1_555 O   ? H HOH .   ? A HOH 457 ? 5_655 150.6 ? 
38 O   ? H HOH .   ? A HOH 457 ? 1_555 CD ? B CD . ? A CD 301 ? 1_555 O   ? H HOH .   ? A HOH 457 ? 5_655 37.1  ? 
39 OE1 ? A GLU 128 ? A GLU 167 ? 1_555 CD ? C CD . ? A CD 302 ? 1_555 OE2 ? A GLU 128 ? A GLU 167 ? 1_555 50.8  ? 
40 OE1 ? A GLU 128 ? A GLU 167 ? 1_555 CD ? C CD . ? A CD 302 ? 1_555 SG  A A CYS 147 ? A CYS 186 ? 1_555 32.8  ? 
41 OE2 ? A GLU 128 ? A GLU 167 ? 1_555 CD ? C CD . ? A CD 302 ? 1_555 SG  A A CYS 147 ? A CYS 186 ? 1_555 74.3  ? 
42 OE1 ? A GLU 128 ? A GLU 167 ? 1_555 CD ? C CD . ? A CD 302 ? 1_555 SG  B A CYS 147 ? A CYS 186 ? 1_555 45.0  ? 
43 OE2 ? A GLU 128 ? A GLU 167 ? 1_555 CD ? C CD . ? A CD 302 ? 1_555 SG  B A CYS 147 ? A CYS 186 ? 1_555 75.8  ? 
44 SG  A A CYS 147 ? A CYS 186 ? 1_555 CD ? C CD . ? A CD 302 ? 1_555 SG  B A CYS 147 ? A CYS 186 ? 1_555 16.0  ? 
45 OE1 ? A GLU 128 ? A GLU 167 ? 1_555 CD ? C CD . ? A CD 302 ? 1_555 O   ? H HOH .   ? A HOH 454 ? 5_655 143.0 ? 
46 OE2 ? A GLU 128 ? A GLU 167 ? 1_555 CD ? C CD . ? A CD 302 ? 1_555 O   ? H HOH .   ? A HOH 454 ? 5_655 101.7 ? 
47 SG  A A CYS 147 ? A CYS 186 ? 1_555 CD ? C CD . ? A CD 302 ? 1_555 O   ? H HOH .   ? A HOH 454 ? 5_655 127.5 ? 
48 SG  B A CYS 147 ? A CYS 186 ? 1_555 CD ? C CD . ? A CD 302 ? 1_555 O   ? H HOH .   ? A HOH 454 ? 5_655 111.5 ? 
49 OE1 ? A GLU 128 ? A GLU 167 ? 1_555 CD ? C CD . ? A CD 302 ? 1_555 O   ? H HOH .   ? A HOH 462 ? 1_555 109.1 ? 
50 OE2 ? A GLU 128 ? A GLU 167 ? 1_555 CD ? C CD . ? A CD 302 ? 1_555 O   ? H HOH .   ? A HOH 462 ? 1_555 108.7 ? 
51 SG  A A CYS 147 ? A CYS 186 ? 1_555 CD ? C CD . ? A CD 302 ? 1_555 O   ? H HOH .   ? A HOH 462 ? 1_555 128.4 ? 
52 SG  B A CYS 147 ? A CYS 186 ? 1_555 CD ? C CD . ? A CD 302 ? 1_555 O   ? H HOH .   ? A HOH 462 ? 1_555 143.7 ? 
53 O   ? H HOH .   ? A HOH 454 ? 5_655 CD ? C CD . ? A CD 302 ? 1_555 O   ? H HOH .   ? A HOH 462 ? 1_555 102.9 ? 
# 
loop_
_struct_mon_prot_cis.pdbx_id 
_struct_mon_prot_cis.label_comp_id 
_struct_mon_prot_cis.label_seq_id 
_struct_mon_prot_cis.label_asym_id 
_struct_mon_prot_cis.label_alt_id 
_struct_mon_prot_cis.pdbx_PDB_ins_code 
_struct_mon_prot_cis.auth_comp_id 
_struct_mon_prot_cis.auth_seq_id 
_struct_mon_prot_cis.auth_asym_id 
_struct_mon_prot_cis.pdbx_label_comp_id_2 
_struct_mon_prot_cis.pdbx_label_seq_id_2 
_struct_mon_prot_cis.pdbx_label_asym_id_2 
_struct_mon_prot_cis.pdbx_PDB_ins_code_2 
_struct_mon_prot_cis.pdbx_auth_comp_id_2 
_struct_mon_prot_cis.pdbx_auth_seq_id_2 
_struct_mon_prot_cis.pdbx_auth_asym_id_2 
_struct_mon_prot_cis.pdbx_PDB_model_num 
_struct_mon_prot_cis.pdbx_omega_angle 
1 PHE 33 A . ? PHE 72  A PRO 34 A ? PRO 73  A 1 -8.00 
2 SER 90 A . ? SER 129 A PRO 91 A ? PRO 130 A 1 -5.53 
# 
loop_
_struct_sheet.id 
_struct_sheet.type 
_struct_sheet.number_strands 
_struct_sheet.details 
AA1 ? 3 ? 
AA2 ? 5 ? 
AA3 ? 4 ? 
AA4 ? 3 ? 
AA5 ? 2 ? 
# 
loop_
_struct_sheet_order.sheet_id 
_struct_sheet_order.range_id_1 
_struct_sheet_order.range_id_2 
_struct_sheet_order.offset 
_struct_sheet_order.sense 
AA1 1 2 ? anti-parallel 
AA1 2 3 ? anti-parallel 
AA2 1 2 ? parallel      
AA2 2 3 ? anti-parallel 
AA2 3 4 ? anti-parallel 
AA2 4 5 ? anti-parallel 
AA3 1 2 ? anti-parallel 
AA3 2 3 ? anti-parallel 
AA3 3 4 ? anti-parallel 
AA4 1 2 ? anti-parallel 
AA4 2 3 ? parallel      
AA5 1 2 ? anti-parallel 
# 
loop_
_struct_sheet_range.sheet_id 
_struct_sheet_range.id 
_struct_sheet_range.beg_label_comp_id 
_struct_sheet_range.beg_label_asym_id 
_struct_sheet_range.beg_label_seq_id 
_struct_sheet_range.pdbx_beg_PDB_ins_code 
_struct_sheet_range.end_label_comp_id 
_struct_sheet_range.end_label_asym_id 
_struct_sheet_range.end_label_seq_id 
_struct_sheet_range.pdbx_end_PDB_ins_code 
_struct_sheet_range.beg_auth_comp_id 
_struct_sheet_range.beg_auth_asym_id 
_struct_sheet_range.beg_auth_seq_id 
_struct_sheet_range.end_auth_comp_id 
_struct_sheet_range.end_auth_asym_id 
_struct_sheet_range.end_auth_seq_id 
AA1 1 ARG A 4   ? LEU A 7   ? ARG A 43  LEU A 46  
AA1 2 LYS A 37  ? SER A 41  ? LYS A 76  SER A 80  
AA1 3 VAL A 102 ? SER A 103 ? VAL A 141 SER A 142 
AA2 1 GLU A 22  ? ILE A 24  ? GLU A 61  ILE A 63  
AA2 2 PHE A 153 ? VAL A 156 ? PHE A 192 VAL A 195 
AA2 3 LYS A 126 ? VAL A 136 ? LYS A 165 VAL A 175 
AA2 4 MET A 48  ? ALA A 57  ? MET A 87  ALA A 96  
AA2 5 ASN A 92  ? PHE A 93  ? ASN A 131 PHE A 132 
AA3 1 TYR A 85  ? ILE A 86  ? TYR A 124 ILE A 125 
AA3 2 MET A 48  ? ALA A 57  ? MET A 87  ALA A 96  
AA3 3 LYS A 126 ? VAL A 136 ? LYS A 165 VAL A 175 
AA3 4 MET A 142 ? CYS A 147 ? MET A 181 CYS A 186 
AA4 1 ARG A 30  ? ARG A 31  ? ARG A 69  ARG A 70  
AA4 2 LYS A 108 ? THR A 110 ? LYS A 147 THR A 149 
AA4 3 ILE A 119 ? MET A 120 ? ILE A 158 MET A 159 
AA5 1 TRP A 63  ? VAL A 66  ? TRP A 102 VAL A 105 
AA5 2 GLU A 69  ? PRO A 72  ? GLU A 108 PRO A 111 
# 
loop_
_pdbx_struct_sheet_hbond.sheet_id 
_pdbx_struct_sheet_hbond.range_id_1 
_pdbx_struct_sheet_hbond.range_id_2 
_pdbx_struct_sheet_hbond.range_1_label_atom_id 
_pdbx_struct_sheet_hbond.range_1_label_comp_id 
_pdbx_struct_sheet_hbond.range_1_label_asym_id 
_pdbx_struct_sheet_hbond.range_1_label_seq_id 
_pdbx_struct_sheet_hbond.range_1_PDB_ins_code 
_pdbx_struct_sheet_hbond.range_1_auth_atom_id 
_pdbx_struct_sheet_hbond.range_1_auth_comp_id 
_pdbx_struct_sheet_hbond.range_1_auth_asym_id 
_pdbx_struct_sheet_hbond.range_1_auth_seq_id 
_pdbx_struct_sheet_hbond.range_2_label_atom_id 
_pdbx_struct_sheet_hbond.range_2_label_comp_id 
_pdbx_struct_sheet_hbond.range_2_label_asym_id 
_pdbx_struct_sheet_hbond.range_2_label_seq_id 
_pdbx_struct_sheet_hbond.range_2_PDB_ins_code 
_pdbx_struct_sheet_hbond.range_2_auth_atom_id 
_pdbx_struct_sheet_hbond.range_2_auth_comp_id 
_pdbx_struct_sheet_hbond.range_2_auth_asym_id 
_pdbx_struct_sheet_hbond.range_2_auth_seq_id 
AA1 1 2 N GLY A 6   ? N GLY A 45  O ASN A 39  ? O ASN A 78  
AA1 2 3 N VAL A 38  ? N VAL A 77  O VAL A 102 ? O VAL A 141 
AA2 1 2 N MET A 23  ? N MET A 62  O VAL A 156 ? O VAL A 195 
AA2 2 3 O PHE A 153 ? O PHE A 192 N TYR A 127 ? N TYR A 166 
AA2 3 4 O HIS A 132 ? O HIS A 171 N LEU A 52  ? N LEU A 91  
AA2 4 5 N TYR A 49  ? N TYR A 88  O ASN A 92  ? O ASN A 131 
AA3 1 2 O TYR A 85  ? O TYR A 124 N LEU A 53  ? N LEU A 92  
AA3 2 3 N LEU A 52  ? N LEU A 91  O HIS A 132 ? O HIS A 171 
AA3 3 4 N ILE A 133 ? N ILE A 172 O THR A 144 ? O THR A 183 
AA4 1 2 N ARG A 30  ? N ARG A 69  O LEU A 109 ? O LEU A 148 
AA4 2 3 N LYS A 108 ? N LYS A 147 O ILE A 119 ? O ILE A 158 
AA5 1 2 N VAL A 66  ? N VAL A 105 O GLU A 69  ? O GLU A 108 
# 
loop_
_struct_site.id 
_struct_site.pdbx_evidence_code 
_struct_site.pdbx_auth_asym_id 
_struct_site.pdbx_auth_comp_id 
_struct_site.pdbx_auth_seq_id 
_struct_site.pdbx_auth_ins_code 
_struct_site.pdbx_num_residues 
_struct_site.details 
AC1 Software A CD  301 ? 8 'binding site for residue CD A 301'  
AC2 Software A CD  302 ? 6 'binding site for residue CD A 302'  
AC3 Software A CD  303 ? 4 'binding site for residue CD A 303'  
AC4 Software A CD  304 ? 4 'binding site for residue CD A 304'  
AC5 Software A CD  305 ? 4 'binding site for residue CD A 305'  
AC6 Software A K2M 306 ? 5 'binding site for residue K2M A 306' 
# 
loop_
_struct_site_gen.id 
_struct_site_gen.site_id 
_struct_site_gen.pdbx_num_res 
_struct_site_gen.label_comp_id 
_struct_site_gen.label_asym_id 
_struct_site_gen.label_seq_id 
_struct_site_gen.pdbx_auth_ins_code 
_struct_site_gen.auth_comp_id 
_struct_site_gen.auth_asym_id 
_struct_site_gen.auth_seq_id 
_struct_site_gen.label_atom_id 
_struct_site_gen.label_alt_id 
_struct_site_gen.symmetry 
_struct_site_gen.details 
1  AC1 8 GLU A 128 ? GLU A 167 . ? 1_555 ? 
2  AC1 8 GLU A 128 ? GLU A 167 . ? 5_655 ? 
3  AC1 8 CYS A 147 ? CYS A 186 . ? 5_655 ? 
4  AC1 8 CYS A 147 ? CYS A 186 . ? 1_555 ? 
5  AC1 8 CD  C .   ? CD  A 302 . ? 5_655 ? 
6  AC1 8 CD  C .   ? CD  A 302 . ? 1_555 ? 
7  AC1 8 HOH H .   ? HOH A 457 . ? 5_655 ? 
8  AC1 8 HOH H .   ? HOH A 457 . ? 1_555 ? 
9  AC2 6 GLU A 128 ? GLU A 167 . ? 1_555 ? 
10 AC2 6 CYS A 147 ? CYS A 186 . ? 5_655 ? 
11 AC2 6 CD  B .   ? CD  A 301 . ? 5_655 ? 
12 AC2 6 CD  B .   ? CD  A 301 . ? 1_555 ? 
13 AC2 6 HOH H .   ? HOH A 454 . ? 5_655 ? 
14 AC2 6 HOH H .   ? HOH A 462 . ? 1_555 ? 
15 AC3 4 CYS A 83  ? CYS A 122 . ? 1_555 ? 
16 AC3 4 HOH H .   ? HOH A 451 . ? 1_555 ? 
17 AC3 4 HOH H .   ? HOH A 455 . ? 1_555 ? 
18 AC3 4 HOH H .   ? HOH A 469 . ? 1_555 ? 
19 AC4 4 HIS A 61  ? HIS A 100 . ? 1_555 ? 
20 AC4 4 HOH H .   ? HOH A 459 . ? 1_555 ? 
21 AC4 4 HOH H .   ? HOH A 460 . ? 1_555 ? 
22 AC4 4 HOH H .   ? HOH A 463 . ? 1_555 ? 
23 AC5 4 CYS A 83  ? CYS A 122 . ? 1_555 ? 
24 AC5 4 HOH H .   ? HOH A 446 . ? 1_555 ? 
25 AC5 4 HOH H .   ? HOH A 469 . ? 1_555 ? 
26 AC5 4 HOH H .   ? HOH A 470 . ? 1_555 ? 
27 AC6 5 SER A 50  ? SER A 89  . ? 1_555 ? 
28 AC6 5 ILE A 86  ? ILE A 125 . ? 1_555 ? 
29 AC6 5 SER A 90  ? SER A 129 . ? 1_555 ? 
30 AC6 5 PRO A 91  ? PRO A 130 . ? 1_555 ? 
31 AC6 5 PHE A 93  ? PHE A 132 . ? 6_555 ? 
# 
loop_
_pdbx_validate_torsion.id 
_pdbx_validate_torsion.PDB_model_num 
_pdbx_validate_torsion.auth_comp_id 
_pdbx_validate_torsion.auth_asym_id 
_pdbx_validate_torsion.auth_seq_id 
_pdbx_validate_torsion.PDB_ins_code 
_pdbx_validate_torsion.label_alt_id 
_pdbx_validate_torsion.phi 
_pdbx_validate_torsion.psi 
1 1 THR A 59  ? ? 69.84  106.50 
2 1 PHE A 143 ? ? -90.57 55.02  
# 
loop_
_pdbx_struct_special_symmetry.id 
_pdbx_struct_special_symmetry.PDB_model_num 
_pdbx_struct_special_symmetry.auth_asym_id 
_pdbx_struct_special_symmetry.auth_comp_id 
_pdbx_struct_special_symmetry.auth_seq_id 
_pdbx_struct_special_symmetry.PDB_ins_code 
_pdbx_struct_special_symmetry.label_asym_id 
_pdbx_struct_special_symmetry.label_comp_id 
_pdbx_struct_special_symmetry.label_seq_id 
1 1 A CD  301 ? B CD  . 
2 1 A HOH 406 ? H HOH . 
# 
_phasing.method   MR 
# 
_pdbx_entry_details.entry_id                 5QRV 
_pdbx_entry_details.has_ligand_of_interest   Y 
_pdbx_entry_details.compound_details         ? 
_pdbx_entry_details.source_details           ? 
_pdbx_entry_details.nonpolymer_details       ? 
_pdbx_entry_details.sequence_details         ? 
# 
loop_
_pdbx_distant_solvent_atoms.id 
_pdbx_distant_solvent_atoms.PDB_model_num 
_pdbx_distant_solvent_atoms.auth_atom_id 
_pdbx_distant_solvent_atoms.label_alt_id 
_pdbx_distant_solvent_atoms.auth_asym_id 
_pdbx_distant_solvent_atoms.auth_comp_id 
_pdbx_distant_solvent_atoms.auth_seq_id 
_pdbx_distant_solvent_atoms.PDB_ins_code 
_pdbx_distant_solvent_atoms.neighbor_macromolecule_distance 
_pdbx_distant_solvent_atoms.neighbor_ligand_distance 
1 1 O ? A HOH 469 ? 6.28 . 
2 1 O ? A HOH 470 ? 6.61 . 
# 
_pdbx_unobs_or_zero_occ_residues.id               1 
_pdbx_unobs_or_zero_occ_residues.PDB_model_num    1 
_pdbx_unobs_or_zero_occ_residues.polymer_flag     Y 
_pdbx_unobs_or_zero_occ_residues.occupancy_flag   1 
_pdbx_unobs_or_zero_occ_residues.auth_asym_id     A 
_pdbx_unobs_or_zero_occ_residues.auth_comp_id     GLY 
_pdbx_unobs_or_zero_occ_residues.auth_seq_id      40 
_pdbx_unobs_or_zero_occ_residues.PDB_ins_code     ? 
_pdbx_unobs_or_zero_occ_residues.label_asym_id    A 
_pdbx_unobs_or_zero_occ_residues.label_comp_id    GLY 
_pdbx_unobs_or_zero_occ_residues.label_seq_id     1 
# 
loop_
_chem_comp_atom.comp_id 
_chem_comp_atom.atom_id 
_chem_comp_atom.type_symbol 
_chem_comp_atom.pdbx_aromatic_flag 
_chem_comp_atom.pdbx_stereo_config 
_chem_comp_atom.pdbx_ordinal 
ALA N    N  N N 1   
ALA CA   C  N S 2   
ALA C    C  N N 3   
ALA O    O  N N 4   
ALA CB   C  N N 5   
ALA OXT  O  N N 6   
ALA H    H  N N 7   
ALA H2   H  N N 8   
ALA HA   H  N N 9   
ALA HB1  H  N N 10  
ALA HB2  H  N N 11  
ALA HB3  H  N N 12  
ALA HXT  H  N N 13  
ARG N    N  N N 14  
ARG CA   C  N S 15  
ARG C    C  N N 16  
ARG O    O  N N 17  
ARG CB   C  N N 18  
ARG CG   C  N N 19  
ARG CD   C  N N 20  
ARG NE   N  N N 21  
ARG CZ   C  N N 22  
ARG NH1  N  N N 23  
ARG NH2  N  N N 24  
ARG OXT  O  N N 25  
ARG H    H  N N 26  
ARG H2   H  N N 27  
ARG HA   H  N N 28  
ARG HB2  H  N N 29  
ARG HB3  H  N N 30  
ARG HG2  H  N N 31  
ARG HG3  H  N N 32  
ARG HD2  H  N N 33  
ARG HD3  H  N N 34  
ARG HE   H  N N 35  
ARG HH11 H  N N 36  
ARG HH12 H  N N 37  
ARG HH21 H  N N 38  
ARG HH22 H  N N 39  
ARG HXT  H  N N 40  
ASN N    N  N N 41  
ASN CA   C  N S 42  
ASN C    C  N N 43  
ASN O    O  N N 44  
ASN CB   C  N N 45  
ASN CG   C  N N 46  
ASN OD1  O  N N 47  
ASN ND2  N  N N 48  
ASN OXT  O  N N 49  
ASN H    H  N N 50  
ASN H2   H  N N 51  
ASN HA   H  N N 52  
ASN HB2  H  N N 53  
ASN HB3  H  N N 54  
ASN HD21 H  N N 55  
ASN HD22 H  N N 56  
ASN HXT  H  N N 57  
ASP N    N  N N 58  
ASP CA   C  N S 59  
ASP C    C  N N 60  
ASP O    O  N N 61  
ASP CB   C  N N 62  
ASP CG   C  N N 63  
ASP OD1  O  N N 64  
ASP OD2  O  N N 65  
ASP OXT  O  N N 66  
ASP H    H  N N 67  
ASP H2   H  N N 68  
ASP HA   H  N N 69  
ASP HB2  H  N N 70  
ASP HB3  H  N N 71  
ASP HD2  H  N N 72  
ASP HXT  H  N N 73  
CD  CD   CD N N 74  
CYS N    N  N N 75  
CYS CA   C  N R 76  
CYS C    C  N N 77  
CYS O    O  N N 78  
CYS CB   C  N N 79  
CYS SG   S  N N 80  
CYS OXT  O  N N 81  
CYS H    H  N N 82  
CYS H2   H  N N 83  
CYS HA   H  N N 84  
CYS HB2  H  N N 85  
CYS HB3  H  N N 86  
CYS HG   H  N N 87  
CYS HXT  H  N N 88  
GLN N    N  N N 89  
GLN CA   C  N S 90  
GLN C    C  N N 91  
GLN O    O  N N 92  
GLN CB   C  N N 93  
GLN CG   C  N N 94  
GLN CD   C  N N 95  
GLN OE1  O  N N 96  
GLN NE2  N  N N 97  
GLN OXT  O  N N 98  
GLN H    H  N N 99  
GLN H2   H  N N 100 
GLN HA   H  N N 101 
GLN HB2  H  N N 102 
GLN HB3  H  N N 103 
GLN HG2  H  N N 104 
GLN HG3  H  N N 105 
GLN HE21 H  N N 106 
GLN HE22 H  N N 107 
GLN HXT  H  N N 108 
GLU N    N  N N 109 
GLU CA   C  N S 110 
GLU C    C  N N 111 
GLU O    O  N N 112 
GLU CB   C  N N 113 
GLU CG   C  N N 114 
GLU CD   C  N N 115 
GLU OE1  O  N N 116 
GLU OE2  O  N N 117 
GLU OXT  O  N N 118 
GLU H    H  N N 119 
GLU H2   H  N N 120 
GLU HA   H  N N 121 
GLU HB2  H  N N 122 
GLU HB3  H  N N 123 
GLU HG2  H  N N 124 
GLU HG3  H  N N 125 
GLU HE2  H  N N 126 
GLU HXT  H  N N 127 
GLY N    N  N N 128 
GLY CA   C  N N 129 
GLY C    C  N N 130 
GLY O    O  N N 131 
GLY OXT  O  N N 132 
GLY H    H  N N 133 
GLY H2   H  N N 134 
GLY HA2  H  N N 135 
GLY HA3  H  N N 136 
GLY HXT  H  N N 137 
HIS N    N  N N 138 
HIS CA   C  N S 139 
HIS C    C  N N 140 
HIS O    O  N N 141 
HIS CB   C  N N 142 
HIS CG   C  Y N 143 
HIS ND1  N  Y N 144 
HIS CD2  C  Y N 145 
HIS CE1  C  Y N 146 
HIS NE2  N  Y N 147 
HIS OXT  O  N N 148 
HIS H    H  N N 149 
HIS H2   H  N N 150 
HIS HA   H  N N 151 
HIS HB2  H  N N 152 
HIS HB3  H  N N 153 
HIS HD1  H  N N 154 
HIS HD2  H  N N 155 
HIS HE1  H  N N 156 
HIS HE2  H  N N 157 
HIS HXT  H  N N 158 
HOH O    O  N N 159 
HOH H1   H  N N 160 
HOH H2   H  N N 161 
ILE N    N  N N 162 
ILE CA   C  N S 163 
ILE C    C  N N 164 
ILE O    O  N N 165 
ILE CB   C  N S 166 
ILE CG1  C  N N 167 
ILE CG2  C  N N 168 
ILE CD1  C  N N 169 
ILE OXT  O  N N 170 
ILE H    H  N N 171 
ILE H2   H  N N 172 
ILE HA   H  N N 173 
ILE HB   H  N N 174 
ILE HG12 H  N N 175 
ILE HG13 H  N N 176 
ILE HG21 H  N N 177 
ILE HG22 H  N N 178 
ILE HG23 H  N N 179 
ILE HD11 H  N N 180 
ILE HD12 H  N N 181 
ILE HD13 H  N N 182 
ILE HXT  H  N N 183 
K2M N1   N  N N 184 
K2M C4   C  N N 185 
K2M C5   C  N N 186 
K2M C6   C  Y N 187 
K2M C7   C  Y N 188 
K2M C8   C  Y N 189 
K2M N    N  N N 190 
K2M C    C  N N 191 
K2M O    O  N N 192 
K2M C1   C  N N 193 
K2M C2   C  N N 194 
K2M C3   C  N N 195 
K2M C9   C  Y N 196 
K2M N2   N  N N 197 
K2M O1   O  N N 198 
K2M O2   O  Y N 199 
K2M H1   H  N N 200 
K2M H2   H  N N 201 
K2M H3   H  N N 202 
K2M H4   H  N N 203 
K2M H5   H  N N 204 
K2M H6   H  N N 205 
K2M H7   H  N N 206 
K2M H8   H  N N 207 
K2M H9   H  N N 208 
K2M H10  H  N N 209 
K2M H11  H  N N 210 
K2M H12  H  N N 211 
K2M H13  H  N N 212 
LEU N    N  N N 213 
LEU CA   C  N S 214 
LEU C    C  N N 215 
LEU O    O  N N 216 
LEU CB   C  N N 217 
LEU CG   C  N N 218 
LEU CD1  C  N N 219 
LEU CD2  C  N N 220 
LEU OXT  O  N N 221 
LEU H    H  N N 222 
LEU H2   H  N N 223 
LEU HA   H  N N 224 
LEU HB2  H  N N 225 
LEU HB3  H  N N 226 
LEU HG   H  N N 227 
LEU HD11 H  N N 228 
LEU HD12 H  N N 229 
LEU HD13 H  N N 230 
LEU HD21 H  N N 231 
LEU HD22 H  N N 232 
LEU HD23 H  N N 233 
LEU HXT  H  N N 234 
LYS N    N  N N 235 
LYS CA   C  N S 236 
LYS C    C  N N 237 
LYS O    O  N N 238 
LYS CB   C  N N 239 
LYS CG   C  N N 240 
LYS CD   C  N N 241 
LYS CE   C  N N 242 
LYS NZ   N  N N 243 
LYS OXT  O  N N 244 
LYS H    H  N N 245 
LYS H2   H  N N 246 
LYS HA   H  N N 247 
LYS HB2  H  N N 248 
LYS HB3  H  N N 249 
LYS HG2  H  N N 250 
LYS HG3  H  N N 251 
LYS HD2  H  N N 252 
LYS HD3  H  N N 253 
LYS HE2  H  N N 254 
LYS HE3  H  N N 255 
LYS HZ1  H  N N 256 
LYS HZ2  H  N N 257 
LYS HZ3  H  N N 258 
LYS HXT  H  N N 259 
MET N    N  N N 260 
MET CA   C  N S 261 
MET C    C  N N 262 
MET O    O  N N 263 
MET CB   C  N N 264 
MET CG   C  N N 265 
MET SD   S  N N 266 
MET CE   C  N N 267 
MET OXT  O  N N 268 
MET H    H  N N 269 
MET H2   H  N N 270 
MET HA   H  N N 271 
MET HB2  H  N N 272 
MET HB3  H  N N 273 
MET HG2  H  N N 274 
MET HG3  H  N N 275 
MET HE1  H  N N 276 
MET HE2  H  N N 277 
MET HE3  H  N N 278 
MET HXT  H  N N 279 
PHE N    N  N N 280 
PHE CA   C  N S 281 
PHE C    C  N N 282 
PHE O    O  N N 283 
PHE CB   C  N N 284 
PHE CG   C  Y N 285 
PHE CD1  C  Y N 286 
PHE CD2  C  Y N 287 
PHE CE1  C  Y N 288 
PHE CE2  C  Y N 289 
PHE CZ   C  Y N 290 
PHE OXT  O  N N 291 
PHE H    H  N N 292 
PHE H2   H  N N 293 
PHE HA   H  N N 294 
PHE HB2  H  N N 295 
PHE HB3  H  N N 296 
PHE HD1  H  N N 297 
PHE HD2  H  N N 298 
PHE HE1  H  N N 299 
PHE HE2  H  N N 300 
PHE HZ   H  N N 301 
PHE HXT  H  N N 302 
PRO N    N  N N 303 
PRO CA   C  N S 304 
PRO C    C  N N 305 
PRO O    O  N N 306 
PRO CB   C  N N 307 
PRO CG   C  N N 308 
PRO CD   C  N N 309 
PRO OXT  O  N N 310 
PRO H    H  N N 311 
PRO HA   H  N N 312 
PRO HB2  H  N N 313 
PRO HB3  H  N N 314 
PRO HG2  H  N N 315 
PRO HG3  H  N N 316 
PRO HD2  H  N N 317 
PRO HD3  H  N N 318 
PRO HXT  H  N N 319 
SER N    N  N N 320 
SER CA   C  N S 321 
SER C    C  N N 322 
SER O    O  N N 323 
SER CB   C  N N 324 
SER OG   O  N N 325 
SER OXT  O  N N 326 
SER H    H  N N 327 
SER H2   H  N N 328 
SER HA   H  N N 329 
SER HB2  H  N N 330 
SER HB3  H  N N 331 
SER HG   H  N N 332 
SER HXT  H  N N 333 
THR N    N  N N 334 
THR CA   C  N S 335 
THR C    C  N N 336 
THR O    O  N N 337 
THR CB   C  N R 338 
THR OG1  O  N N 339 
THR CG2  C  N N 340 
THR OXT  O  N N 341 
THR H    H  N N 342 
THR H2   H  N N 343 
THR HA   H  N N 344 
THR HB   H  N N 345 
THR HG1  H  N N 346 
THR HG21 H  N N 347 
THR HG22 H  N N 348 
THR HG23 H  N N 349 
THR HXT  H  N N 350 
TRP N    N  N N 351 
TRP CA   C  N S 352 
TRP C    C  N N 353 
TRP O    O  N N 354 
TRP CB   C  N N 355 
TRP CG   C  Y N 356 
TRP CD1  C  Y N 357 
TRP CD2  C  Y N 358 
TRP NE1  N  Y N 359 
TRP CE2  C  Y N 360 
TRP CE3  C  Y N 361 
TRP CZ2  C  Y N 362 
TRP CZ3  C  Y N 363 
TRP CH2  C  Y N 364 
TRP OXT  O  N N 365 
TRP H    H  N N 366 
TRP H2   H  N N 367 
TRP HA   H  N N 368 
TRP HB2  H  N N 369 
TRP HB3  H  N N 370 
TRP HD1  H  N N 371 
TRP HE1  H  N N 372 
TRP HE3  H  N N 373 
TRP HZ2  H  N N 374 
TRP HZ3  H  N N 375 
TRP HH2  H  N N 376 
TRP HXT  H  N N 377 
TYR N    N  N N 378 
TYR CA   C  N S 379 
TYR C    C  N N 380 
TYR O    O  N N 381 
TYR CB   C  N N 382 
TYR CG   C  Y N 383 
TYR CD1  C  Y N 384 
TYR CD2  C  Y N 385 
TYR CE1  C  Y N 386 
TYR CE2  C  Y N 387 
TYR CZ   C  Y N 388 
TYR OH   O  N N 389 
TYR OXT  O  N N 390 
TYR H    H  N N 391 
TYR H2   H  N N 392 
TYR HA   H  N N 393 
TYR HB2  H  N N 394 
TYR HB3  H  N N 395 
TYR HD1  H  N N 396 
TYR HD2  H  N N 397 
TYR HE1  H  N N 398 
TYR HE2  H  N N 399 
TYR HH   H  N N 400 
TYR HXT  H  N N 401 
VAL N    N  N N 402 
VAL CA   C  N S 403 
VAL C    C  N N 404 
VAL O    O  N N 405 
VAL CB   C  N N 406 
VAL CG1  C  N N 407 
VAL CG2  C  N N 408 
VAL OXT  O  N N 409 
VAL H    H  N N 410 
VAL H2   H  N N 411 
VAL HA   H  N N 412 
VAL HB   H  N N 413 
VAL HG11 H  N N 414 
VAL HG12 H  N N 415 
VAL HG13 H  N N 416 
VAL HG21 H  N N 417 
VAL HG22 H  N N 418 
VAL HG23 H  N N 419 
VAL HXT  H  N N 420 
# 
loop_
_chem_comp_bond.comp_id 
_chem_comp_bond.atom_id_1 
_chem_comp_bond.atom_id_2 
_chem_comp_bond.value_order 
_chem_comp_bond.pdbx_aromatic_flag 
_chem_comp_bond.pdbx_stereo_config 
_chem_comp_bond.pdbx_ordinal 
ALA N   CA   sing N N 1   
ALA N   H    sing N N 2   
ALA N   H2   sing N N 3   
ALA CA  C    sing N N 4   
ALA CA  CB   sing N N 5   
ALA CA  HA   sing N N 6   
ALA C   O    doub N N 7   
ALA C   OXT  sing N N 8   
ALA CB  HB1  sing N N 9   
ALA CB  HB2  sing N N 10  
ALA CB  HB3  sing N N 11  
ALA OXT HXT  sing N N 12  
ARG N   CA   sing N N 13  
ARG N   H    sing N N 14  
ARG N   H2   sing N N 15  
ARG CA  C    sing N N 16  
ARG CA  CB   sing N N 17  
ARG CA  HA   sing N N 18  
ARG C   O    doub N N 19  
ARG C   OXT  sing N N 20  
ARG CB  CG   sing N N 21  
ARG CB  HB2  sing N N 22  
ARG CB  HB3  sing N N 23  
ARG CG  CD   sing N N 24  
ARG CG  HG2  sing N N 25  
ARG CG  HG3  sing N N 26  
ARG CD  NE   sing N N 27  
ARG CD  HD2  sing N N 28  
ARG CD  HD3  sing N N 29  
ARG NE  CZ   sing N N 30  
ARG NE  HE   sing N N 31  
ARG CZ  NH1  sing N N 32  
ARG CZ  NH2  doub N N 33  
ARG NH1 HH11 sing N N 34  
ARG NH1 HH12 sing N N 35  
ARG NH2 HH21 sing N N 36  
ARG NH2 HH22 sing N N 37  
ARG OXT HXT  sing N N 38  
ASN N   CA   sing N N 39  
ASN N   H    sing N N 40  
ASN N   H2   sing N N 41  
ASN CA  C    sing N N 42  
ASN CA  CB   sing N N 43  
ASN CA  HA   sing N N 44  
ASN C   O    doub N N 45  
ASN C   OXT  sing N N 46  
ASN CB  CG   sing N N 47  
ASN CB  HB2  sing N N 48  
ASN CB  HB3  sing N N 49  
ASN CG  OD1  doub N N 50  
ASN CG  ND2  sing N N 51  
ASN ND2 HD21 sing N N 52  
ASN ND2 HD22 sing N N 53  
ASN OXT HXT  sing N N 54  
ASP N   CA   sing N N 55  
ASP N   H    sing N N 56  
ASP N   H2   sing N N 57  
ASP CA  C    sing N N 58  
ASP CA  CB   sing N N 59  
ASP CA  HA   sing N N 60  
ASP C   O    doub N N 61  
ASP C   OXT  sing N N 62  
ASP CB  CG   sing N N 63  
ASP CB  HB2  sing N N 64  
ASP CB  HB3  sing N N 65  
ASP CG  OD1  doub N N 66  
ASP CG  OD2  sing N N 67  
ASP OD2 HD2  sing N N 68  
ASP OXT HXT  sing N N 69  
CYS N   CA   sing N N 70  
CYS N   H    sing N N 71  
CYS N   H2   sing N N 72  
CYS CA  C    sing N N 73  
CYS CA  CB   sing N N 74  
CYS CA  HA   sing N N 75  
CYS C   O    doub N N 76  
CYS C   OXT  sing N N 77  
CYS CB  SG   sing N N 78  
CYS CB  HB2  sing N N 79  
CYS CB  HB3  sing N N 80  
CYS SG  HG   sing N N 81  
CYS OXT HXT  sing N N 82  
GLN N   CA   sing N N 83  
GLN N   H    sing N N 84  
GLN N   H2   sing N N 85  
GLN CA  C    sing N N 86  
GLN CA  CB   sing N N 87  
GLN CA  HA   sing N N 88  
GLN C   O    doub N N 89  
GLN C   OXT  sing N N 90  
GLN CB  CG   sing N N 91  
GLN CB  HB2  sing N N 92  
GLN CB  HB3  sing N N 93  
GLN CG  CD   sing N N 94  
GLN CG  HG2  sing N N 95  
GLN CG  HG3  sing N N 96  
GLN CD  OE1  doub N N 97  
GLN CD  NE2  sing N N 98  
GLN NE2 HE21 sing N N 99  
GLN NE2 HE22 sing N N 100 
GLN OXT HXT  sing N N 101 
GLU N   CA   sing N N 102 
GLU N   H    sing N N 103 
GLU N   H2   sing N N 104 
GLU CA  C    sing N N 105 
GLU CA  CB   sing N N 106 
GLU CA  HA   sing N N 107 
GLU C   O    doub N N 108 
GLU C   OXT  sing N N 109 
GLU CB  CG   sing N N 110 
GLU CB  HB2  sing N N 111 
GLU CB  HB3  sing N N 112 
GLU CG  CD   sing N N 113 
GLU CG  HG2  sing N N 114 
GLU CG  HG3  sing N N 115 
GLU CD  OE1  doub N N 116 
GLU CD  OE2  sing N N 117 
GLU OE2 HE2  sing N N 118 
GLU OXT HXT  sing N N 119 
GLY N   CA   sing N N 120 
GLY N   H    sing N N 121 
GLY N   H2   sing N N 122 
GLY CA  C    sing N N 123 
GLY CA  HA2  sing N N 124 
GLY CA  HA3  sing N N 125 
GLY C   O    doub N N 126 
GLY C   OXT  sing N N 127 
GLY OXT HXT  sing N N 128 
HIS N   CA   sing N N 129 
HIS N   H    sing N N 130 
HIS N   H2   sing N N 131 
HIS CA  C    sing N N 132 
HIS CA  CB   sing N N 133 
HIS CA  HA   sing N N 134 
HIS C   O    doub N N 135 
HIS C   OXT  sing N N 136 
HIS CB  CG   sing N N 137 
HIS CB  HB2  sing N N 138 
HIS CB  HB3  sing N N 139 
HIS CG  ND1  sing Y N 140 
HIS CG  CD2  doub Y N 141 
HIS ND1 CE1  doub Y N 142 
HIS ND1 HD1  sing N N 143 
HIS CD2 NE2  sing Y N 144 
HIS CD2 HD2  sing N N 145 
HIS CE1 NE2  sing Y N 146 
HIS CE1 HE1  sing N N 147 
HIS NE2 HE2  sing N N 148 
HIS OXT HXT  sing N N 149 
HOH O   H1   sing N N 150 
HOH O   H2   sing N N 151 
ILE N   CA   sing N N 152 
ILE N   H    sing N N 153 
ILE N   H2   sing N N 154 
ILE CA  C    sing N N 155 
ILE CA  CB   sing N N 156 
ILE CA  HA   sing N N 157 
ILE C   O    doub N N 158 
ILE C   OXT  sing N N 159 
ILE CB  CG1  sing N N 160 
ILE CB  CG2  sing N N 161 
ILE CB  HB   sing N N 162 
ILE CG1 CD1  sing N N 163 
ILE CG1 HG12 sing N N 164 
ILE CG1 HG13 sing N N 165 
ILE CG2 HG21 sing N N 166 
ILE CG2 HG22 sing N N 167 
ILE CG2 HG23 sing N N 168 
ILE CD1 HD11 sing N N 169 
ILE CD1 HD12 sing N N 170 
ILE CD1 HD13 sing N N 171 
ILE OXT HXT  sing N N 172 
K2M N   C    sing N N 173 
K2M C4  C3   sing N N 174 
K2M C4  N1   sing N N 175 
K2M C   N1   sing N N 176 
K2M C   O    doub N N 177 
K2M C3  N2   sing N N 178 
K2M N1  C1   sing N N 179 
K2M C7  C8   sing Y N 180 
K2M C7  C6   doub Y N 181 
K2M C1  C2   sing N N 182 
K2M C8  C9   doub Y N 183 
K2M N2  C2   sing N N 184 
K2M N2  C5   sing N N 185 
K2M C6  C5   sing N N 186 
K2M C6  O2   sing Y N 187 
K2M C9  O2   sing Y N 188 
K2M C5  O1   doub N N 189 
K2M C4  H1   sing N N 190 
K2M C4  H2   sing N N 191 
K2M C7  H3   sing N N 192 
K2M C8  H4   sing N N 193 
K2M N   H5   sing N N 194 
K2M N   H6   sing N N 195 
K2M C1  H7   sing N N 196 
K2M C1  H8   sing N N 197 
K2M C2  H9   sing N N 198 
K2M C2  H10  sing N N 199 
K2M C3  H11  sing N N 200 
K2M C3  H12  sing N N 201 
K2M C9  H13  sing N N 202 
LEU N   CA   sing N N 203 
LEU N   H    sing N N 204 
LEU N   H2   sing N N 205 
LEU CA  C    sing N N 206 
LEU CA  CB   sing N N 207 
LEU CA  HA   sing N N 208 
LEU C   O    doub N N 209 
LEU C   OXT  sing N N 210 
LEU CB  CG   sing N N 211 
LEU CB  HB2  sing N N 212 
LEU CB  HB3  sing N N 213 
LEU CG  CD1  sing N N 214 
LEU CG  CD2  sing N N 215 
LEU CG  HG   sing N N 216 
LEU CD1 HD11 sing N N 217 
LEU CD1 HD12 sing N N 218 
LEU CD1 HD13 sing N N 219 
LEU CD2 HD21 sing N N 220 
LEU CD2 HD22 sing N N 221 
LEU CD2 HD23 sing N N 222 
LEU OXT HXT  sing N N 223 
LYS N   CA   sing N N 224 
LYS N   H    sing N N 225 
LYS N   H2   sing N N 226 
LYS CA  C    sing N N 227 
LYS CA  CB   sing N N 228 
LYS CA  HA   sing N N 229 
LYS C   O    doub N N 230 
LYS C   OXT  sing N N 231 
LYS CB  CG   sing N N 232 
LYS CB  HB2  sing N N 233 
LYS CB  HB3  sing N N 234 
LYS CG  CD   sing N N 235 
LYS CG  HG2  sing N N 236 
LYS CG  HG3  sing N N 237 
LYS CD  CE   sing N N 238 
LYS CD  HD2  sing N N 239 
LYS CD  HD3  sing N N 240 
LYS CE  NZ   sing N N 241 
LYS CE  HE2  sing N N 242 
LYS CE  HE3  sing N N 243 
LYS NZ  HZ1  sing N N 244 
LYS NZ  HZ2  sing N N 245 
LYS NZ  HZ3  sing N N 246 
LYS OXT HXT  sing N N 247 
MET N   CA   sing N N 248 
MET N   H    sing N N 249 
MET N   H2   sing N N 250 
MET CA  C    sing N N 251 
MET CA  CB   sing N N 252 
MET CA  HA   sing N N 253 
MET C   O    doub N N 254 
MET C   OXT  sing N N 255 
MET CB  CG   sing N N 256 
MET CB  HB2  sing N N 257 
MET CB  HB3  sing N N 258 
MET CG  SD   sing N N 259 
MET CG  HG2  sing N N 260 
MET CG  HG3  sing N N 261 
MET SD  CE   sing N N 262 
MET CE  HE1  sing N N 263 
MET CE  HE2  sing N N 264 
MET CE  HE3  sing N N 265 
MET OXT HXT  sing N N 266 
PHE N   CA   sing N N 267 
PHE N   H    sing N N 268 
PHE N   H2   sing N N 269 
PHE CA  C    sing N N 270 
PHE CA  CB   sing N N 271 
PHE CA  HA   sing N N 272 
PHE C   O    doub N N 273 
PHE C   OXT  sing N N 274 
PHE CB  CG   sing N N 275 
PHE CB  HB2  sing N N 276 
PHE CB  HB3  sing N N 277 
PHE CG  CD1  doub Y N 278 
PHE CG  CD2  sing Y N 279 
PHE CD1 CE1  sing Y N 280 
PHE CD1 HD1  sing N N 281 
PHE CD2 CE2  doub Y N 282 
PHE CD2 HD2  sing N N 283 
PHE CE1 CZ   doub Y N 284 
PHE CE1 HE1  sing N N 285 
PHE CE2 CZ   sing Y N 286 
PHE CE2 HE2  sing N N 287 
PHE CZ  HZ   sing N N 288 
PHE OXT HXT  sing N N 289 
PRO N   CA   sing N N 290 
PRO N   CD   sing N N 291 
PRO N   H    sing N N 292 
PRO CA  C    sing N N 293 
PRO CA  CB   sing N N 294 
PRO CA  HA   sing N N 295 
PRO C   O    doub N N 296 
PRO C   OXT  sing N N 297 
PRO CB  CG   sing N N 298 
PRO CB  HB2  sing N N 299 
PRO CB  HB3  sing N N 300 
PRO CG  CD   sing N N 301 
PRO CG  HG2  sing N N 302 
PRO CG  HG3  sing N N 303 
PRO CD  HD2  sing N N 304 
PRO CD  HD3  sing N N 305 
PRO OXT HXT  sing N N 306 
SER N   CA   sing N N 307 
SER N   H    sing N N 308 
SER N   H2   sing N N 309 
SER CA  C    sing N N 310 
SER CA  CB   sing N N 311 
SER CA  HA   sing N N 312 
SER C   O    doub N N 313 
SER C   OXT  sing N N 314 
SER CB  OG   sing N N 315 
SER CB  HB2  sing N N 316 
SER CB  HB3  sing N N 317 
SER OG  HG   sing N N 318 
SER OXT HXT  sing N N 319 
THR N   CA   sing N N 320 
THR N   H    sing N N 321 
THR N   H2   sing N N 322 
THR CA  C    sing N N 323 
THR CA  CB   sing N N 324 
THR CA  HA   sing N N 325 
THR C   O    doub N N 326 
THR C   OXT  sing N N 327 
THR CB  OG1  sing N N 328 
THR CB  CG2  sing N N 329 
THR CB  HB   sing N N 330 
THR OG1 HG1  sing N N 331 
THR CG2 HG21 sing N N 332 
THR CG2 HG22 sing N N 333 
THR CG2 HG23 sing N N 334 
THR OXT HXT  sing N N 335 
TRP N   CA   sing N N 336 
TRP N   H    sing N N 337 
TRP N   H2   sing N N 338 
TRP CA  C    sing N N 339 
TRP CA  CB   sing N N 340 
TRP CA  HA   sing N N 341 
TRP C   O    doub N N 342 
TRP C   OXT  sing N N 343 
TRP CB  CG   sing N N 344 
TRP CB  HB2  sing N N 345 
TRP CB  HB3  sing N N 346 
TRP CG  CD1  doub Y N 347 
TRP CG  CD2  sing Y N 348 
TRP CD1 NE1  sing Y N 349 
TRP CD1 HD1  sing N N 350 
TRP CD2 CE2  doub Y N 351 
TRP CD2 CE3  sing Y N 352 
TRP NE1 CE2  sing Y N 353 
TRP NE1 HE1  sing N N 354 
TRP CE2 CZ2  sing Y N 355 
TRP CE3 CZ3  doub Y N 356 
TRP CE3 HE3  sing N N 357 
TRP CZ2 CH2  doub Y N 358 
TRP CZ2 HZ2  sing N N 359 
TRP CZ3 CH2  sing Y N 360 
TRP CZ3 HZ3  sing N N 361 
TRP CH2 HH2  sing N N 362 
TRP OXT HXT  sing N N 363 
TYR N   CA   sing N N 364 
TYR N   H    sing N N 365 
TYR N   H2   sing N N 366 
TYR CA  C    sing N N 367 
TYR CA  CB   sing N N 368 
TYR CA  HA   sing N N 369 
TYR C   O    doub N N 370 
TYR C   OXT  sing N N 371 
TYR CB  CG   sing N N 372 
TYR CB  HB2  sing N N 373 
TYR CB  HB3  sing N N 374 
TYR CG  CD1  doub Y N 375 
TYR CG  CD2  sing Y N 376 
TYR CD1 CE1  sing Y N 377 
TYR CD1 HD1  sing N N 378 
TYR CD2 CE2  doub Y N 379 
TYR CD2 HD2  sing N N 380 
TYR CE1 CZ   doub Y N 381 
TYR CE1 HE1  sing N N 382 
TYR CE2 CZ   sing Y N 383 
TYR CE2 HE2  sing N N 384 
TYR CZ  OH   sing N N 385 
TYR OH  HH   sing N N 386 
TYR OXT HXT  sing N N 387 
VAL N   CA   sing N N 388 
VAL N   H    sing N N 389 
VAL N   H2   sing N N 390 
VAL CA  C    sing N N 391 
VAL CA  CB   sing N N 392 
VAL CA  HA   sing N N 393 
VAL C   O    doub N N 394 
VAL C   OXT  sing N N 395 
VAL CB  CG1  sing N N 396 
VAL CB  CG2  sing N N 397 
VAL CB  HB   sing N N 398 
VAL CG1 HG11 sing N N 399 
VAL CG1 HG12 sing N N 400 
VAL CG1 HG13 sing N N 401 
VAL CG2 HG21 sing N N 402 
VAL CG2 HG22 sing N N 403 
VAL CG2 HG23 sing N N 404 
VAL OXT HXT  sing N N 405 
# 
_pdbx_deposit_group.group_id            G_1002080 
_pdbx_deposit_group.group_description   
;Human Brachyury screened against the DSI-poised Fragment Library by X-ray Crystallography at the XChem facility of Diamond Light Source beamline I04-1
;
_pdbx_deposit_group.group_title         'PanDDA analysis group deposition' 
_pdbx_deposit_group.group_type          'changed state' 
# 
_pdbx_entity_instance_feature.ordinal        1 
_pdbx_entity_instance_feature.comp_id        K2M 
_pdbx_entity_instance_feature.asym_id        ? 
_pdbx_entity_instance_feature.seq_num        ? 
_pdbx_entity_instance_feature.auth_comp_id   K2M 
_pdbx_entity_instance_feature.auth_asym_id   ? 
_pdbx_entity_instance_feature.auth_seq_num   ? 
_pdbx_entity_instance_feature.feature_type   'SUBJECT OF INVESTIGATION' 
_pdbx_entity_instance_feature.details        ? 
# 
_atom_sites.entry_id                    5QRV 
_atom_sites.fract_transf_matrix[1][1]   0.01463992 
_atom_sites.fract_transf_matrix[1][2]   -0.00064581 
_atom_sites.fract_transf_matrix[1][3]   0.00792745 
_atom_sites.fract_transf_matrix[2][1]   -0.00755000 
_atom_sites.fract_transf_matrix[2][2]   0.00409499 
_atom_sites.fract_transf_matrix[2][3]   0.01427647 
_atom_sites.fract_transf_matrix[3][1]   -0.00136450 
_atom_sites.fract_transf_matrix[3][2]   -0.00880121 
_atom_sites.fract_transf_matrix[3][3]   0.00180289 
_atom_sites.fract_transf_vector[1]      0.344361 
_atom_sites.fract_transf_vector[2]      -0.023182 
_atom_sites.fract_transf_vector[3]      0.060395 
# 
loop_
_atom_type.symbol 
C  
CD 
N  
O  
S  
# 
loop_
_atom_site.group_PDB 
_atom_site.id 
_atom_site.type_symbol 
_atom_site.label_atom_id 
_atom_site.label_alt_id 
_atom_site.label_comp_id 
_atom_site.label_asym_id 
_atom_site.label_entity_id 
_atom_site.label_seq_id 
_atom_site.pdbx_PDB_ins_code 
_atom_site.Cartn_x 
_atom_site.Cartn_y 
_atom_site.Cartn_z 
_atom_site.occupancy 
_atom_site.B_iso_or_equiv 
_atom_site.pdbx_formal_charge 
_atom_site.auth_seq_id 
_atom_site.auth_comp_id 
_atom_site.auth_asym_id 
_atom_site.auth_atom_id 
_atom_site.pdbx_PDB_model_num 
ATOM   1    N  N   . GLU A 1 2   ? 21.302  -12.169 -1.766  1.00 81.89  ? 41  GLU A N   1 
ATOM   2    C  CA  . GLU A 1 2   ? 20.749  -10.845 -1.328  1.00 77.46  ? 41  GLU A CA  1 
ATOM   3    C  C   . GLU A 1 2   ? 19.220  -10.890 -1.555  1.00 68.85  ? 41  GLU A C   1 
ATOM   4    O  O   . GLU A 1 2   ? 18.766  -11.345 -2.633  1.00 59.92  ? 41  GLU A O   1 
ATOM   5    C  CB  . GLU A 1 2   ? 21.505  -9.700  -2.036  1.00 81.00  ? 41  GLU A CB  1 
ATOM   6    C  CG  . GLU A 1 2   ? 21.867  -8.488  -1.158  1.00 80.10  ? 41  GLU A CG  1 
ATOM   7    C  CD  . GLU A 1 2   ? 23.234  -8.481  -0.472  1.00 86.83  ? 41  GLU A CD  1 
ATOM   8    O  OE1 . GLU A 1 2   ? 23.996  -7.480  -0.612  1.00 81.30  ? 41  GLU A OE1 1 
ATOM   9    O  OE2 . GLU A 1 2   ? 23.533  -9.461  0.238   1.00 87.61  ? 41  GLU A OE2 1 
ATOM   10   N  N   . LEU A 1 3   ? 18.454  -10.514 -0.531  1.00 59.27  ? 42  LEU A N   1 
ATOM   11   C  CA  . LEU A 1 3   ? 16.974  -10.352 -0.561  1.00 57.58  ? 42  LEU A CA  1 
ATOM   12   C  C   . LEU A 1 3   ? 16.584  -9.256  -1.566  1.00 52.70  ? 42  LEU A C   1 
ATOM   13   O  O   . LEU A 1 3   ? 16.996  -8.118  -1.352  1.00 54.12  ? 42  LEU A O   1 
ATOM   14   C  CB  . LEU A 1 3   ? 16.550  -9.992  0.865   1.00 55.78  ? 42  LEU A CB  1 
ATOM   15   C  CG  . LEU A 1 3   ? 15.060  -9.793  1.115   1.00 56.32  ? 42  LEU A CG  1 
ATOM   16   C  CD1 . LEU A 1 3   ? 14.203  -10.630 0.177   1.00 61.79  ? 42  LEU A CD1 1 
ATOM   17   C  CD2 . LEU A 1 3   ? 14.734  -10.124 2.568   1.00 59.44  ? 42  LEU A CD2 1 
ATOM   18   N  N   . ARG A 1 4   ? 15.878  -9.598  -2.649  1.00 47.54  ? 43  ARG A N   1 
ATOM   19   C  CA  . ARG A 1 4   ? 15.425  -8.631  -3.680  1.00 42.97  ? 43  ARG A CA  1 
ATOM   20   C  C   . ARG A 1 4   ? 13.894  -8.499  -3.597  1.00 47.39  ? 43  ARG A C   1 
ATOM   21   O  O   . ARG A 1 4   ? 13.193  -9.539  -3.563  1.00 44.39  ? 43  ARG A O   1 
ATOM   22   C  CB  . ARG A 1 4   ? 15.922  -9.068  -5.059  1.00 41.21  ? 43  ARG A CB  1 
ATOM   23   N  N   . VAL A 1 5   ? 13.394  -7.268  -3.544  1.00 46.26  ? 44  VAL A N   1 
ATOM   24   C  CA  . VAL A 1 5   ? 11.937  -6.938  -3.541  1.00 44.42  ? 44  VAL A CA  1 
ATOM   25   C  C   . VAL A 1 5   ? 11.659  -6.081  -4.776  1.00 47.15  ? 44  VAL A C   1 
ATOM   26   O  O   . VAL A 1 5   ? 12.326  -5.045  -4.891  1.00 44.64  ? 44  VAL A O   1 
ATOM   27   C  CB  . VAL A 1 5   ? 11.542  -6.196  -2.253  1.00 46.19  ? 44  VAL A CB  1 
ATOM   28   C  CG1 . VAL A 1 5   ? 10.051  -5.869  -2.230  1.00 44.39  ? 44  VAL A CG1 1 
ATOM   29   C  CG2 . VAL A 1 5   ? 11.936  -6.965  -1.009  1.00 46.07  ? 44  VAL A CG2 1 
ATOM   30   N  N   . GLY A 1 6   ? 10.734  -6.505  -5.640  1.00 43.88  ? 45  GLY A N   1 
ATOM   31   C  CA  . GLY A 1 6   ? 10.306  -5.803  -6.865  1.00 46.55  ? 45  GLY A CA  1 
ATOM   32   C  C   . GLY A 1 6   ? 8.798   -5.594  -6.905  1.00 45.78  ? 45  GLY A C   1 
ATOM   33   O  O   . GLY A 1 6   ? 8.054   -6.457  -6.401  1.00 42.98  ? 45  GLY A O   1 
ATOM   34   N  N   . LEU A 1 7   ? 8.349   -4.485  -7.504  1.00 39.26  ? 46  LEU A N   1 
ATOM   35   C  CA  . LEU A 1 7   ? 6.914   -4.253  -7.765  1.00 38.60  ? 46  LEU A CA  1 
ATOM   36   C  C   . LEU A 1 7   ? 6.516   -4.995  -9.046  1.00 39.10  ? 46  LEU A C   1 
ATOM   37   O  O   . LEU A 1 7   ? 7.229   -4.841  -10.059 1.00 39.84  ? 46  LEU A O   1 
ATOM   38   C  CB  . LEU A 1 7   ? 6.719   -2.740  -7.887  1.00 37.96  ? 46  LEU A CB  1 
ATOM   39   C  CG  . LEU A 1 7   ? 5.303   -2.282  -8.203  1.00 34.46  ? 46  LEU A CG  1 
ATOM   40   C  CD1 . LEU A 1 7   ? 4.345   -2.748  -7.142  1.00 32.83  ? 46  LEU A CD1 1 
ATOM   41   C  CD2 . LEU A 1 7   ? 5.251   -0.777  -8.340  1.00 34.77  ? 46  LEU A CD2 1 
ATOM   42   N  N   . GLU A 1 8   ? 5.466   -5.820  -8.992  1.00 35.69  ? 47  GLU A N   1 
ATOM   43   C  CA  . GLU A 1 8   ? 4.852   -6.476  -10.178 1.00 38.71  ? 47  GLU A CA  1 
ATOM   44   C  C   . GLU A 1 8   ? 3.907   -5.441  -10.803 1.00 43.52  ? 47  GLU A C   1 
ATOM   45   O  O   . GLU A 1 8   ? 3.356   -4.627  -10.031 1.00 40.56  ? 47  GLU A O   1 
ATOM   46   C  CB  . GLU A 1 8   ? 4.155   -7.780  -9.757  1.00 45.70  ? 47  GLU A CB  1 
ATOM   47   C  CG  . GLU A 1 8   ? 3.463   -8.536  -10.896 1.00 56.93  ? 47  GLU A CG  1 
ATOM   48   C  CD  . GLU A 1 8   ? 4.353   -9.433  -11.759 1.00 61.22  ? 47  GLU A CD  1 
ATOM   49   O  OE1 . GLU A 1 8   ? 5.552   -9.497  -11.472 1.00 62.33  ? 47  GLU A OE1 1 
ATOM   50   O  OE2 . GLU A 1 8   ? 3.839   -10.075 -12.724 1.00 74.78  ? 47  GLU A OE2 1 
ATOM   51   N  N   . GLU A 1 9   ? 3.808   -5.419  -12.138 1.00 41.86  ? 48  GLU A N   1 
ATOM   52   C  CA  . GLU A 1 9   ? 2.941   -4.503  -12.926 1.00 45.88  ? 48  GLU A CA  1 
ATOM   53   C  C   . GLU A 1 9   ? 3.309   -3.044  -12.649 1.00 42.74  ? 48  GLU A C   1 
ATOM   54   O  O   . GLU A 1 9   ? 2.383   -2.219  -12.540 1.00 41.52  ? 48  GLU A O   1 
ATOM   55   C  CB  . GLU A 1 9   ? 1.464   -4.688  -12.569 1.00 50.32  ? 48  GLU A CB  1 
ATOM   56   C  CG  . GLU A 1 9   ? 0.933   -6.096  -12.778 1.00 57.97  ? 48  GLU A CG  1 
ATOM   57   C  CD  . GLU A 1 9   ? -0.532  -6.256  -12.400 1.00 64.93  ? 48  GLU A CD  1 
ATOM   58   O  OE1 . GLU A 1 9   ? -1.297  -5.282  -12.565 1.00 69.54  ? 48  GLU A OE1 1 
ATOM   59   O  OE2 . GLU A 1 9   ? -0.905  -7.341  -11.916 1.00 67.34  ? 48  GLU A OE2 1 
ATOM   60   N  N   . SER A 1 10  ? 4.599   -2.704  -12.603 1.00 36.89  ? 49  SER A N   1 
ATOM   61   C  CA  . SER A 1 10  ? 5.029   -1.299  -12.394 1.00 41.56  ? 49  SER A CA  1 
ATOM   62   C  C   . SER A 1 10  ? 4.552   -0.431  -13.568 1.00 34.98  ? 49  SER A C   1 
ATOM   63   O  O   . SER A 1 10  ? 4.131   0.687   -13.281 1.00 38.31  ? 49  SER A O   1 
ATOM   64   C  CB  . SER A 1 10  ? 6.528   -1.193  -12.149 1.00 42.88  ? 49  SER A CB  1 
ATOM   65   O  OG  . SER A 1 10  ? 7.231   -1.795  -13.219 1.00 49.86  ? 49  SER A OG  1 
ATOM   66   N  N   . GLU A 1 11  ? 4.645   -0.909  -14.822 1.00 38.98  ? 50  GLU A N   1 
ATOM   67   C  CA  . GLU A 1 11  ? 4.033   -0.325  -16.068 1.00 45.90  ? 50  GLU A CA  1 
ATOM   68   C  C   . GLU A 1 11  ? 2.727   0.407   -15.740 1.00 41.94  ? 50  GLU A C   1 
ATOM   69   O  O   . GLU A 1 11  ? 2.595   1.613   -16.064 1.00 42.87  ? 50  GLU A O   1 
ATOM   70   C  CB  . GLU A 1 11  ? 3.715   -1.427  -17.093 1.00 48.89  ? 50  GLU A CB  1 
ATOM   71   C  CG  . GLU A 1 11  ? 2.437   -1.205  -17.922 1.00 59.47  ? 50  GLU A CG  1 
ATOM   72   C  CD  . GLU A 1 11  ? 2.593   -0.184  -19.037 1.00 57.95  ? 50  GLU A CD  1 
ATOM   73   O  OE1 . GLU A 1 11  ? 1.613   0.110   -19.736 1.00 62.26  ? 50  GLU A OE1 1 
ATOM   74   O  OE2 . GLU A 1 11  ? 3.717   0.310   -19.205 1.00 76.50  ? 50  GLU A OE2 1 
ATOM   75   N  N   . LEU A 1 12  ? 1.811   -0.326  -15.116 1.00 39.03  ? 51  LEU A N   1 
ATOM   76   C  CA  . LEU A 1 12  ? 0.408   0.090   -14.864 1.00 43.46  ? 51  LEU A CA  1 
ATOM   77   C  C   . LEU A 1 12  ? 0.363   1.091   -13.707 1.00 39.69  ? 51  LEU A C   1 
ATOM   78   O  O   . LEU A 1 12  ? -0.344  2.118   -13.797 1.00 38.05  ? 51  LEU A O   1 
ATOM   79   C  CB  . LEU A 1 12  ? -0.410  -1.155  -14.513 1.00 44.95  ? 51  LEU A CB  1 
ATOM   80   C  CG  . LEU A 1 12  ? -1.875  -0.868  -14.158 1.00 50.57  ? 51  LEU A CG  1 
ATOM   81   C  CD1 . LEU A 1 12  ? -2.582  -0.183  -15.318 1.00 49.36  ? 51  LEU A CD1 1 
ATOM   82   C  CD2 . LEU A 1 12  ? -2.600  -2.134  -13.750 1.00 47.71  ? 51  LEU A CD2 1 
ATOM   83   N  N   . TRP A 1 13  ? 0.994   0.751   -12.583 1.00 33.54  ? 52  TRP A N   1 
ATOM   84   C  CA  . TRP A 1 13  ? 1.110   1.705   -11.453 1.00 30.92  ? 52  TRP A CA  1 
ATOM   85   C  C   . TRP A 1 13  ? 1.613   3.054   -11.972 1.00 35.34  ? 52  TRP A C   1 
ATOM   86   O  O   . TRP A 1 13  ? 1.072   4.072   -11.527 1.00 36.03  ? 52  TRP A O   1 
ATOM   87   C  CB  . TRP A 1 13  ? 2.039   1.180   -10.375 1.00 28.03  ? 52  TRP A CB  1 
ATOM   88   C  CG  . TRP A 1 13  ? 1.412   0.175   -9.475  1.00 25.82  ? 52  TRP A CG  1 
ATOM   89   C  CD1 . TRP A 1 13  ? 1.638   -1.164  -9.446  1.00 27.46  ? 52  TRP A CD1 1 
ATOM   90   C  CD2 . TRP A 1 13  ? 0.529   0.461   -8.377  1.00 28.95  ? 52  TRP A CD2 1 
ATOM   91   N  NE1 . TRP A 1 13  ? 0.896   -1.748  -8.457  1.00 27.90  ? 52  TRP A NE1 1 
ATOM   92   C  CE2 . TRP A 1 13  ? 0.217   -0.769  -7.767  1.00 26.12  ? 52  TRP A CE2 1 
ATOM   93   C  CE3 . TRP A 1 13  ? -0.106  1.622   -7.925  1.00 28.42  ? 52  TRP A CE3 1 
ATOM   94   C  CZ2 . TRP A 1 13  ? -0.663  -0.863  -6.694  1.00 27.67  ? 52  TRP A CZ2 1 
ATOM   95   C  CZ3 . TRP A 1 13  ? -0.947  1.537   -6.837  1.00 28.55  ? 52  TRP A CZ3 1 
ATOM   96   C  CH2 . TRP A 1 13  ? -1.228  0.303   -6.228  1.00 29.81  ? 52  TRP A CH2 1 
ATOM   97   N  N   . LEU A 1 14  ? 2.618   3.066   -12.852 1.00 35.55  ? 53  LEU A N   1 
ATOM   98   C  CA  . LEU A 1 14  ? 3.201   4.348   -13.354 1.00 40.89  ? 53  LEU A CA  1 
ATOM   99   C  C   . LEU A 1 14  ? 2.151   5.180   -14.114 1.00 40.71  ? 53  LEU A C   1 
ATOM   100  O  O   . LEU A 1 14  ? 2.220   6.433   -14.029 1.00 39.57  ? 53  LEU A O   1 
ATOM   101  C  CB  . LEU A 1 14  ? 4.430   4.062   -14.224 1.00 46.67  ? 53  LEU A CB  1 
ATOM   102  C  CG  . LEU A 1 14  ? 5.796   4.103   -13.527 1.00 50.58  ? 53  LEU A CG  1 
ATOM   103  C  CD1 . LEU A 1 14  ? 5.707   3.900   -12.017 1.00 57.31  ? 53  LEU A CD1 1 
ATOM   104  C  CD2 . LEU A 1 14  ? 6.743   3.091   -14.157 1.00 52.89  ? 53  LEU A CD2 1 
ATOM   105  N  N   . ARG A 1 15  ? 1.239   4.543   -14.857 1.00 41.97  ? 54  ARG A N   1 
ATOM   106  C  CA  . ARG A 1 15  ? 0.149   5.275   -15.556 1.00 46.22  ? 54  ARG A CA  1 
ATOM   107  C  C   . ARG A 1 15  ? -0.701  6.002   -14.515 1.00 39.69  ? 54  ARG A C   1 
ATOM   108  O  O   . ARG A 1 15  ? -1.063  7.158   -14.795 1.00 40.77  ? 54  ARG A O   1 
ATOM   109  C  CB  . ARG A 1 15  ? -0.741  4.354   -16.395 1.00 55.08  ? 54  ARG A CB  1 
ATOM   110  C  CG  . ARG A 1 15  ? 0.031   3.428   -17.325 1.00 63.69  ? 54  ARG A CG  1 
ATOM   111  C  CD  . ARG A 1 15  ? -0.037  3.843   -18.771 1.00 67.92  ? 54  ARG A CD  1 
ATOM   112  N  NE  . ARG A 1 15  ? -1.367  3.667   -19.334 1.00 68.67  ? 54  ARG A NE  1 
ATOM   113  C  CZ  . ARG A 1 15  ? -1.868  2.519   -19.783 1.00 69.02  ? 54  ARG A CZ  1 
ATOM   114  N  NH1 . ARG A 1 15  ? -1.181  1.388   -19.720 1.00 71.86  ? 54  ARG A NH1 1 
ATOM   115  N  NH2 . ARG A 1 15  ? -3.085  2.510   -20.281 1.00 65.71  ? 54  ARG A NH2 1 
ATOM   116  N  N   . PHE A 1 16  ? -0.996  5.367   -13.373 1.00 31.86  ? 55  PHE A N   1 
ATOM   117  C  CA  . PHE A 1 16  ? -1.823  5.957   -12.282 1.00 32.68  ? 55  PHE A CA  1 
ATOM   118  C  C   . PHE A 1 16  ? -1.032  7.065   -11.623 1.00 35.90  ? 55  PHE A C   1 
ATOM   119  O  O   . PHE A 1 16  ? -1.547  8.175   -11.424 1.00 34.95  ? 55  PHE A O   1 
ATOM   120  C  CB  . PHE A 1 16  ? -2.221  4.960   -11.192 1.00 31.72  ? 55  PHE A CB  1 
ATOM   121  C  CG  . PHE A 1 16  ? -3.357  4.068   -11.628 1.00 33.16  ? 55  PHE A CG  1 
ATOM   122  C  CD1 . PHE A 1 16  ? -4.667  4.492   -11.489 1.00 32.56  ? 55  PHE A CD1 1 
ATOM   123  C  CD2 . PHE A 1 16  ? -3.114  2.856   -12.246 1.00 30.70  ? 55  PHE A CD2 1 
ATOM   124  C  CE1 . PHE A 1 16  ? -5.718  3.703   -11.940 1.00 33.45  ? 55  PHE A CE1 1 
ATOM   125  C  CE2 . PHE A 1 16  ? -4.162  2.046   -12.651 1.00 31.73  ? 55  PHE A CE2 1 
ATOM   126  C  CZ  . PHE A 1 16  ? -5.458  2.476   -12.507 1.00 32.68  ? 55  PHE A CZ  1 
ATOM   127  N  N   . LYS A 1 17  ? 0.231   6.753   -11.286 1.00 34.59  ? 56  LYS A N   1 
ATOM   128  C  CA  . LYS A 1 17  ? 1.114   7.754   -10.645 1.00 34.43  ? 56  LYS A CA  1 
ATOM   129  C  C   . LYS A 1 17  ? 1.243   8.989   -11.538 1.00 34.35  ? 56  LYS A C   1 
ATOM   130  O  O   . LYS A 1 17  ? 1.180   10.091  -10.939 1.00 34.53  ? 56  LYS A O   1 
ATOM   131  C  CB  . LYS A 1 17  ? 2.483   7.198   -10.232 1.00 36.95  ? 56  LYS A CB  1 
ATOM   132  C  CG  . LYS A 1 17  ? 3.344   8.276   -9.593  1.00 38.43  ? 56  LYS A CG  1 
ATOM   133  C  CD  . LYS A 1 17  ? 4.313   7.827   -8.593  1.00 45.66  ? 56  LYS A CD  1 
ATOM   134  C  CE  . LYS A 1 17  ? 5.129   8.979   -8.057  1.00 40.93  ? 56  LYS A CE  1 
ATOM   135  N  NZ  . LYS A 1 17  ? 6.280   8.409   -7.345  1.00 45.95  ? 56  LYS A NZ  1 
ATOM   136  N  N   . GLU A 1 18  ? 1.417   8.874   -12.866 1.00 36.62  ? 57  GLU A N   1 
ATOM   137  C  CA  . GLU A 1 18  ? 1.633   10.106  -13.686 1.00 40.55  ? 57  GLU A CA  1 
ATOM   138  C  C   . GLU A 1 18  ? 0.377   10.998  -13.605 1.00 39.33  ? 57  GLU A C   1 
ATOM   139  O  O   . GLU A 1 18  ? 0.554   12.213  -13.720 1.00 40.66  ? 57  GLU A O   1 
ATOM   140  C  CB  . GLU A 1 18  ? 2.160   9.842   -15.100 1.00 50.51  ? 57  GLU A CB  1 
ATOM   141  C  CG  . GLU A 1 18  ? 1.330   8.948   -15.991 1.00 62.28  ? 57  GLU A CG  1 
ATOM   142  C  CD  . GLU A 1 18  ? 2.112   8.315   -17.146 1.00 72.62  ? 57  GLU A CD  1 
ATOM   143  O  OE1 . GLU A 1 18  ? 3.375   8.374   -17.120 1.00 72.47  ? 57  GLU A OE1 1 
ATOM   144  O  OE2 . GLU A 1 18  ? 1.465   7.750   -18.080 1.00 57.41  ? 57  GLU A OE2 1 
ATOM   145  N  N   . LEU A 1 19  ? -0.808  10.472  -13.259 1.00 38.90  ? 58  LEU A N   1 
ATOM   146  C  CA  . LEU A 1 19  ? -2.076  11.275  -13.110 1.00 43.03  ? 58  LEU A CA  1 
ATOM   147  C  C   . LEU A 1 19  ? -2.303  11.767  -11.685 1.00 39.57  ? 58  LEU A C   1 
ATOM   148  O  O   . LEU A 1 19  ? -3.328  12.443  -11.451 1.00 35.78  ? 58  LEU A O   1 
ATOM   149  C  CB  . LEU A 1 19  ? -3.280  10.412  -13.490 1.00 40.43  ? 58  LEU A CB  1 
ATOM   150  C  CG  . LEU A 1 19  ? -3.219  9.791   -14.878 1.00 41.50  ? 58  LEU A CG  1 
ATOM   151  C  CD1 . LEU A 1 19  ? -4.395  8.833   -15.074 1.00 48.32  ? 58  LEU A CD1 1 
ATOM   152  C  CD2 . LEU A 1 19  ? -3.208  10.859  -15.958 1.00 41.31  ? 58  LEU A CD2 1 
ATOM   153  N  N   . THR A 1 20  ? -1.451  11.369  -10.741 1.00 33.97  ? 59  THR A N   1 
ATOM   154  C  CA  . THR A 1 20  ? -1.727  11.392  -9.285  1.00 29.14  ? 59  THR A CA  1 
ATOM   155  C  C   . THR A 1 20  ? -2.773  10.341  -8.920  1.00 32.99  ? 59  THR A C   1 
ATOM   156  O  O   . THR A 1 20  ? -4.018  10.534  -9.186  1.00 33.44  ? 59  THR A O   1 
ATOM   157  C  CB  . THR A 1 20  ? -2.137  12.769  -8.762  1.00 33.52  ? 59  THR A CB  1 
ATOM   158  O  OG1 . THR A 1 20  ? -1.210  13.736  -9.236  1.00 35.63  ? 59  THR A OG1 1 
ATOM   159  C  CG2 . THR A 1 20  ? -2.207  12.818  -7.262  1.00 34.45  ? 59  THR A CG2 1 
ATOM   160  N  N   . ASN A 1 21  ? -2.336  9.257   -8.284  1.00 30.34  ? 60  ASN A N   1 
ATOM   161  C  CA  . ASN A 1 21  ? -3.231  8.106   -8.021  1.00 27.82  ? 60  ASN A CA  1 
ATOM   162  C  C   . ASN A 1 21  ? -4.158  8.492   -6.862  1.00 28.60  ? 60  ASN A C   1 
ATOM   163  O  O   . ASN A 1 21  ? -3.795  9.295   -5.988  1.00 31.76  ? 60  ASN A O   1 
ATOM   164  C  CB  . ASN A 1 21  ? -2.412  6.833   -7.786  1.00 27.24  ? 60  ASN A CB  1 
ATOM   165  C  CG  . ASN A 1 21  ? -3.201  5.554   -7.921  1.00 34.23  ? 60  ASN A CG  1 
ATOM   166  O  OD1 . ASN A 1 21  ? -4.423  5.587   -8.170  1.00 32.42  ? 60  ASN A OD1 1 
ATOM   167  N  ND2 . ASN A 1 21  ? -2.489  4.431   -7.815  1.00 29.35  ? 60  ASN A ND2 1 
ATOM   168  N  N   . GLU A 1 22  ? -5.343  7.903   -6.824  1.00 29.35  ? 61  GLU A N   1 
ATOM   169  C  CA  . GLU A 1 22  ? -6.307  8.108   -5.727  1.00 26.99  ? 61  GLU A CA  1 
ATOM   170  C  C   . GLU A 1 22  ? -6.805  6.733   -5.315  1.00 29.52  ? 61  GLU A C   1 
ATOM   171  O  O   . GLU A 1 22  ? -6.997  5.917   -6.257  1.00 34.10  ? 61  GLU A O   1 
ATOM   172  C  CB  . GLU A 1 22  ? -7.509  8.954   -6.198  1.00 32.47  ? 61  GLU A CB  1 
ATOM   173  C  CG  . GLU A 1 22  ? -7.156  10.248  -6.886  1.00 32.27  ? 61  GLU A CG  1 
ATOM   174  C  CD  . GLU A 1 22  ? -8.341  11.107  -7.347  1.00 30.62  ? 61  GLU A CD  1 
ATOM   175  O  OE1 . GLU A 1 22  ? -8.142  11.939  -8.221  1.00 34.36  ? 61  GLU A OE1 1 
ATOM   176  O  OE2 . GLU A 1 22  ? -9.425  10.956  -6.788  1.00 38.55  ? 61  GLU A OE2 1 
ATOM   177  N  N   . MET A 1 23  ? -7.046  6.505   -4.030  1.00 29.24  ? 62  MET A N   1 
ATOM   178  C  CA  . MET A 1 23  ? -7.608  5.252   -3.498  1.00 32.93  ? 62  MET A CA  1 
ATOM   179  C  C   . MET A 1 23  ? -8.820  5.592   -2.649  1.00 34.03  ? 62  MET A C   1 
ATOM   180  O  O   . MET A 1 23  ? -8.717  6.420   -1.740  1.00 31.67  ? 62  MET A O   1 
ATOM   181  C  CB  . MET A 1 23  ? -6.645  4.442   -2.617  1.00 33.98  ? 62  MET A CB  1 
ATOM   182  C  CG  . MET A 1 23  ? -5.553  3.827   -3.404  1.00 34.05  ? 62  MET A CG  1 
ATOM   183  S  SD  . MET A 1 23  ? -6.030  2.421   -4.484  1.00 32.86  ? 62  MET A SD  1 
ATOM   184  C  CE  . MET A 1 23  ? -4.462  2.263   -5.324  1.00 33.47  ? 62  MET A CE  1 
ATOM   185  N  N   . ILE A 1 24  ? -9.953  4.948   -2.936  1.00 33.35  ? 63  ILE A N   1 
ATOM   186  C  CA  . ILE A 1 24  ? -11.188 5.192   -2.141  1.00 35.04  ? 63  ILE A CA  1 
ATOM   187  C  C   . ILE A 1 24  ? -11.054 4.562   -0.766  1.00 35.87  ? 63  ILE A C   1 
ATOM   188  O  O   . ILE A 1 24  ? -10.610 3.384   -0.667  1.00 38.75  ? 63  ILE A O   1 
ATOM   189  C  CB  . ILE A 1 24  ? -12.440 4.628   -2.831  1.00 39.73  ? 63  ILE A CB  1 
ATOM   190  C  CG1 . ILE A 1 24  ? -12.572 5.131   -4.260  1.00 46.42  ? 63  ILE A CG1 1 
ATOM   191  C  CG2 . ILE A 1 24  ? -13.648 4.954   -1.953  1.00 43.81  ? 63  ILE A CG2 1 
ATOM   192  C  CD1 . ILE A 1 24  ? -13.168 6.489   -4.350  1.00 46.56  ? 63  ILE A CD1 1 
ATOM   193  N  N   . VAL A 1 25  ? -11.478 5.312   0.242   1.00 36.21  ? 64  VAL A N   1 
ATOM   194  C  CA  . VAL A 1 25  ? -11.653 4.839   1.639   1.00 40.88  ? 64  VAL A CA  1 
ATOM   195  C  C   . VAL A 1 25  ? -13.144 4.964   1.982   1.00 43.10  ? 64  VAL A C   1 
ATOM   196  O  O   . VAL A 1 25  ? -13.776 5.873   1.473   1.00 44.36  ? 64  VAL A O   1 
ATOM   197  C  CB  . VAL A 1 25  ? -10.748 5.654   2.564   1.00 38.71  ? 64  VAL A CB  1 
ATOM   198  C  CG1 . VAL A 1 25  ? -9.301  5.440   2.161   1.00 42.55  ? 64  VAL A CG1 1 
ATOM   199  C  CG2 . VAL A 1 25  ? -11.079 7.135   2.524   1.00 42.09  ? 64  VAL A CG2 1 
ATOM   200  N  N   . THR A 1 26  ? -13.689 4.015   2.728   1.00 47.01  ? 65  THR A N   1 
ATOM   201  C  CA  . THR A 1 26  ? -15.125 3.980   3.117   1.00 50.32  ? 65  THR A CA  1 
ATOM   202  C  C   . THR A 1 26  ? -15.139 3.626   4.595   1.00 57.17  ? 65  THR A C   1 
ATOM   203  O  O   . THR A 1 26  ? -14.065 3.225   5.099   1.00 48.39  ? 65  THR A O   1 
ATOM   204  C  CB  . THR A 1 26  ? -15.929 2.952   2.311   1.00 43.52  ? 65  THR A CB  1 
ATOM   205  O  OG1 . THR A 1 26  ? -15.445 1.680   2.734   1.00 47.50  ? 65  THR A OG1 1 
ATOM   206  C  CG2 . THR A 1 26  ? -15.834 3.138   0.812   1.00 44.71  ? 65  THR A CG2 1 
ATOM   207  N  N   . LYS A 1 27  ? -16.289 3.718   5.256   1.00 52.49  ? 66  LYS A N   1 
ATOM   208  C  CA  . LYS A 1 27  ? -16.362 3.425   6.708   1.00 54.75  ? 66  LYS A CA  1 
ATOM   209  C  C   . LYS A 1 27  ? -16.090 1.932   6.911   1.00 52.60  ? 66  LYS A C   1 
ATOM   210  O  O   . LYS A 1 27  ? -15.487 1.593   7.943   1.00 49.85  ? 66  LYS A O   1 
ATOM   211  C  CB  . LYS A 1 27  ? -17.710 3.840   7.301   1.00 61.11  ? 66  LYS A CB  1 
ATOM   212  C  CG  . LYS A 1 27  ? -18.018 3.288   8.689   1.00 62.51  ? 66  LYS A CG  1 
ATOM   213  C  CD  . LYS A 1 27  ? -19.216 3.970   9.334   1.00 76.47  ? 66  LYS A CD  1 
ATOM   214  C  CE  . LYS A 1 27  ? -20.117 3.015   10.088  1.00 80.78  ? 66  LYS A CE  1 
ATOM   215  N  NZ  . LYS A 1 27  ? -20.883 2.148   9.160   1.00 81.61  ? 66  LYS A NZ  1 
ATOM   216  N  N   . ASN A 1 28  ? -16.520 1.090   5.963   1.00 55.33  ? 67  ASN A N   1 
ATOM   217  C  CA  . ASN A 1 28  ? -16.484 -0.392  6.087   1.00 60.22  ? 67  ASN A CA  1 
ATOM   218  C  C   . ASN A 1 28  ? -15.169 -0.908  5.485   1.00 55.74  ? 67  ASN A C   1 
ATOM   219  O  O   . ASN A 1 28  ? -14.722 -2.020  5.851   1.00 45.38  ? 67  ASN A O   1 
ATOM   220  C  CB  . ASN A 1 28  ? -17.751 -1.022  5.497   1.00 67.08  ? 67  ASN A CB  1 
ATOM   221  C  CG  . ASN A 1 28  ? -18.808 -1.332  6.543   1.00 73.58  ? 67  ASN A CG  1 
ATOM   222  O  OD1 . ASN A 1 28  ? -19.141 -0.497  7.387   1.00 66.29  ? 67  ASN A OD1 1 
ATOM   223  N  ND2 . ASN A 1 28  ? -19.341 -2.544  6.499   1.00 77.91  ? 67  ASN A ND2 1 
ATOM   224  N  N   . GLY A 1 29  ? -14.544 -0.103  4.626   1.00 55.10  ? 68  GLY A N   1 
ATOM   225  C  CA  . GLY A 1 29  ? -13.223 -0.412  4.055   1.00 46.64  ? 68  GLY A CA  1 
ATOM   226  C  C   . GLY A 1 29  ? -13.366 -0.879  2.636   1.00 44.87  ? 68  GLY A C   1 
ATOM   227  O  O   . GLY A 1 29  ? -14.292 -1.672  2.362   1.00 48.40  ? 68  GLY A O   1 
ATOM   228  N  N   . ARG A 1 30  ? -12.511 -0.371  1.762   1.00 36.89  ? 69  ARG A N   1 
ATOM   229  C  CA  . ARG A 1 30  ? -12.522 -0.612  0.305   1.00 37.12  ? 69  ARG A CA  1 
ATOM   230  C  C   . ARG A 1 30  ? -11.198 -1.254  -0.079  1.00 39.69  ? 69  ARG A C   1 
ATOM   231  O  O   . ARG A 1 30  ? -10.142 -0.761  0.380   1.00 36.37  ? 69  ARG A O   1 
ATOM   232  C  CB  . ARG A 1 30  ? -12.760 0.697   -0.447  1.00 37.22  ? 69  ARG A CB  1 
ATOM   233  C  CG  . ARG A 1 30  ? -12.818 0.563   -1.956  1.00 40.89  ? 69  ARG A CG  1 
ATOM   234  C  CD  . ARG A 1 30  ? -14.086 -0.181  -2.395  1.00 44.98  ? 69  ARG A CD  1 
ATOM   235  N  NE  . ARG A 1 30  ? -15.269 0.619   -2.112  1.00 54.03  ? 69  ARG A NE  1 
ATOM   236  C  CZ  . ARG A 1 30  ? -15.730 1.602   -2.890  1.00 53.48  ? 69  ARG A CZ  1 
ATOM   237  N  NH1 . ARG A 1 30  ? -16.814 2.268   -2.531  1.00 56.75  ? 69  ARG A NH1 1 
ATOM   238  N  NH2 . ARG A 1 30  ? -15.113 1.915   -4.016  1.00 53.43  ? 69  ARG A NH2 1 
ATOM   239  N  N   . ARG A 1 31  ? -11.254 -2.297  -0.907  1.00 38.64  ? 70  ARG A N   1 
ATOM   240  C  CA  . ARG A 1 31  ? -10.048 -2.928  -1.482  1.00 39.98  ? 70  ARG A CA  1 
ATOM   241  C  C   . ARG A 1 31  ? -9.428  -1.986  -2.522  1.00 35.49  ? 70  ARG A C   1 
ATOM   242  O  O   . ARG A 1 31  ? -10.115 -1.109  -3.092  1.00 35.07  ? 70  ARG A O   1 
ATOM   243  C  CB  . ARG A 1 31  ? -10.350 -4.327  -2.023  1.00 41.67  ? 70  ARG A CB  1 
ATOM   244  C  CG  . ARG A 1 31  ? -10.303 -5.373  -0.923  1.00 49.08  ? 70  ARG A CG  1 
ATOM   245  C  CD  . ARG A 1 31  ? -11.491 -6.299  -0.883  1.00 63.21  ? 70  ARG A CD  1 
ATOM   246  N  NE  . ARG A 1 31  ? -11.360 -7.492  -1.709  1.00 70.69  ? 70  ARG A NE  1 
ATOM   247  C  CZ  . ARG A 1 31  ? -12.391 -8.237  -2.132  1.00 79.73  ? 70  ARG A CZ  1 
ATOM   248  N  NH1 . ARG A 1 31  ? -13.641 -7.899  -1.830  1.00 79.04  ? 70  ARG A NH1 1 
ATOM   249  N  NH2 . ARG A 1 31  ? -12.166 -9.321  -2.861  1.00 75.82  ? 70  ARG A NH2 1 
ATOM   250  N  N   . MET A 1 32  ? -8.115  -2.106  -2.664  1.00 34.31  ? 71  MET A N   1 
ATOM   251  C  CA  . MET A 1 32  ? -7.259  -1.312  -3.562  1.00 33.01  ? 71  MET A CA  1 
ATOM   252  C  C   . MET A 1 32  ? -7.337  -1.840  -4.987  1.00 31.51  ? 71  MET A C   1 
ATOM   253  O  O   . MET A 1 32  ? -7.340  -3.099  -5.184  1.00 33.08  ? 71  MET A O   1 
ATOM   254  C  CB  . MET A 1 32  ? -5.789  -1.425  -3.097  1.00 33.15  ? 71  MET A CB  1 
ATOM   255  C  CG  . MET A 1 32  ? -5.565  -0.781  -1.735  1.00 35.22  ? 71  MET A CG  1 
ATOM   256  S  SD  . MET A 1 32  ? -3.841  -0.960  -1.189  1.00 31.90  ? 71  MET A SD  1 
ATOM   257  C  CE  . MET A 1 32  ? -3.007  0.042   -2.399  1.00 33.99  ? 71  MET A CE  1 
ATOM   258  N  N   . PHE A 1 33  ? -7.319  -0.917  -5.946  1.00 30.87  ? 72  PHE A N   1 
ATOM   259  C  CA  . PHE A 1 33  ? -7.015  -1.177  -7.370  1.00 31.92  ? 72  PHE A CA  1 
ATOM   260  C  C   . PHE A 1 33  ? -6.132  -0.036  -7.838  1.00 35.47  ? 72  PHE A C   1 
ATOM   261  O  O   . PHE A 1 33  ? -6.502  1.136   -7.717  1.00 39.42  ? 72  PHE A O   1 
ATOM   262  C  CB  . PHE A 1 33  ? -8.247  -1.222  -8.304  1.00 34.63  ? 72  PHE A CB  1 
ATOM   263  C  CG  . PHE A 1 33  ? -7.848  -1.667  -9.695  1.00 35.70  ? 72  PHE A CG  1 
ATOM   264  C  CD1 . PHE A 1 33  ? -7.588  -3.009  -9.947  1.00 35.45  ? 72  PHE A CD1 1 
ATOM   265  C  CD2 . PHE A 1 33  ? -7.511  -0.752  -10.676 1.00 37.17  ? 72  PHE A CD2 1 
ATOM   266  C  CE1 . PHE A 1 33  ? -7.104  -3.420  -11.186 1.00 35.90  ? 72  PHE A CE1 1 
ATOM   267  C  CE2 . PHE A 1 33  ? -7.034  -1.157  -11.919 1.00 37.11  ? 72  PHE A CE2 1 
ATOM   268  C  CZ  . PHE A 1 33  ? -6.845  -2.499  -12.175 1.00 38.12  ? 72  PHE A CZ  1 
ATOM   269  N  N   . PRO A 1 34  ? -4.974  -0.306  -8.438  1.00 32.47  ? 73  PRO A N   1 
ATOM   270  C  CA  . PRO A 1 34  ? -4.401  -1.647  -8.534  1.00 34.46  ? 73  PRO A CA  1 
ATOM   271  C  C   . PRO A 1 34  ? -4.040  -2.248  -7.165  1.00 31.10  ? 73  PRO A C   1 
ATOM   272  O  O   . PRO A 1 34  ? -3.962  -1.585  -6.148  1.00 30.64  ? 73  PRO A O   1 
ATOM   273  C  CB  . PRO A 1 34  ? -3.160  -1.483  -9.410  1.00 38.48  ? 73  PRO A CB  1 
ATOM   274  C  CG  . PRO A 1 34  ? -3.301  -0.118  -10.053 1.00 36.83  ? 73  PRO A CG  1 
ATOM   275  C  CD  . PRO A 1 34  ? -4.180  0.702   -9.144  1.00 36.02  ? 73  PRO A CD  1 
ATOM   276  N  N   . VAL A 1 35  ? -3.928  -3.559  -7.170  1.00 33.96  ? 74  VAL A N   1 
ATOM   277  C  CA  . VAL A 1 35  ? -3.471  -4.356  -6.012  1.00 31.45  ? 74  VAL A CA  1 
ATOM   278  C  C   . VAL A 1 35  ? -1.944  -4.282  -5.973  1.00 28.81  ? 74  VAL A C   1 
ATOM   279  O  O   . VAL A 1 35  ? -1.303  -4.489  -7.016  1.00 30.89  ? 74  VAL A O   1 
ATOM   280  C  CB  . VAL A 1 35  ? -3.899  -5.823  -6.167  1.00 35.34  ? 74  VAL A CB  1 
ATOM   281  C  CG1 . VAL A 1 35  ? -3.218  -6.691  -5.121  1.00 35.46  ? 74  VAL A CG1 1 
ATOM   282  C  CG2 . VAL A 1 35  ? -5.417  -5.967  -6.137  1.00 38.84  ? 74  VAL A CG2 1 
ATOM   283  N  N   . LEU A 1 36  ? -1.407  -4.095  -4.795  1.00 30.72  ? 75  LEU A N   1 
ATOM   284  C  CA  . LEU A 1 36  ? 0.061   -4.183  -4.613  1.00 30.48  ? 75  LEU A CA  1 
ATOM   285  C  C   . LEU A 1 36  ? 0.458   -5.658  -4.705  1.00 29.20  ? 75  LEU A C   1 
ATOM   286  O  O   . LEU A 1 36  ? 0.016   -6.462  -3.863  1.00 30.14  ? 75  LEU A O   1 
ATOM   287  C  CB  . LEU A 1 36  ? 0.453   -3.574  -3.281  1.00 33.14  ? 75  LEU A CB  1 
ATOM   288  C  CG  . LEU A 1 36  ? 1.930   -3.686  -2.913  1.00 36.95  ? 75  LEU A CG  1 
ATOM   289  C  CD1 . LEU A 1 36  ? 2.769   -2.830  -3.817  1.00 40.55  ? 75  LEU A CD1 1 
ATOM   290  C  CD2 . LEU A 1 36  ? 2.143   -3.263  -1.471  1.00 40.11  ? 75  LEU A CD2 1 
ATOM   291  N  N   . LYS A 1 37  ? 1.274   -5.991  -5.687  1.00 31.20  ? 76  LYS A N   1 
ATOM   292  C  CA  . LYS A 1 37  ? 1.831   -7.368  -5.879  1.00 32.85  ? 76  LYS A CA  1 
ATOM   293  C  C   . LYS A 1 37  ? 3.355   -7.240  -5.885  1.00 34.91  ? 76  LYS A C   1 
ATOM   294  O  O   . LYS A 1 37  ? 3.858   -6.351  -6.634  1.00 37.94  ? 76  LYS A O   1 
ATOM   295  C  CB  . LYS A 1 37  ? 1.286   -7.942  -7.189  1.00 39.16  ? 76  LYS A CB  1 
ATOM   296  C  CG  . LYS A 1 37  ? -0.230  -8.103  -7.172  1.00 37.87  ? 76  LYS A CG  1 
ATOM   297  C  CD  . LYS A 1 37  ? -0.809  -8.557  -8.486  1.00 45.77  ? 76  LYS A CD  1 
ATOM   298  C  CE  . LYS A 1 37  ? -2.322  -8.550  -8.438  1.00 49.99  ? 76  LYS A CE  1 
ATOM   299  N  NZ  . LYS A 1 37  ? -2.883  -9.461  -9.462  1.00 59.24  ? 76  LYS A NZ  1 
ATOM   300  N  N   . VAL A 1 38  ? 4.067   -8.051  -5.098  1.00 37.18  ? 77  VAL A N   1 
ATOM   301  C  CA  . VAL A 1 38  ? 5.535   -7.896  -4.909  1.00 39.47  ? 77  VAL A CA  1 
ATOM   302  C  C   . VAL A 1 38  ? 6.237   -9.187  -5.341  1.00 40.79  ? 77  VAL A C   1 
ATOM   303  O  O   . VAL A 1 38  ? 5.810   -10.264 -4.948  1.00 35.54  ? 77  VAL A O   1 
ATOM   304  C  CB  . VAL A 1 38  ? 5.869   -7.516  -3.459  1.00 43.85  ? 77  VAL A CB  1 
ATOM   305  C  CG1 . VAL A 1 38  ? 5.135   -6.247  -3.053  1.00 50.44  ? 77  VAL A CG1 1 
ATOM   306  C  CG2 . VAL A 1 38  ? 5.533   -8.624  -2.500  1.00 52.56  ? 77  VAL A CG2 1 
ATOM   307  N  N   . ASN A 1 39  ? 7.278   -9.053  -6.146  1.00 38.29  ? 78  ASN A N   1 
ATOM   308  C  CA  . ASN A 1 39  ? 8.185   -10.156 -6.501  1.00 40.18  ? 78  ASN A CA  1 
ATOM   309  C  C   . ASN A 1 39  ? 9.268   -10.182 -5.421  1.00 37.74  ? 78  ASN A C   1 
ATOM   310  O  O   . ASN A 1 39  ? 9.871   -9.127  -5.111  1.00 38.69  ? 78  ASN A O   1 
ATOM   311  C  CB  . ASN A 1 39  ? 8.645   -10.005 -7.953  1.00 47.92  ? 78  ASN A CB  1 
ATOM   312  C  CG  . ASN A 1 39  ? 7.494   -10.151 -8.924  1.00 53.01  ? 78  ASN A CG  1 
ATOM   313  O  OD1 . ASN A 1 39  ? 6.654   -11.039 -8.778  1.00 59.97  ? 78  ASN A OD1 1 
ATOM   314  N  ND2 . ASN A 1 39  ? 7.427   -9.272  -9.907  1.00 56.07  ? 78  ASN A ND2 1 
ATOM   315  N  N   . VAL A 1 40  ? 9.449   -11.332 -4.780  1.00 37.58  ? 79  VAL A N   1 
ATOM   316  C  CA  . VAL A 1 40  ? 10.511  -11.496 -3.752  1.00 39.61  ? 79  VAL A CA  1 
ATOM   317  C  C   . VAL A 1 40  ? 11.404  -12.664 -4.171  1.00 42.27  ? 79  VAL A C   1 
ATOM   318  O  O   . VAL A 1 40  ? 10.870  -13.712 -4.554  1.00 43.97  ? 79  VAL A O   1 
ATOM   319  C  CB  . VAL A 1 40  ? 9.888   -11.708 -2.368  1.00 42.24  ? 79  VAL A CB  1 
ATOM   320  C  CG1 . VAL A 1 40  ? 10.921  -12.040 -1.322  1.00 44.86  ? 79  VAL A CG1 1 
ATOM   321  C  CG2 . VAL A 1 40  ? 9.078   -10.481 -1.957  1.00 42.48  ? 79  VAL A CG2 1 
ATOM   322  N  N   . SER A 1 41  ? 12.716  -12.455 -4.128  1.00 43.87  ? 80  SER A N   1 
ATOM   323  C  CA  . SER A 1 41  ? 13.716  -13.540 -4.257  1.00 41.52  ? 80  SER A CA  1 
ATOM   324  C  C   . SER A 1 41  ? 14.749  -13.397 -3.151  1.00 39.25  ? 80  SER A C   1 
ATOM   325  O  O   . SER A 1 41  ? 14.813  -12.348 -2.485  1.00 42.78  ? 80  SER A O   1 
ATOM   326  C  CB  . SER A 1 41  ? 14.349  -13.544 -5.621  1.00 46.08  ? 80  SER A CB  1 
ATOM   327  O  OG  . SER A 1 41  ? 14.951  -12.291 -5.919  1.00 44.21  ? 80  SER A OG  1 
ATOM   328  N  N   . GLY A 1 42  ? 15.536  -14.449 -2.950  1.00 45.95  ? 81  GLY A N   1 
ATOM   329  C  CA  . GLY A 1 42  ? 16.673  -14.421 -2.022  1.00 39.41  ? 81  GLY A CA  1 
ATOM   330  C  C   . GLY A 1 42  ? 16.262  -14.671 -0.595  1.00 41.96  ? 81  GLY A C   1 
ATOM   331  O  O   . GLY A 1 42  ? 17.100  -14.489 0.269   1.00 44.14  ? 81  GLY A O   1 
ATOM   332  N  N   . LEU A 1 43  ? 15.009  -15.060 -0.324  1.00 41.79  ? 82  LEU A N   1 
ATOM   333  C  CA  . LEU A 1 43  ? 14.638  -15.596 1.012   1.00 39.20  ? 82  LEU A CA  1 
ATOM   334  C  C   . LEU A 1 43  ? 15.246  -17.001 1.149   1.00 43.94  ? 82  LEU A C   1 
ATOM   335  O  O   . LEU A 1 43  ? 15.498  -17.655 0.121   1.00 39.65  ? 82  LEU A O   1 
ATOM   336  C  CB  . LEU A 1 43  ? 13.117  -15.688 1.154   1.00 42.56  ? 82  LEU A CB  1 
ATOM   337  C  CG  . LEU A 1 43  ? 12.358  -14.360 1.172   1.00 40.68  ? 82  LEU A CG  1 
ATOM   338  C  CD1 . LEU A 1 43  ? 10.872  -14.594 1.412   1.00 44.16  ? 82  LEU A CD1 1 
ATOM   339  C  CD2 . LEU A 1 43  ? 12.920  -13.431 2.221   1.00 41.12  ? 82  LEU A CD2 1 
ATOM   340  N  N   . ASP A 1 44  ? 15.424  -17.449 2.387   1.00 45.34  ? 83  ASP A N   1 
ATOM   341  C  CA  . ASP A 1 44  ? 15.730  -18.867 2.705   1.00 43.90  ? 83  ASP A CA  1 
ATOM   342  C  C   . ASP A 1 44  ? 14.447  -19.671 2.492   1.00 45.64  ? 83  ASP A C   1 
ATOM   343  O  O   . ASP A 1 44  ? 13.457  -19.465 3.190   1.00 45.13  ? 83  ASP A O   1 
ATOM   344  C  CB  . ASP A 1 44  ? 16.358  -18.951 4.092   1.00 47.60  ? 83  ASP A CB  1 
ATOM   345  C  CG  . ASP A 1 44  ? 16.802  -20.352 4.474   1.00 49.36  ? 83  ASP A CG  1 
ATOM   346  O  OD1 . ASP A 1 44  ? 16.356  -21.314 3.818   1.00 48.82  ? 83  ASP A OD1 1 
ATOM   347  O  OD2 . ASP A 1 44  ? 17.565  -20.450 5.421   1.00 53.59  ? 83  ASP A OD2 1 
ATOM   348  N  N   . PRO A 1 45  ? 14.395  -20.570 1.480   1.00 42.86  ? 84  PRO A N   1 
ATOM   349  C  CA  . PRO A 1 45  ? 13.183  -21.318 1.173   1.00 43.75  ? 84  PRO A CA  1 
ATOM   350  C  C   . PRO A 1 45  ? 12.623  -21.998 2.428   1.00 44.13  ? 84  PRO A C   1 
ATOM   351  O  O   . PRO A 1 45  ? 11.435  -22.163 2.532   1.00 43.27  ? 84  PRO A O   1 
ATOM   352  C  CB  . PRO A 1 45  ? 13.630  -22.362 0.131   1.00 44.89  ? 84  PRO A CB  1 
ATOM   353  C  CG  . PRO A 1 45  ? 14.912  -21.839 -0.448  1.00 45.00  ? 84  PRO A CG  1 
ATOM   354  C  CD  . PRO A 1 45  ? 15.523  -20.948 0.610   1.00 47.46  ? 84  PRO A CD  1 
ATOM   355  N  N   . ASN A 1 46  ? 13.500  -22.322 3.381   1.00 49.15  ? 85  ASN A N   1 
ATOM   356  C  CA  . ASN A 1 46  ? 13.192  -23.167 4.564   1.00 45.44  ? 85  ASN A CA  1 
ATOM   357  C  C   . ASN A 1 46  ? 12.910  -22.320 5.799   1.00 43.46  ? 85  ASN A C   1 
ATOM   358  O  O   . ASN A 1 46  ? 12.473  -22.907 6.805   1.00 44.71  ? 85  ASN A O   1 
ATOM   359  C  CB  . ASN A 1 46  ? 14.323  -24.170 4.788   1.00 50.18  ? 85  ASN A CB  1 
ATOM   360  C  CG  . ASN A 1 46  ? 14.250  -25.241 3.727   1.00 52.60  ? 85  ASN A CG  1 
ATOM   361  O  OD1 . ASN A 1 46  ? 13.239  -25.934 3.651   1.00 54.80  ? 85  ASN A OD1 1 
ATOM   362  N  ND2 . ASN A 1 46  ? 15.269  -25.340 2.887   1.00 57.68  ? 85  ASN A ND2 1 
ATOM   363  N  N   . ALA A 1 47  ? 13.187  -21.010 5.753   1.00 43.68  ? 86  ALA A N   1 
ATOM   364  C  CA  . ALA A 1 47  ? 12.973  -20.075 6.877   1.00 39.48  ? 86  ALA A CA  1 
ATOM   365  C  C   . ALA A 1 47  ? 11.511  -19.627 6.862   1.00 36.70  ? 86  ALA A C   1 
ATOM   366  O  O   . ALA A 1 47  ? 10.822  -19.792 5.848   1.00 38.66  ? 86  ALA A O   1 
ATOM   367  C  CB  . ALA A 1 47  ? 13.925  -18.895 6.816   1.00 41.07  ? 86  ALA A CB  1 
ATOM   368  N  N   . MET A 1 48  ? 11.054  -19.112 7.988   1.00 41.79  ? 87  MET A N   1 
ATOM   369  C  CA  . MET A 1 48  ? 9.652   -18.690 8.202   1.00 37.95  ? 87  MET A CA  1 
ATOM   370  C  C   . MET A 1 48  ? 9.629   -17.160 8.122   1.00 34.19  ? 87  MET A C   1 
ATOM   371  O  O   . MET A 1 48  ? 10.481  -16.544 8.708   1.00 37.27  ? 87  MET A O   1 
ATOM   372  C  CB  . MET A 1 48  ? 9.193   -19.165 9.580   1.00 42.95  ? 87  MET A CB  1 
ATOM   373  C  CG  . MET A 1 48  ? 9.374   -20.680 9.783   1.00 52.71  ? 87  MET A CG  1 
ATOM   374  S  SD  . MET A 1 48  ? 7.816   -21.594 9.746   1.00 56.43  ? 87  MET A SD  1 
ATOM   375  C  CE  . MET A 1 48  ? 6.954   -20.531 8.585   1.00 38.53  ? 87  MET A CE  1 
ATOM   376  N  N   . TYR A 1 49  ? 8.708   -16.601 7.322   0.44 37.18  ? 88  TYR A N   1 
ATOM   377  C  CA  . TYR A 1 49  ? 8.564   -15.139 7.069   0.44 36.35  ? 88  TYR A CA  1 
ATOM   378  C  C   . TYR A 1 49  ? 7.084   -14.737 7.094   0.44 35.90  ? 88  TYR A C   1 
ATOM   379  O  O   . TYR A 1 49  ? 6.223   -15.538 6.686   0.44 34.78  ? 88  TYR A O   1 
ATOM   380  C  CB  . TYR A 1 49  ? 9.158   -14.734 5.718   0.44 36.58  ? 88  TYR A CB  1 
ATOM   381  C  CG  . TYR A 1 49  ? 10.618  -15.057 5.525   0.44 39.48  ? 88  TYR A CG  1 
ATOM   382  C  CD1 . TYR A 1 49  ? 11.614  -14.230 6.023   0.44 40.05  ? 88  TYR A CD1 1 
ATOM   383  C  CD2 . TYR A 1 49  ? 11.006  -16.190 4.828   0.44 40.34  ? 88  TYR A CD2 1 
ATOM   384  C  CE1 . TYR A 1 49  ? 12.956  -14.529 5.848   0.44 41.80  ? 88  TYR A CE1 1 
ATOM   385  C  CE2 . TYR A 1 49  ? 12.343  -16.499 4.639   0.44 41.32  ? 88  TYR A CE2 1 
ATOM   386  C  CZ  . TYR A 1 49  ? 13.322  -15.669 5.153   0.44 41.39  ? 88  TYR A CZ  1 
ATOM   387  O  OH  . TYR A 1 49  ? 14.636  -15.976 4.963   0.44 41.95  ? 88  TYR A OH  1 
ATOM   388  N  N   . SER A 1 50  ? 6.807   -13.512 7.548   0.44 33.29  ? 89  SER A N   1 
ATOM   389  C  CA  . SER A 1 50  ? 5.459   -12.892 7.571   0.44 32.85  ? 89  SER A CA  1 
ATOM   390  C  C   . SER A 1 50  ? 5.516   -11.514 6.909   0.44 34.29  ? 89  SER A C   1 
ATOM   391  O  O   . SER A 1 50  ? 6.330   -10.680 7.366   0.44 34.49  ? 89  SER A O   1 
ATOM   392  C  CB  . SER A 1 50  ? 4.940   -12.804 8.968   0.44 32.05  ? 89  SER A CB  1 
ATOM   393  O  OG  . SER A 1 50  ? 4.627   -14.096 9.453   0.44 31.86  ? 89  SER A OG  1 
ATOM   394  N  N   . PHE A 1 51  ? 4.702   -11.315 5.866   0.44 33.25  ? 90  PHE A N   1 
ATOM   395  C  CA  . PHE A 1 51  ? 4.662   -10.081 5.039   0.44 33.61  ? 90  PHE A CA  1 
ATOM   396  C  C   . PHE A 1 51  ? 3.645   -9.109  5.636   0.44 35.48  ? 90  PHE A C   1 
ATOM   397  O  O   . PHE A 1 51  ? 2.439   -9.445  5.738   0.44 34.13  ? 90  PHE A O   1 
ATOM   398  C  CB  . PHE A 1 51  ? 4.350   -10.397 3.578   0.44 34.20  ? 90  PHE A CB  1 
ATOM   399  C  CG  . PHE A 1 51  ? 5.543   -10.847 2.777   0.44 34.69  ? 90  PHE A CG  1 
ATOM   400  C  CD1 . PHE A 1 51  ? 5.994   -10.102 1.699   0.44 36.01  ? 90  PHE A CD1 1 
ATOM   401  C  CD2 . PHE A 1 51  ? 6.220   -12.010 3.105   0.44 34.85  ? 90  PHE A CD2 1 
ATOM   402  C  CE1 . PHE A 1 51  ? 7.079   -10.530 0.952   0.44 37.04  ? 90  PHE A CE1 1 
ATOM   403  C  CE2 . PHE A 1 51  ? 7.312   -12.430 2.364   0.44 36.67  ? 90  PHE A CE2 1 
ATOM   404  C  CZ  . PHE A 1 51  ? 7.743   -11.688 1.292   0.44 36.66  ? 90  PHE A CZ  1 
ATOM   405  N  N   . LEU A 1 52  ? 4.143   -7.935  6.030   0.44 34.65  ? 91  LEU A N   1 
ATOM   406  C  CA  . LEU A 1 52  ? 3.371   -6.846  6.676   0.44 32.37  ? 91  LEU A CA  1 
ATOM   407  C  C   . LEU A 1 52  ? 3.305   -5.659  5.708   0.44 31.42  ? 91  LEU A C   1 
ATOM   408  O  O   . LEU A 1 52  ? 4.320   -5.405  5.028   0.44 30.32  ? 91  LEU A O   1 
ATOM   409  C  CB  . LEU A 1 52  ? 4.065   -6.461  7.984   0.44 34.68  ? 91  LEU A CB  1 
ATOM   410  C  CG  . LEU A 1 52  ? 3.658   -7.267  9.220   0.44 37.01  ? 91  LEU A CG  1 
ATOM   411  C  CD1 . LEU A 1 52  ? 3.945   -8.746  9.038   0.44 38.92  ? 91  LEU A CD1 1 
ATOM   412  C  CD2 . LEU A 1 52  ? 4.366   -6.738  10.457  0.44 36.86  ? 91  LEU A CD2 1 
ATOM   413  N  N   . LEU A 1 53  ? 2.159   -4.971  5.663   1.00 28.13  ? 92  LEU A N   1 
ATOM   414  C  CA  . LEU A 1 53  ? 1.928   -3.819  4.771   1.00 29.33  ? 92  LEU A CA  1 
ATOM   415  C  C   . LEU A 1 53  ? 1.517   -2.649  5.663   1.00 25.45  ? 92  LEU A C   1 
ATOM   416  O  O   . LEU A 1 53  ? 0.655   -2.804  6.542   1.00 29.65  ? 92  LEU A O   1 
ATOM   417  C  CB  . LEU A 1 53  ? 0.865   -4.195  3.732   1.00 30.00  ? 92  LEU A CB  1 
ATOM   418  C  CG  . LEU A 1 53  ? 0.337   -3.019  2.912   1.00 27.76  ? 92  LEU A CG  1 
ATOM   419  C  CD1 . LEU A 1 53  ? 1.408   -2.430  2.045   1.00 28.37  ? 92  LEU A CD1 1 
ATOM   420  C  CD2 . LEU A 1 53  ? -0.859  -3.453  2.052   1.00 29.38  ? 92  LEU A CD2 1 
ATOM   421  N  N   . ASP A 1 54  ? 2.127   -1.483  5.458   1.00 28.40  ? 93  ASP A N   1 
ATOM   422  C  CA  . ASP A 1 54  ? 1.648   -0.242  6.105   1.00 26.13  ? 93  ASP A CA  1 
ATOM   423  C  C   . ASP A 1 54  ? 1.728   0.883   5.074   1.00 24.11  ? 93  ASP A C   1 
ATOM   424  O  O   . ASP A 1 54  ? 2.111   0.667   3.934   1.00 25.57  ? 93  ASP A O   1 
ATOM   425  C  CB  . ASP A 1 54  ? 2.351   0.040   7.438   1.00 28.48  ? 93  ASP A CB  1 
ATOM   426  C  CG  . ASP A 1 54  ? 3.854   0.201   7.353   1.00 27.19  ? 93  ASP A CG  1 
ATOM   427  O  OD1 . ASP A 1 54  ? 4.385   0.367   6.225   1.00 28.52  ? 93  ASP A OD1 1 
ATOM   428  O  OD2 . ASP A 1 54  ? 4.460   0.166   8.421   1.00 33.52  ? 93  ASP A OD2 1 
ATOM   429  N  N   . PHE A 1 55  ? 1.239   2.033   5.464   1.00 27.24  ? 94  PHE A N   1 
ATOM   430  C  CA  . PHE A 1 55  ? 1.110   3.212   4.585   1.00 26.30  ? 94  PHE A CA  1 
ATOM   431  C  C   . PHE A 1 55  ? 1.810   4.364   5.299   1.00 26.79  ? 94  PHE A C   1 
ATOM   432  O  O   . PHE A 1 55  ? 1.360   4.788   6.311   1.00 30.67  ? 94  PHE A O   1 
ATOM   433  C  CB  . PHE A 1 55  ? -0.360  3.477   4.264   1.00 24.15  ? 94  PHE A CB  1 
ATOM   434  C  CG  . PHE A 1 55  ? -1.026  2.309   3.579   1.00 25.17  ? 94  PHE A CG  1 
ATOM   435  C  CD1 . PHE A 1 55  ? -0.986  2.202   2.201   1.00 27.96  ? 94  PHE A CD1 1 
ATOM   436  C  CD2 . PHE A 1 55  ? -1.542  1.259   4.316   1.00 29.83  ? 94  PHE A CD2 1 
ATOM   437  C  CE1 . PHE A 1 55  ? -1.562  1.120   1.552   1.00 27.34  ? 94  PHE A CE1 1 
ATOM   438  C  CE2 . PHE A 1 55  ? -2.120  0.176   3.667   1.00 29.10  ? 94  PHE A CE2 1 
ATOM   439  C  CZ  . PHE A 1 55  ? -2.071  0.085   2.297   1.00 27.36  ? 94  PHE A CZ  1 
ATOM   440  N  N   . VAL A 1 56  ? 2.889   4.844   4.716   1.00 30.14  ? 95  VAL A N   1 
ATOM   441  C  CA  . VAL A 1 56  ? 3.615   6.016   5.279   1.00 28.79  ? 95  VAL A CA  1 
ATOM   442  C  C   . VAL A 1 56  ? 2.915   7.255   4.750   1.00 25.31  ? 95  VAL A C   1 
ATOM   443  O  O   . VAL A 1 56  ? 2.857   7.363   3.519   1.00 26.80  ? 95  VAL A O   1 
ATOM   444  C  CB  . VAL A 1 56  ? 5.071   5.991   4.799   1.00 27.40  ? 95  VAL A CB  1 
ATOM   445  C  CG1 . VAL A 1 56  ? 5.820   7.195   5.328   1.00 27.79  ? 95  VAL A CG1 1 
ATOM   446  C  CG2 . VAL A 1 56  ? 5.746   4.690   5.192   1.00 30.90  ? 95  VAL A CG2 1 
ATOM   447  N  N   . ALA A 1 57  ? 2.618   8.210   5.625   1.00 28.17  ? 96  ALA A N   1 
ATOM   448  C  CA  . ALA A 1 57  ? 2.177   9.564   5.240   1.00 29.43  ? 96  ALA A CA  1 
ATOM   449  C  C   . ALA A 1 57  ? 3.340   10.241  4.543   1.00 29.97  ? 96  ALA A C   1 
ATOM   450  O  O   . ALA A 1 57  ? 4.365   10.454  5.223   1.00 27.91  ? 96  ALA A O   1 
ATOM   451  C  CB  . ALA A 1 57  ? 1.693   10.300  6.481   1.00 31.16  ? 96  ALA A CB  1 
ATOM   452  N  N   . ALA A 1 58  ? 3.250   10.464  3.222   1.00 28.38  ? 97  ALA A N   1 
ATOM   453  C  CA  . ALA A 1 58  ? 4.363   10.909  2.351   1.00 27.08  ? 97  ALA A CA  1 
ATOM   454  C  C   . ALA A 1 58  ? 4.764   12.362  2.682   1.00 31.07  ? 97  ALA A C   1 
ATOM   455  O  O   . ALA A 1 58  ? 5.943   12.768  2.420   1.00 32.06  ? 97  ALA A O   1 
ATOM   456  C  CB  . ALA A 1 58  ? 4.008   10.785  0.909   1.00 30.44  ? 97  ALA A CB  1 
ATOM   457  N  N   . ASP A 1 59  ? 3.824   13.110  3.227   1.00 30.00  ? 98  ASP A N   1 
ATOM   458  C  CA  . ASP A 1 59  ? 4.026   14.499  3.699   1.00 30.18  ? 98  ASP A CA  1 
ATOM   459  C  C   . ASP A 1 59  ? 3.026   14.732  4.811   1.00 33.26  ? 98  ASP A C   1 
ATOM   460  O  O   . ASP A 1 59  ? 2.224   13.853  5.094   1.00 34.28  ? 98  ASP A O   1 
ATOM   461  C  CB  . ASP A 1 59  ? 3.932   15.469  2.532   1.00 30.00  ? 98  ASP A CB  1 
ATOM   462  C  CG  . ASP A 1 59  ? 2.559   15.430  1.840   1.00 32.13  ? 98  ASP A CG  1 
ATOM   463  O  OD1 . ASP A 1 59  ? 1.567   15.773  2.506   1.00 36.82  ? 98  ASP A OD1 1 
ATOM   464  O  OD2 . ASP A 1 59  ? 2.519   15.066  0.668   1.00 36.57  ? 98  ASP A OD2 1 
ATOM   465  N  N   . ASN A 1 60  ? 3.115   15.886  5.440   1.00 33.87  ? 99  ASN A N   1 
ATOM   466  C  CA  . ASN A 1 60  ? 2.324   16.202  6.633   1.00 34.20  ? 99  ASN A CA  1 
ATOM   467  C  C   . ASN A 1 60  ? 1.131   17.086  6.262   1.00 36.38  ? 99  ASN A C   1 
ATOM   468  O  O   . ASN A 1 60  ? 0.535   17.663  7.195   1.00 40.07  ? 99  ASN A O   1 
ATOM   469  C  CB  . ASN A 1 60  ? 3.225   16.916  7.634   1.00 37.66  ? 99  ASN A CB  1 
ATOM   470  C  CG  . ASN A 1 60  ? 4.256   15.993  8.228   1.00 41.13  ? 99  ASN A CG  1 
ATOM   471  O  OD1 . ASN A 1 60  ? 5.333   16.454  8.575   1.00 49.46  ? 99  ASN A OD1 1 
ATOM   472  N  ND2 . ASN A 1 60  ? 3.926   14.724  8.369   1.00 34.76  ? 99  ASN A ND2 1 
ATOM   473  N  N   . HIS A 1 61  ? 0.743   17.136  4.992   1.00 35.54  ? 100 HIS A N   1 
ATOM   474  C  CA  . HIS A 1 61  ? -0.297  18.075  4.516   1.00 35.02  ? 100 HIS A CA  1 
ATOM   475  C  C   . HIS A 1 61  ? -1.616  17.387  4.117   1.00 40.55  ? 100 HIS A C   1 
ATOM   476  O  O   . HIS A 1 61  ? -1.650  16.170  3.776   1.00 35.95  ? 100 HIS A O   1 
ATOM   477  C  CB  . HIS A 1 61  ? 0.235   18.878  3.349   1.00 34.59  ? 100 HIS A CB  1 
ATOM   478  C  CG  . HIS A 1 61  ? 1.386   19.751  3.695   1.00 40.11  ? 100 HIS A CG  1 
ATOM   479  N  ND1 . HIS A 1 61  ? 1.272   21.140  3.712   1.00 40.09  ? 100 HIS A ND1 1 
ATOM   480  C  CD2 . HIS A 1 61  ? 2.667   19.449  4.010   1.00 37.84  ? 100 HIS A CD2 1 
ATOM   481  C  CE1 . HIS A 1 61  ? 2.447   21.656  4.009   1.00 46.46  ? 100 HIS A CE1 1 
ATOM   482  N  NE2 . HIS A 1 61  ? 3.328   20.635  4.189   1.00 40.22  ? 100 HIS A NE2 1 
ATOM   483  N  N   . ARG A 1 62  ? -2.666  18.200  4.112   1.00 42.55  ? 101 ARG A N   1 
ATOM   484  C  CA  . ARG A 1 62  ? -4.007  17.869  3.574   1.00 39.13  ? 101 ARG A CA  1 
ATOM   485  C  C   . ARG A 1 62  ? -4.024  18.384  2.129   1.00 39.63  ? 101 ARG A C   1 
ATOM   486  O  O   . ARG A 1 62  ? -3.519  19.522  1.860   1.00 44.37  ? 101 ARG A O   1 
ATOM   487  C  CB  . ARG A 1 62  ? -5.028  18.468  4.554   1.00 49.22  ? 101 ARG A CB  1 
ATOM   488  C  CG  . ARG A 1 62  ? -6.407  18.783  3.978   1.00 57.28  ? 101 ARG A CG  1 
ATOM   489  C  CD  . ARG A 1 62  ? -7.470  19.002  5.052   1.00 60.38  ? 101 ARG A CD  1 
ATOM   490  N  NE  . ARG A 1 62  ? -7.684  17.731  5.734   1.00 70.83  ? 101 ARG A NE  1 
ATOM   491  C  CZ  . ARG A 1 62  ? -8.655  16.852  5.468   1.00 77.29  ? 101 ARG A CZ  1 
ATOM   492  N  NH1 . ARG A 1 62  ? -9.580  17.107  4.558   1.00 73.25  ? 101 ARG A NH1 1 
ATOM   493  N  NH2 . ARG A 1 62  ? -8.708  15.712  6.141   1.00 81.55  ? 101 ARG A NH2 1 
ATOM   494  N  N   . TRP A 1 63  ? -4.496  17.555  1.199   1.00 34.62  ? 102 TRP A N   1 
ATOM   495  C  CA  . TRP A 1 63  ? -4.525  17.858  -0.247  1.00 31.92  ? 102 TRP A CA  1 
ATOM   496  C  C   . TRP A 1 63  ? -5.990  18.141  -0.648  1.00 38.68  ? 102 TRP A C   1 
ATOM   497  O  O   . TRP A 1 63  ? -6.879  17.534  -0.064  1.00 38.48  ? 102 TRP A O   1 
ATOM   498  C  CB  . TRP A 1 63  ? -3.907  16.683  -1.024  1.00 34.72  ? 102 TRP A CB  1 
ATOM   499  C  CG  . TRP A 1 63  ? -2.422  16.551  -0.818  1.00 32.39  ? 102 TRP A CG  1 
ATOM   500  C  CD1 . TRP A 1 63  ? -1.787  16.050  0.285   1.00 33.25  ? 102 TRP A CD1 1 
ATOM   501  C  CD2 . TRP A 1 63  ? -1.391  16.914  -1.738  1.00 32.94  ? 102 TRP A CD2 1 
ATOM   502  N  NE1 . TRP A 1 63  ? -0.430  16.065  0.097   1.00 33.53  ? 102 TRP A NE1 1 
ATOM   503  C  CE2 . TRP A 1 63  ? -0.151  16.613  -1.117  1.00 32.03  ? 102 TRP A CE2 1 
ATOM   504  C  CE3 . TRP A 1 63  ? -1.382  17.463  -3.018  1.00 33.07  ? 102 TRP A CE3 1 
ATOM   505  C  CZ2 . TRP A 1 63  ? 1.061   16.830  -1.746  1.00 34.39  ? 102 TRP A CZ2 1 
ATOM   506  C  CZ3 . TRP A 1 63  ? -0.180  17.677  -3.648  1.00 34.73  ? 102 TRP A CZ3 1 
ATOM   507  C  CH2 . TRP A 1 63  ? 1.029   17.362  -3.015  1.00 35.05  ? 102 TRP A CH2 1 
ATOM   508  N  N   . LYS A 1 64  ? -6.191  19.012  -1.623  1.00 40.10  ? 103 LYS A N   1 
ATOM   509  C  CA  . LYS A 1 64  ? -7.503  19.424  -2.176  1.00 45.20  ? 103 LYS A CA  1 
ATOM   510  C  C   . LYS A 1 64  ? -7.363  19.453  -3.698  1.00 41.56  ? 103 LYS A C   1 
ATOM   511  O  O   . LYS A 1 64  ? -6.299  19.801  -4.223  1.00 37.48  ? 103 LYS A O   1 
ATOM   512  C  CB  . LYS A 1 64  ? -7.929  20.774  -1.593  1.00 54.48  ? 103 LYS A CB  1 
ATOM   513  C  CG  . LYS A 1 64  ? -6.784  21.725  -1.251  1.00 68.37  ? 103 LYS A CG  1 
ATOM   514  C  CD  . LYS A 1 64  ? -7.163  23.202  -1.074  1.00 75.17  ? 103 LYS A CD  1 
ATOM   515  C  CE  . LYS A 1 64  ? -5.964  24.079  -0.759  1.00 78.45  ? 103 LYS A CE  1 
ATOM   516  N  NZ  . LYS A 1 64  ? -6.141  25.475  -1.234  1.00 80.17  ? 103 LYS A NZ  1 
ATOM   517  N  N   . TYR A 1 65  ? -8.419  19.084  -4.409  1.00 43.65  ? 104 TYR A N   1 
ATOM   518  C  CA  . TYR A 1 65  ? -8.406  19.034  -5.888  1.00 41.52  ? 104 TYR A CA  1 
ATOM   519  C  C   . TYR A 1 65  ? -8.984  20.383  -6.326  1.00 43.17  ? 104 TYR A C   1 
ATOM   520  O  O   . TYR A 1 65  ? -10.165 20.584  -6.109  1.00 45.43  ? 104 TYR A O   1 
ATOM   521  C  CB  . TYR A 1 65  ? -9.144  17.787  -6.382  1.00 38.54  ? 104 TYR A CB  1 
ATOM   522  C  CG  . TYR A 1 65  ? -8.950  17.486  -7.846  1.00 39.66  ? 104 TYR A CG  1 
ATOM   523  C  CD1 . TYR A 1 65  ? -7.748  17.045  -8.343  1.00 38.89  ? 104 TYR A CD1 1 
ATOM   524  C  CD2 . TYR A 1 65  ? -9.991  17.634  -8.759  1.00 42.63  ? 104 TYR A CD2 1 
ATOM   525  C  CE1 . TYR A 1 65  ? -7.572  16.745  -9.686  1.00 43.54  ? 104 TYR A CE1 1 
ATOM   526  C  CE2 . TYR A 1 65  ? -9.823  17.336  -10.103 1.00 40.34  ? 104 TYR A CE2 1 
ATOM   527  C  CZ  . TYR A 1 65  ? -8.622  16.881  -10.577 1.00 41.12  ? 104 TYR A CZ  1 
ATOM   528  O  OH  . TYR A 1 65  ? -8.446  16.600  -11.901 1.00 42.38  ? 104 TYR A OH  1 
ATOM   529  N  N   . VAL A 1 66  ? -8.117  21.299  -6.748  1.00 46.50  ? 105 VAL A N   1 
ATOM   530  C  CA  . VAL A 1 66  ? -8.447  22.732  -7.022  1.00 53.49  ? 105 VAL A CA  1 
ATOM   531  C  C   . VAL A 1 66  ? -8.287  22.944  -8.521  1.00 51.96  ? 105 VAL A C   1 
ATOM   532  O  O   . VAL A 1 66  ? -7.129  22.832  -9.047  1.00 47.77  ? 105 VAL A O   1 
ATOM   533  C  CB  . VAL A 1 66  ? -7.564  23.701  -6.205  1.00 51.73  ? 105 VAL A CB  1 
ATOM   534  C  CG1 . VAL A 1 66  ? -7.764  25.150  -6.628  1.00 54.79  ? 105 VAL A CG1 1 
ATOM   535  C  CG2 . VAL A 1 66  ? -7.815  23.552  -4.716  1.00 49.85  ? 105 VAL A CG2 1 
ATOM   536  N  N   . ASN A 1 67  ? -9.412  23.197  -9.191  1.00 56.64  ? 106 ASN A N   1 
ATOM   537  C  CA  . ASN A 1 67  ? -9.444  23.519  -10.637 1.00 60.03  ? 106 ASN A CA  1 
ATOM   538  C  C   . ASN A 1 67  ? -8.564  22.508  -11.365 1.00 54.08  ? 106 ASN A C   1 
ATOM   539  O  O   . ASN A 1 67  ? -7.583  22.931  -11.975 1.00 49.94  ? 106 ASN A O   1 
ATOM   540  C  CB  . ASN A 1 67  ? -9.014  24.967  -10.894 1.00 71.43  ? 106 ASN A CB  1 
ATOM   541  C  CG  . ASN A 1 67  ? -9.986  25.957  -10.286 1.00 74.04  ? 106 ASN A CG  1 
ATOM   542  O  OD1 . ASN A 1 67  ? -11.156 25.991  -10.661 1.00 80.08  ? 106 ASN A OD1 1 
ATOM   543  N  ND2 . ASN A 1 67  ? -9.519  26.747  -9.332  1.00 68.77  ? 106 ASN A ND2 1 
ATOM   544  N  N   . GLY A 1 68  ? -8.904  21.218  -11.248 1.00 55.17  ? 107 GLY A N   1 
ATOM   545  C  CA  . GLY A 1 68  ? -8.320  20.125  -12.050 1.00 50.32  ? 107 GLY A CA  1 
ATOM   546  C  C   . GLY A 1 68  ? -6.921  19.734  -11.597 1.00 46.91  ? 107 GLY A C   1 
ATOM   547  O  O   . GLY A 1 68  ? -6.210  19.081  -12.385 1.00 45.25  ? 107 GLY A O   1 
ATOM   548  N  N   . GLU A 1 69  ? -6.503  20.124  -10.396 1.00 45.93  ? 108 GLU A N   1 
ATOM   549  C  CA  . GLU A 1 69  ? -5.103  19.849  -9.968  1.00 51.46  ? 108 GLU A CA  1 
ATOM   550  C  C   . GLU A 1 69  ? -5.070  19.675  -8.447  1.00 44.91  ? 108 GLU A C   1 
ATOM   551  O  O   . GLU A 1 69  ? -5.748  20.409  -7.738  1.00 41.13  ? 108 GLU A O   1 
ATOM   552  C  CB  . GLU A 1 69  ? -4.160  20.870  -10.629 1.00 55.19  ? 108 GLU A CB  1 
ATOM   553  C  CG  . GLU A 1 69  ? -3.776  22.105  -9.815  1.00 71.75  ? 108 GLU A CG  1 
ATOM   554  C  CD  . GLU A 1 69  ? -2.446  22.751  -10.232 1.00 78.36  ? 108 GLU A CD  1 
ATOM   555  O  OE1 . GLU A 1 69  ? -1.445  22.018  -10.409 1.00 76.72  ? 108 GLU A OE1 1 
ATOM   556  O  OE2 . GLU A 1 69  ? -2.399  23.992  -10.380 1.00 79.26  ? 108 GLU A OE2 1 
ATOM   557  N  N   . TRP A 1 70  ? -4.364  18.648  -7.961  1.00 43.57  ? 109 TRP A N   1 
ATOM   558  C  CA  . TRP A 1 70  ? -4.182  18.402  -6.508  1.00 36.66  ? 109 TRP A CA  1 
ATOM   559  C  C   . TRP A 1 70  ? -3.181  19.425  -5.953  1.00 40.04  ? 109 TRP A C   1 
ATOM   560  O  O   . TRP A 1 70  ? -2.118  19.577  -6.559  1.00 43.80  ? 109 TRP A O   1 
ATOM   561  C  CB  . TRP A 1 70  ? -3.670  16.972  -6.254  1.00 38.14  ? 109 TRP A CB  1 
ATOM   562  C  CG  . TRP A 1 70  ? -4.741  15.939  -6.357  1.00 33.18  ? 109 TRP A CG  1 
ATOM   563  C  CD1 . TRP A 1 70  ? -4.936  15.048  -7.374  1.00 32.88  ? 109 TRP A CD1 1 
ATOM   564  C  CD2 . TRP A 1 70  ? -5.750  15.669  -5.378  1.00 28.96  ? 109 TRP A CD2 1 
ATOM   565  N  NE1 . TRP A 1 70  ? -6.035  14.285  -7.127  1.00 35.36  ? 109 TRP A NE1 1 
ATOM   566  C  CE2 . TRP A 1 70  ? -6.559  14.638  -5.909  1.00 32.10  ? 109 TRP A CE2 1 
ATOM   567  C  CE3 . TRP A 1 70  ? -6.056  16.167  -4.115  1.00 29.94  ? 109 TRP A CE3 1 
ATOM   568  C  CZ2 . TRP A 1 70  ? -7.629  14.112  -5.208  1.00 34.25  ? 109 TRP A CZ2 1 
ATOM   569  C  CZ3 . TRP A 1 70  ? -7.151  15.679  -3.446  1.00 33.32  ? 109 TRP A CZ3 1 
ATOM   570  C  CH2 . TRP A 1 70  ? -7.925  14.645  -3.979  1.00 35.92  ? 109 TRP A CH2 1 
ATOM   571  N  N   . VAL A 1 71  ? -3.506  20.069  -4.838  1.00 38.75  ? 110 VAL A N   1 
ATOM   572  C  CA  . VAL A 1 71  ? -2.648  21.132  -4.218  1.00 41.59  ? 110 VAL A CA  1 
ATOM   573  C  C   . VAL A 1 71  ? -2.663  20.928  -2.721  1.00 36.21  ? 110 VAL A C   1 
ATOM   574  O  O   . VAL A 1 71  ? -3.685  20.588  -2.118  1.00 38.10  ? 110 VAL A O   1 
ATOM   575  C  CB  . VAL A 1 71  ? -3.067  22.566  -4.614  1.00 44.54  ? 110 VAL A CB  1 
ATOM   576  C  CG1 . VAL A 1 71  ? -2.836  22.803  -6.094  1.00 49.74  ? 110 VAL A CG1 1 
ATOM   577  C  CG2 . VAL A 1 71  ? -4.487  22.879  -4.241  1.00 48.87  ? 110 VAL A CG2 1 
ATOM   578  N  N   . PRO A 1 72  ? -1.472  20.994  -2.088  1.00 40.61  ? 111 PRO A N   1 
ATOM   579  C  CA  . PRO A 1 72  ? -1.381  20.803  -0.656  1.00 40.61  ? 111 PRO A CA  1 
ATOM   580  C  C   . PRO A 1 72  ? -1.806  22.051  0.116   1.00 43.38  ? 111 PRO A C   1 
ATOM   581  O  O   . PRO A 1 72  ? -1.561  23.135  -0.368  1.00 46.91  ? 111 PRO A O   1 
ATOM   582  C  CB  . PRO A 1 72  ? 0.107   20.501  -0.435  1.00 38.93  ? 111 PRO A CB  1 
ATOM   583  C  CG  . PRO A 1 72  ? 0.813   21.195  -1.555  1.00 40.11  ? 111 PRO A CG  1 
ATOM   584  C  CD  . PRO A 1 72  ? -0.168  21.226  -2.713  1.00 43.06  ? 111 PRO A CD  1 
ATOM   585  N  N   . GLY A 1 73  ? -2.395  21.846  1.289   1.00 44.90  ? 112 GLY A N   1 
ATOM   586  C  CA  . GLY A 1 73  ? -2.685  22.916  2.256   1.00 48.27  ? 112 GLY A CA  1 
ATOM   587  C  C   . GLY A 1 73  ? -1.395  23.555  2.753   1.00 54.91  ? 112 GLY A C   1 
ATOM   588  O  O   . GLY A 1 73  ? -0.272  23.097  2.363   1.00 49.74  ? 112 GLY A O   1 
ATOM   589  N  N   . GLY A 1 74  ? -1.519  24.590  3.584   1.00 52.12  ? 113 GLY A N   1 
ATOM   590  C  CA  . GLY A 1 74  ? -0.342  25.285  4.129   1.00 56.17  ? 113 GLY A CA  1 
ATOM   591  C  C   . GLY A 1 74  ? -0.228  25.071  5.621   1.00 58.48  ? 113 GLY A C   1 
ATOM   592  O  O   . GLY A 1 74  ? 0.565   25.806  6.230   1.00 72.08  ? 113 GLY A O   1 
ATOM   593  N  N   . LYS A 1 75  ? -0.984  24.117  6.186   1.00 58.10  ? 114 LYS A N   1 
ATOM   594  C  CA  . LYS A 1 75  ? -1.079  23.906  7.658   1.00 63.09  ? 114 LYS A CA  1 
ATOM   595  C  C   . LYS A 1 75  ? -0.681  22.475  8.026   1.00 56.54  ? 114 LYS A C   1 
ATOM   596  O  O   . LYS A 1 75  ? -1.473  21.731  8.595   1.00 52.50  ? 114 LYS A O   1 
ATOM   597  C  CB  . LYS A 1 75  ? -2.489  24.242  8.152   1.00 70.01  ? 114 LYS A CB  1 
ATOM   598  C  CG  . LYS A 1 75  ? -2.549  24.732  9.595   1.00 80.85  ? 114 LYS A CG  1 
ATOM   599  C  CD  . LYS A 1 75  ? -1.547  25.850  9.887   1.00 84.17  ? 114 LYS A CD  1 
ATOM   600  C  CE  . LYS A 1 75  ? -1.925  26.746  11.050  1.00 90.09  ? 114 LYS A CE  1 
ATOM   601  N  NZ  . LYS A 1 75  ? -1.701  26.072  12.350  1.00 92.83  ? 114 LYS A NZ  1 
ATOM   602  N  N   . PRO A 1 76  ? 0.581   22.060  7.787   1.00 54.96  ? 115 PRO A N   1 
ATOM   603  C  CA  . PRO A 1 76  ? 1.006   20.699  8.122   1.00 52.97  ? 115 PRO A CA  1 
ATOM   604  C  C   . PRO A 1 76  ? 0.723   20.319  9.588   1.00 60.01  ? 115 PRO A C   1 
ATOM   605  O  O   . PRO A 1 76  ? 0.691   21.189  10.443  1.00 61.16  ? 115 PRO A O   1 
ATOM   606  C  CB  . PRO A 1 76  ? 2.517   20.653  7.828   1.00 54.13  ? 115 PRO A CB  1 
ATOM   607  C  CG  . PRO A 1 76  ? 2.928   22.096  7.565   1.00 58.85  ? 115 PRO A CG  1 
ATOM   608  C  CD  . PRO A 1 76  ? 1.663   22.852  7.187   1.00 57.37  ? 115 PRO A CD  1 
ATOM   609  N  N   . GLU A 1 77  ? 0.479   19.025  9.826   1.00 55.82  ? 116 GLU A N   1 
ATOM   610  C  CA  . GLU A 1 77  ? 0.348   18.401  11.169  1.00 56.78  ? 116 GLU A CA  1 
ATOM   611  C  C   . GLU A 1 77  ? 1.162   17.108  11.166  1.00 57.72  ? 116 GLU A C   1 
ATOM   612  O  O   . GLU A 1 77  ? 1.297   16.469  10.129  1.00 60.96  ? 116 GLU A O   1 
ATOM   613  C  CB  . GLU A 1 77  ? -1.123  18.108  11.487  1.00 63.23  ? 116 GLU A CB  1 
ATOM   614  C  CG  . GLU A 1 77  ? -2.070  19.276  11.233  1.00 68.83  ? 116 GLU A CG  1 
ATOM   615  C  CD  . GLU A 1 77  ? -3.547  18.969  11.476  1.00 80.66  ? 116 GLU A CD  1 
ATOM   616  O  OE1 . GLU A 1 77  ? -3.840  18.060  12.283  1.00 83.87  ? 116 GLU A OE1 1 
ATOM   617  O  OE2 . GLU A 1 77  ? -4.412  19.628  10.851  1.00 82.84  ? 116 GLU A OE2 1 
ATOM   618  N  N   . PRO A 1 78  ? 1.717   16.659  12.311  1.00 58.33  ? 117 PRO A N   1 
ATOM   619  C  CA  . PRO A 1 78  ? 2.425   15.383  12.365  1.00 62.35  ? 117 PRO A CA  1 
ATOM   620  C  C   . PRO A 1 78  ? 1.404   14.289  12.035  1.00 63.31  ? 117 PRO A C   1 
ATOM   621  O  O   . PRO A 1 78  ? 0.269   14.381  12.476  1.00 50.18  ? 117 PRO A O   1 
ATOM   622  C  CB  . PRO A 1 78  ? 2.952   15.237  13.801  1.00 61.22  ? 117 PRO A CB  1 
ATOM   623  C  CG  . PRO A 1 78  ? 2.755   16.617  14.421  1.00 62.28  ? 117 PRO A CG  1 
ATOM   624  C  CD  . PRO A 1 78  ? 1.636   17.291  13.636  1.00 63.39  ? 117 PRO A CD  1 
ATOM   625  N  N   . GLN A 1 79  ? 1.828   13.305  11.256  1.00 59.37  ? 118 GLN A N   1 
ATOM   626  C  CA  . GLN A 1 79  ? 0.864   12.264  10.853  1.00 68.29  ? 118 GLN A CA  1 
ATOM   627  C  C   . GLN A 1 79  ? 1.098   11.013  11.688  1.00 72.99  ? 118 GLN A C   1 
ATOM   628  O  O   . GLN A 1 79  ? 2.203   10.480  11.629  1.00 71.37  ? 118 GLN A O   1 
ATOM   629  C  CB  . GLN A 1 79  ? 0.974   12.035  9.351   1.00 58.14  ? 118 GLN A CB  1 
ATOM   630  C  CG  . GLN A 1 79  ? 0.727   13.293  8.546   1.00 59.23  ? 118 GLN A CG  1 
ATOM   631  C  CD  . GLN A 1 79  ? -0.711  13.736  8.621   1.00 61.38  ? 118 GLN A CD  1 
ATOM   632  O  OE1 . GLN A 1 79  ? -1.629  12.929  8.623   1.00 68.61  ? 118 GLN A OE1 1 
ATOM   633  N  NE2 . GLN A 1 79  ? -0.916  15.036  8.681   1.00 62.75  ? 118 GLN A NE2 1 
ATOM   634  N  N   . ALA A 1 80  ? 0.066   10.607  12.430  1.00 87.87  ? 119 ALA A N   1 
ATOM   635  C  CA  . ALA A 1 80  ? 0.117   9.398   13.276  1.00 91.38  ? 119 ALA A CA  1 
ATOM   636  C  C   . ALA A 1 80  ? 0.338   8.237   12.320  1.00 84.46  ? 119 ALA A C   1 
ATOM   637  O  O   . ALA A 1 80  ? -0.521  8.055   11.457  1.00 72.44  ? 119 ALA A O   1 
ATOM   638  C  CB  . ALA A 1 80  ? -1.201  9.249   13.988  1.00 91.59  ? 119 ALA A CB  1 
ATOM   639  N  N   . PRO A 1 81  ? 1.320   7.346   12.543  1.00 75.26  ? 120 PRO A N   1 
ATOM   640  C  CA  . PRO A 1 81  ? 1.625   6.280   11.598  1.00 69.29  ? 120 PRO A CA  1 
ATOM   641  C  C   . PRO A 1 81  ? 0.458   5.305   11.417  1.00 53.57  ? 120 PRO A C   1 
ATOM   642  O  O   . PRO A 1 81  ? -0.307  5.105   12.314  1.00 49.56  ? 120 PRO A O   1 
ATOM   643  C  CB  . PRO A 1 81  ? 2.799   5.560   12.262  1.00 30.00  ? 120 PRO A CB  1 
ATOM   644  C  CG  . PRO A 1 81  ? 2.591   5.828   13.720  1.00 30.00  ? 120 PRO A CG  1 
ATOM   645  C  CD  . PRO A 1 81  ? 2.155   7.274   13.730  1.00 30.00  ? 120 PRO A CD  1 
ATOM   646  N  N   . SER A 1 82  ? 0.359   4.723   10.228  1.00 48.98  ? 121 SER A N   1 
ATOM   647  C  CA  . SER A 1 82  ? -0.761  3.792   9.955   1.00 45.75  ? 121 SER A CA  1 
ATOM   648  C  C   . SER A 1 82  ? -0.551  2.479   10.689  1.00 38.86  ? 121 SER A C   1 
ATOM   649  O  O   . SER A 1 82  ? 0.563   2.133   11.022  1.00 37.52  ? 121 SER A O   1 
ATOM   650  C  CB  . SER A 1 82  ? -0.982  3.549   8.483   1.00 30.00  ? 121 SER A CB  1 
ATOM   651  O  OG  . SER A 1 82  ? -0.492  2.286   8.054   1.00 30.00  ? 121 SER A OG  1 
ATOM   652  N  N   . CYS A 1 83  ? -1.639  1.736   10.828  1.00 40.03  ? 122 CYS A N   1 
ATOM   653  C  CA  . CYS A 1 83  ? -1.610  0.373   11.394  1.00 39.46  ? 122 CYS A CA  1 
ATOM   654  C  C   . CYS A 1 83  ? -1.022  -0.596  10.365  1.00 34.25  ? 122 CYS A C   1 
ATOM   655  O  O   . CYS A 1 83  ? -0.882  -0.273  9.196   1.00 31.33  ? 122 CYS A O   1 
ATOM   656  C  CB  . CYS A 1 83  ? -2.984  -0.103  11.837  1.00 44.69  ? 122 CYS A CB  1 
ATOM   657  S  SG  . CYS A 1 83  ? -3.448  0.571   13.447  1.00 50.95  ? 122 CYS A SG  1 
ATOM   658  N  N   . VAL A 1 84  ? -0.673  -1.777  10.827  1.00 33.42  ? 123 VAL A N   1 
ATOM   659  C  CA  . VAL A 1 84  ? -0.039  -2.737  9.897   1.00 34.77  ? 123 VAL A CA  1 
ATOM   660  C  C   . VAL A 1 84  ? -1.032  -3.831  9.500   1.00 31.46  ? 123 VAL A C   1 
ATOM   661  O  O   . VAL A 1 84  ? -1.755  -4.292  10.354  1.00 34.11  ? 123 VAL A O   1 
ATOM   662  C  CB  . VAL A 1 84  ? 1.224   -3.318  10.546  1.00 38.66  ? 123 VAL A CB  1 
ATOM   663  C  CG1 . VAL A 1 84  ? 0.884   -4.193  11.725  1.00 42.42  ? 123 VAL A CG1 1 
ATOM   664  C  CG2 . VAL A 1 84  ? 2.089   -4.064  9.561   1.00 42.95  ? 123 VAL A CG2 1 
ATOM   665  N  N   . TYR A 1 85  ? -1.086  -4.120  8.202   0.44 33.32  ? 124 TYR A N   1 
ATOM   666  C  CA  . TYR A 1 85  ? -1.865  -5.238  7.612   0.44 32.66  ? 124 TYR A CA  1 
ATOM   667  C  C   . TYR A 1 85  ? -0.930  -6.435  7.435   0.44 32.63  ? 124 TYR A C   1 
ATOM   668  O  O   . TYR A 1 85  ? 0.125   -6.278  6.795   0.44 31.91  ? 124 TYR A O   1 
ATOM   669  C  CB  . TYR A 1 85  ? -2.460  -4.847  6.257   0.44 32.66  ? 124 TYR A CB  1 
ATOM   670  C  CG  . TYR A 1 85  ? -3.228  -5.952  5.569   0.44 33.35  ? 124 TYR A CG  1 
ATOM   671  C  CD1 . TYR A 1 85  ? -4.520  -6.271  5.954   0.44 33.88  ? 124 TYR A CD1 1 
ATOM   672  C  CD2 . TYR A 1 85  ? -2.659  -6.692  4.542   0.44 32.86  ? 124 TYR A CD2 1 
ATOM   673  C  CE1 . TYR A 1 85  ? -5.229  -7.293  5.345   0.44 33.72  ? 124 TYR A CE1 1 
ATOM   674  C  CE2 . TYR A 1 85  ? -3.356  -7.713  3.914   0.44 33.18  ? 124 TYR A CE2 1 
ATOM   675  C  CZ  . TYR A 1 85  ? -4.647  -8.015  4.319   0.44 34.15  ? 124 TYR A CZ  1 
ATOM   676  O  OH  . TYR A 1 85  ? -5.353  -9.009  3.711   0.44 33.31  ? 124 TYR A OH  1 
ATOM   677  N  N   . ILE A 1 86  ? -1.312  -7.599  7.963   0.44 33.00  ? 125 ILE A N   1 
ATOM   678  C  CA  . ILE A 1 86  ? -0.522  -8.855  7.825   0.44 34.36  ? 125 ILE A CA  1 
ATOM   679  C  C   . ILE A 1 86  ? -1.124  -9.683  6.685   0.44 34.80  ? 125 ILE A C   1 
ATOM   680  O  O   . ILE A 1 86  ? -2.342  -9.965  6.724   0.44 33.05  ? 125 ILE A O   1 
ATOM   681  C  CB  . ILE A 1 86  ? -0.480  -9.615  9.162   0.44 36.33  ? 125 ILE A CB  1 
ATOM   682  C  CG1 . ILE A 1 86  ? 0.067   -8.733  10.288  0.44 38.32  ? 125 ILE A CG1 1 
ATOM   683  C  CG2 . ILE A 1 86  ? 0.318   -10.903 9.028   0.44 36.50  ? 125 ILE A CG2 1 
ATOM   684  C  CD1 . ILE A 1 86  ? -0.468  -9.095  11.647  0.44 40.37  ? 125 ILE A CD1 1 
ATOM   685  N  N   . HIS A 1 87  ? -0.307  -10.039 5.690   0.44 33.95  ? 126 HIS A N   1 
ATOM   686  C  CA  . HIS A 1 87  ? -0.736  -10.865 4.535   0.44 34.63  ? 126 HIS A CA  1 
ATOM   687  C  C   . HIS A 1 87  ? -1.367  -12.144 5.077   0.44 34.73  ? 126 HIS A C   1 
ATOM   688  O  O   . HIS A 1 87  ? -0.839  -12.741 6.011   0.44 32.65  ? 126 HIS A O   1 
ATOM   689  C  CB  . HIS A 1 87  ? 0.421   -11.146 3.571   0.44 33.14  ? 126 HIS A CB  1 
ATOM   690  C  CG  . HIS A 1 87  ? -0.043  -11.714 2.275   0.44 35.97  ? 126 HIS A CG  1 
ATOM   691  N  ND1 . HIS A 1 87  ? -0.474  -13.022 2.161   0.44 36.17  ? 126 HIS A ND1 1 
ATOM   692  C  CD2 . HIS A 1 87  ? -0.194  -11.159 1.053   0.44 36.53  ? 126 HIS A CD2 1 
ATOM   693  C  CE1 . HIS A 1 87  ? -0.853  -13.253 0.920   0.44 37.10  ? 126 HIS A CE1 1 
ATOM   694  N  NE2 . HIS A 1 87  ? -0.688  -12.127 0.219   0.44 37.46  ? 126 HIS A NE2 1 
ATOM   695  N  N   . PRO A 1 88  ? -2.534  -12.575 4.544   0.44 35.75  ? 127 PRO A N   1 
ATOM   696  C  CA  . PRO A 1 88  ? -3.211  -13.784 5.030   0.44 35.96  ? 127 PRO A CA  1 
ATOM   697  C  C   . PRO A 1 88  ? -2.336  -15.046 5.147   0.44 36.79  ? 127 PRO A C   1 
ATOM   698  O  O   . PRO A 1 88  ? -2.544  -15.825 6.078   0.44 37.24  ? 127 PRO A O   1 
ATOM   699  C  CB  . PRO A 1 88  ? -4.312  -14.010 3.981   0.44 36.15  ? 127 PRO A CB  1 
ATOM   700  C  CG  . PRO A 1 88  ? -4.616  -12.625 3.456   0.44 36.75  ? 127 PRO A CG  1 
ATOM   701  C  CD  . PRO A 1 88  ? -3.287  -11.899 3.476   0.44 35.94  ? 127 PRO A CD  1 
ATOM   702  N  N   . ASP A 1 89  ? -1.383  -15.230 4.228   0.44 37.08  ? 128 ASP A N   1 
ATOM   703  C  CA  . ASP A 1 89  ? -0.508  -16.434 4.168   0.44 37.43  ? 128 ASP A CA  1 
ATOM   704  C  C   . ASP A 1 89  ? 0.486   -16.438 5.332   0.44 37.80  ? 128 ASP A C   1 
ATOM   705  O  O   . ASP A 1 89  ? 1.063   -17.503 5.591   0.44 35.68  ? 128 ASP A O   1 
ATOM   706  C  CB  . ASP A 1 89  ? 0.227   -16.533 2.830   0.44 37.48  ? 128 ASP A CB  1 
ATOM   707  C  CG  . ASP A 1 89  ? -0.705  -16.620 1.638   0.44 36.99  ? 128 ASP A CG  1 
ATOM   708  O  OD1 . ASP A 1 89  ? -1.916  -16.722 1.861   0.44 38.60  ? 128 ASP A OD1 1 
ATOM   709  O  OD2 . ASP A 1 89  ? -0.209  -16.551 0.500   0.44 37.14  ? 128 ASP A OD2 1 
ATOM   710  N  N   . SER A 1 90  ? 0.697   -15.296 5.996   0.44 37.35  ? 129 SER A N   1 
ATOM   711  C  CA  . SER A 1 90  ? 1.620   -15.153 7.153   0.44 36.28  ? 129 SER A CA  1 
ATOM   712  C  C   . SER A 1 90  ? 1.131   -16.021 8.310   0.44 37.05  ? 129 SER A C   1 
ATOM   713  O  O   . SER A 1 90  ? -0.053  -16.007 8.620   0.44 36.98  ? 129 SER A O   1 
ATOM   714  C  CB  . SER A 1 90  ? 1.729   -13.713 7.584   0.44 36.05  ? 129 SER A CB  1 
ATOM   715  O  OG  . SER A 1 90  ? 1.822   -12.850 6.461   0.44 35.13  ? 129 SER A OG  1 
ATOM   716  N  N   . PRO A 1 91  ? 1.995   -16.802 8.995   0.44 37.10  ? 130 PRO A N   1 
ATOM   717  C  CA  . PRO A 1 91  ? 3.401   -16.976 8.634   0.44 36.96  ? 130 PRO A CA  1 
ATOM   718  C  C   . PRO A 1 91  ? 3.557   -18.072 7.574   0.44 37.28  ? 130 PRO A C   1 
ATOM   719  O  O   . PRO A 1 91  ? 2.679   -18.915 7.487   0.44 37.91  ? 130 PRO A O   1 
ATOM   720  C  CB  . PRO A 1 91  ? 4.011   -17.424 9.963   0.44 38.40  ? 130 PRO A CB  1 
ATOM   721  C  CG  . PRO A 1 91  ? 2.924   -18.277 10.569  0.44 39.13  ? 130 PRO A CG  1 
ATOM   722  C  CD  . PRO A 1 91  ? 1.630   -17.601 10.173  0.44 38.74  ? 130 PRO A CD  1 
ATOM   723  N  N   . ASN A 1 92  ? 4.649   -18.066 6.806   0.44 36.20  ? 131 ASN A N   1 
ATOM   724  C  CA  . ASN A 1 92  ? 4.868   -19.115 5.777   0.44 36.40  ? 131 ASN A CA  1 
ATOM   725  C  C   . ASN A 1 92  ? 6.355   -19.231 5.428   0.44 36.99  ? 131 ASN A C   1 
ATOM   726  O  O   . ASN A 1 92  ? 7.139   -18.350 5.815   0.44 36.28  ? 131 ASN A O   1 
ATOM   727  C  CB  . ASN A 1 92  ? 3.980   -18.890 4.549   0.44 36.79  ? 131 ASN A CB  1 
ATOM   728  C  CG  . ASN A 1 92  ? 3.460   -20.194 3.978   0.44 37.33  ? 131 ASN A CG  1 
ATOM   729  O  OD1 . ASN A 1 92  ? 4.221   -21.147 3.825   0.44 37.87  ? 131 ASN A OD1 1 
ATOM   730  N  ND2 . ASN A 1 92  ? 2.175   -20.252 3.662   0.44 35.05  ? 131 ASN A ND2 1 
ATOM   731  N  N   . PHE A 1 93  ? 6.716   -20.325 4.750   1.00 35.84  ? 132 PHE A N   1 
ATOM   732  C  CA  . PHE A 1 93  ? 8.112   -20.632 4.354   1.00 38.61  ? 132 PHE A CA  1 
ATOM   733  C  C   . PHE A 1 93  ? 8.539   -19.642 3.263   1.00 34.77  ? 132 PHE A C   1 
ATOM   734  O  O   . PHE A 1 93  ? 7.697   -19.225 2.428   1.00 37.06  ? 132 PHE A O   1 
ATOM   735  C  CB  . PHE A 1 93  ? 8.217   -22.105 3.945   1.00 41.95  ? 132 PHE A CB  1 
ATOM   736  C  CG  . PHE A 1 93  ? 7.944   -23.031 5.106   1.00 39.59  ? 132 PHE A CG  1 
ATOM   737  C  CD1 . PHE A 1 93  ? 8.887   -23.183 6.108   1.00 45.27  ? 132 PHE A CD1 1 
ATOM   738  C  CD2 . PHE A 1 93  ? 6.730   -23.690 5.232   1.00 43.22  ? 132 PHE A CD2 1 
ATOM   739  C  CE1 . PHE A 1 93  ? 8.650   -24.002 7.202   1.00 46.10  ? 132 PHE A CE1 1 
ATOM   740  C  CE2 . PHE A 1 93  ? 6.502   -24.542 6.312   1.00 41.07  ? 132 PHE A CE2 1 
ATOM   741  C  CZ  . PHE A 1 93  ? 7.452   -24.679 7.301   1.00 42.87  ? 132 PHE A CZ  1 
ATOM   742  N  N   . GLY A 1 94  ? 9.812   -19.278 3.257   1.00 39.31  ? 133 GLY A N   1 
ATOM   743  C  CA  . GLY A 1 94  ? 10.391  -18.558 2.114   1.00 38.67  ? 133 GLY A CA  1 
ATOM   744  C  C   . GLY A 1 94  ? 9.923   -19.118 0.780   1.00 38.95  ? 133 GLY A C   1 
ATOM   745  O  O   . GLY A 1 94  ? 9.629   -18.331 -0.116  1.00 36.23  ? 133 GLY A O   1 
ATOM   746  N  N   . ALA A 1 95  ? 9.873   -20.447 0.601   1.00 39.05  ? 134 ALA A N   1 
ATOM   747  C  CA  . ALA A 1 95  ? 9.521   -21.052 -0.704  1.00 39.01  ? 134 ALA A CA  1 
ATOM   748  C  C   . ALA A 1 95  ? 8.118   -20.599 -1.132  1.00 36.59  ? 134 ALA A C   1 
ATOM   749  O  O   . ALA A 1 95  ? 7.839   -20.427 -2.330  1.00 35.97  ? 134 ALA A O   1 
ATOM   750  C  CB  . ALA A 1 95  ? 9.578   -22.555 -0.603  1.00 41.69  ? 134 ALA A CB  1 
ATOM   751  N  N   . HIS A 1 96  ? 7.230   -20.441 -0.155  1.00 36.28  ? 135 HIS A N   1 
ATOM   752  C  CA  . HIS A 1 96  ? 5.816   -20.085 -0.405  1.00 38.62  ? 135 HIS A CA  1 
ATOM   753  C  C   . HIS A 1 96  ? 5.750   -18.691 -1.029  1.00 36.81  ? 135 HIS A C   1 
ATOM   754  O  O   . HIS A 1 96  ? 4.968   -18.420 -1.995  1.00 35.75  ? 135 HIS A O   1 
ATOM   755  C  CB  . HIS A 1 96  ? 5.041   -20.114 0.918   1.00 37.50  ? 135 HIS A CB  1 
ATOM   756  C  CG  . HIS A 1 96  ? 3.646   -19.662 0.719   1.00 36.36  ? 135 HIS A CG  1 
ATOM   757  N  ND1 . HIS A 1 96  ? 2.639   -20.553 0.370   1.00 35.17  ? 135 HIS A ND1 1 
ATOM   758  C  CD2 . HIS A 1 96  ? 3.084   -18.437 0.805   1.00 33.55  ? 135 HIS A CD2 1 
ATOM   759  C  CE1 . HIS A 1 96  ? 1.509   -19.896 0.219   1.00 42.83  ? 135 HIS A CE1 1 
ATOM   760  N  NE2 . HIS A 1 96  ? 1.765   -18.577 0.454   1.00 41.33  ? 135 HIS A NE2 1 
ATOM   761  N  N   . TRP A 1 97  ? 6.466   -17.803 -0.402  1.00 36.41  ? 136 TRP A N   1 
ATOM   762  C  CA  . TRP A 1 97  ? 6.472   -16.371 -0.770  1.00 32.64  ? 136 TRP A CA  1 
ATOM   763  C  C   . TRP A 1 97  ? 7.133   -16.163 -2.123  1.00 37.99  ? 136 TRP A C   1 
ATOM   764  O  O   . TRP A 1 97  ? 6.735   -15.214 -2.811  1.00 39.12  ? 136 TRP A O   1 
ATOM   765  C  CB  . TRP A 1 97  ? 7.236   -15.625 0.295   1.00 33.27  ? 136 TRP A CB  1 
ATOM   766  C  CG  . TRP A 1 97  ? 6.588   -15.654 1.633   1.00 30.73  ? 136 TRP A CG  1 
ATOM   767  C  CD1 . TRP A 1 97  ? 7.138   -16.143 2.770   1.00 29.68  ? 136 TRP A CD1 1 
ATOM   768  C  CD2 . TRP A 1 97  ? 5.307   -15.124 1.995   1.00 30.51  ? 136 TRP A CD2 1 
ATOM   769  N  NE1 . TRP A 1 97  ? 6.305   -15.944 3.822   1.00 29.67  ? 136 TRP A NE1 1 
ATOM   770  C  CE2 . TRP A 1 97  ? 5.162   -15.348 3.378   1.00 27.54  ? 136 TRP A CE2 1 
ATOM   771  C  CE3 . TRP A 1 97  ? 4.261   -14.507 1.293   1.00 30.86  ? 136 TRP A CE3 1 
ATOM   772  C  CZ2 . TRP A 1 97  ? 4.053   -14.928 4.097   1.00 29.19  ? 136 TRP A CZ2 1 
ATOM   773  C  CZ3 . TRP A 1 97  ? 3.170   -14.074 2.002   1.00 32.48  ? 136 TRP A CZ3 1 
ATOM   774  C  CH2 . TRP A 1 97  ? 3.069   -14.283 3.380   1.00 29.07  ? 136 TRP A CH2 1 
ATOM   775  N  N   . MET A 1 98  ? 8.121   -16.993 -2.478  1.00 39.92  ? 137 MET A N   1 
ATOM   776  C  CA  . MET A 1 98  ? 8.919   -16.808 -3.720  1.00 40.94  ? 137 MET A CA  1 
ATOM   777  C  C   . MET A 1 98  ? 8.294   -17.539 -4.903  1.00 38.10  ? 137 MET A C   1 
ATOM   778  O  O   . MET A 1 98  ? 8.689   -17.201 -6.010  1.00 40.93  ? 137 MET A O   1 
ATOM   779  C  CB  . MET A 1 98  ? 10.354  -17.307 -3.549  1.00 41.60  ? 137 MET A CB  1 
ATOM   780  C  CG  . MET A 1 98  ? 11.142  -16.482 -2.591  1.00 44.21  ? 137 MET A CG  1 
ATOM   781  S  SD  . MET A 1 98  ? 12.898  -16.918 -2.571  1.00 42.73  ? 137 MET A SD  1 
ATOM   782  C  CE  . MET A 1 98  ? 12.880  -18.429 -1.603  1.00 48.65  ? 137 MET A CE  1 
ATOM   783  N  N   . LYS A 1 99  ? 7.325   -18.438 -4.708  1.00 39.41  ? 138 LYS A N   1 
ATOM   784  C  CA  . LYS A 1 99  ? 6.731   -19.239 -5.823  1.00 45.06  ? 138 LYS A CA  1 
ATOM   785  C  C   . LYS A 1 99  ? 5.774   -18.402 -6.677  1.00 46.54  ? 138 LYS A C   1 
ATOM   786  O  O   . LYS A 1 99  ? 5.498   -18.818 -7.819  1.00 47.19  ? 138 LYS A O   1 
ATOM   787  C  CB  . LYS A 1 99  ? 6.018   -20.503 -5.326  1.00 45.44  ? 138 LYS A CB  1 
ATOM   788  C  CG  . LYS A 1 99  ? 4.800   -20.299 -4.437  1.00 47.14  ? 138 LYS A CG  1 
ATOM   789  C  CD  . LYS A 1 99  ? 3.960   -21.572 -4.228  1.00 58.62  ? 138 LYS A CD  1 
ATOM   790  C  CE  . LYS A 1 99  ? 2.898   -21.466 -3.144  1.00 65.54  ? 138 LYS A CE  1 
ATOM   791  N  NZ  . LYS A 1 99  ? 3.124   -22.390 -1.992  1.00 76.28  ? 138 LYS A NZ  1 
ATOM   792  N  N   . ALA A 1 100 ? 5.264   -17.268 -6.183  1.00 44.39  ? 139 ALA A N   1 
ATOM   793  C  CA  . ALA A 1 100 ? 4.414   -16.357 -6.986  1.00 41.61  ? 139 ALA A CA  1 
ATOM   794  C  C   . ALA A 1 100 ? 4.411   -14.967 -6.357  1.00 38.37  ? 139 ALA A C   1 
ATOM   795  O  O   . ALA A 1 100 ? 4.735   -14.848 -5.186  1.00 40.24  ? 139 ALA A O   1 
ATOM   796  C  CB  . ALA A 1 100 ? 3.006   -16.896 -7.080  1.00 44.38  ? 139 ALA A CB  1 
ATOM   797  N  N   . PRO A 1 101 ? 4.035   -13.900 -7.101  1.00 41.59  ? 140 PRO A N   1 
ATOM   798  C  CA  . PRO A 1 101 ? 3.992   -12.558 -6.535  1.00 37.11  ? 140 PRO A CA  1 
ATOM   799  C  C   . PRO A 1 101 ? 3.114   -12.560 -5.278  1.00 37.19  ? 140 PRO A C   1 
ATOM   800  O  O   . PRO A 1 101 ? 2.092   -13.226 -5.241  1.00 35.03  ? 140 PRO A O   1 
ATOM   801  C  CB  . PRO A 1 101 ? 3.397   -11.671 -7.637  1.00 42.29  ? 140 PRO A CB  1 
ATOM   802  C  CG  . PRO A 1 101 ? 3.595   -12.444 -8.935  1.00 43.43  ? 140 PRO A CG  1 
ATOM   803  C  CD  . PRO A 1 101 ? 3.677   -13.909 -8.532  1.00 45.52  ? 140 PRO A CD  1 
ATOM   804  N  N   . VAL A 1 102 ? 3.568   -11.872 -4.242  1.00 30.88  ? 141 VAL A N   1 
ATOM   805  C  CA  . VAL A 1 102 ? 2.809   -11.698 -2.972  1.00 33.44  ? 141 VAL A CA  1 
ATOM   806  C  C   . VAL A 1 102 ? 1.775   -10.594 -3.209  1.00 34.00  ? 141 VAL A C   1 
ATOM   807  O  O   . VAL A 1 102 ? 2.150   -9.428  -3.507  1.00 33.53  ? 141 VAL A O   1 
ATOM   808  C  CB  . VAL A 1 102 ? 3.743   -11.408 -1.793  1.00 33.55  ? 141 VAL A CB  1 
ATOM   809  C  CG1 . VAL A 1 102 ? 2.991   -11.299 -0.487  1.00 32.00  ? 141 VAL A CG1 1 
ATOM   810  C  CG2 . VAL A 1 102 ? 4.880   -12.423 -1.705  1.00 34.21  ? 141 VAL A CG2 1 
ATOM   811  N  N   . SER A 1 103 ? 0.507   -10.952 -3.166  1.00 33.27  ? 142 SER A N   1 
ATOM   812  C  CA  . SER A 1 103 ? -0.567  -10.070 -3.661  1.00 33.84  ? 142 SER A CA  1 
ATOM   813  C  C   . SER A 1 103 ? -1.389  -9.607  -2.454  1.00 31.67  ? 142 SER A C   1 
ATOM   814  O  O   . SER A 1 103 ? -1.981  -10.468 -1.794  1.00 35.61  ? 142 SER A O   1 
ATOM   815  C  CB  . SER A 1 103 ? -1.373  -10.800 -4.676  1.00 36.60  ? 142 SER A CB  1 
ATOM   816  O  OG  . SER A 1 103 ? -2.431  -9.984  -5.099  1.00 37.03  ? 142 SER A OG  1 
ATOM   817  N  N   . PHE A 1 104 ? -1.441  -8.304  -2.177  1.00 28.37  ? 143 PHE A N   1 
ATOM   818  C  CA  . PHE A 1 104 ? -2.208  -7.769  -1.015  1.00 27.40  ? 143 PHE A CA  1 
ATOM   819  C  C   . PHE A 1 104 ? -3.653  -7.434  -1.435  1.00 35.25  ? 143 PHE A C   1 
ATOM   820  O  O   . PHE A 1 104 ? -4.141  -6.313  -1.225  1.00 33.51  ? 143 PHE A O   1 
ATOM   821  C  CB  . PHE A 1 104 ? -1.423  -6.583  -0.417  1.00 29.02  ? 143 PHE A CB  1 
ATOM   822  C  CG  . PHE A 1 104 ? -0.112  -6.999  0.209   1.00 28.56  ? 143 PHE A CG  1 
ATOM   823  C  CD1 . PHE A 1 104 ? -0.034  -7.269  1.561   1.00 27.09  ? 143 PHE A CD1 1 
ATOM   824  C  CD2 . PHE A 1 104 ? 1.046   -7.115  -0.556  1.00 30.48  ? 143 PHE A CD2 1 
ATOM   825  C  CE1 . PHE A 1 104 ? 1.170   -7.590  2.154   1.00 31.57  ? 143 PHE A CE1 1 
ATOM   826  C  CE2 . PHE A 1 104 ? 2.246   -7.464  0.038   1.00 32.81  ? 143 PHE A CE2 1 
ATOM   827  C  CZ  . PHE A 1 104 ? 2.299   -7.716  1.387   1.00 30.94  ? 143 PHE A CZ  1 
ATOM   828  N  N   . SER A 1 105 ? -4.374  -8.404  -2.004  1.00 33.11  ? 144 SER A N   1 
ATOM   829  C  CA  . SER A 1 105 ? -5.686  -8.164  -2.657  1.00 34.70  ? 144 SER A CA  1 
ATOM   830  C  C   . SER A 1 105 ? -6.774  -7.956  -1.608  1.00 30.46  ? 144 SER A C   1 
ATOM   831  O  O   . SER A 1 105 ? -7.829  -7.422  -2.007  1.00 36.49  ? 144 SER A O   1 
ATOM   832  C  CB  . SER A 1 105 ? -6.054  -9.281  -3.585  1.00 33.08  ? 144 SER A CB  1 
ATOM   833  O  OG  . SER A 1 105 ? -6.093  -10.477 -2.848  1.00 37.26  ? 144 SER A OG  1 
ATOM   834  N  N   . LYS A 1 106 ? -6.551  -8.345  -0.354  1.00 31.67  ? 145 LYS A N   1 
ATOM   835  C  CA  . LYS A 1 106 ? -7.623  -8.355  0.678   1.00 31.96  ? 145 LYS A CA  1 
ATOM   836  C  C   . LYS A 1 106 ? -7.486  -7.213  1.682   1.00 34.65  ? 145 LYS A C   1 
ATOM   837  O  O   . LYS A 1 106 ? -8.376  -7.058  2.520   1.00 32.82  ? 145 LYS A O   1 
ATOM   838  C  CB  . LYS A 1 106 ? -7.646  -9.697  1.404   1.00 34.03  ? 145 LYS A CB  1 
ATOM   839  C  CG  . LYS A 1 106 ? -7.915  -10.884 0.506   1.00 32.37  ? 145 LYS A CG  1 
ATOM   840  C  CD  . LYS A 1 106 ? -9.143  -10.757 -0.316  1.00 34.27  ? 145 LYS A CD  1 
ATOM   841  C  CE  . LYS A 1 106 ? -9.600  -12.128 -0.759  1.00 34.32  ? 145 LYS A CE  1 
ATOM   842  N  NZ  . LYS A 1 106 ? -10.768 -11.981 -1.643  1.00 38.04  ? 145 LYS A NZ  1 
ATOM   843  N  N   . VAL A 1 107 ? -6.460  -6.364  1.562   1.00 31.88  ? 146 VAL A N   1 
ATOM   844  C  CA  . VAL A 1 107 ? -6.380  -5.200  2.467   1.00 33.84  ? 146 VAL A CA  1 
ATOM   845  C  C   . VAL A 1 107 ? -7.520  -4.259  2.101   1.00 30.51  ? 146 VAL A C   1 
ATOM   846  O  O   . VAL A 1 107 ? -7.782  -4.062  0.931   1.00 31.71  ? 146 VAL A O   1 
ATOM   847  C  CB  . VAL A 1 107 ? -5.003  -4.507  2.477   1.00 29.37  ? 146 VAL A CB  1 
ATOM   848  C  CG1 . VAL A 1 107 ? -4.615  -3.924  1.126   1.00 32.30  ? 146 VAL A CG1 1 
ATOM   849  C  CG2 . VAL A 1 107 ? -4.970  -3.449  3.565   1.00 31.47  ? 146 VAL A CG2 1 
ATOM   850  N  N   . LYS A 1 108 ? -8.171  -3.727  3.126   1.00 31.56  ? 147 LYS A N   1 
ATOM   851  C  CA  . LYS A 1 108 ? -9.256  -2.733  2.981   1.00 35.10  ? 147 LYS A CA  1 
ATOM   852  C  C   . LYS A 1 108 ? -8.838  -1.426  3.636   1.00 33.91  ? 147 LYS A C   1 
ATOM   853  O  O   . LYS A 1 108 ? -8.466  -1.453  4.792   1.00 33.88  ? 147 LYS A O   1 
ATOM   854  C  CB  . LYS A 1 108 ? -10.529 -3.221  3.667   1.00 40.66  ? 147 LYS A CB  1 
ATOM   855  C  CG  . LYS A 1 108 ? -11.101 -4.490  3.058   1.00 45.54  ? 147 LYS A CG  1 
ATOM   856  C  CD  . LYS A 1 108 ? -12.219 -5.092  3.882   1.00 49.86  ? 147 LYS A CD  1 
ATOM   857  C  CE  . LYS A 1 108 ? -13.550 -5.028  3.181   1.00 53.02  ? 147 LYS A CE  1 
ATOM   858  N  NZ  . LYS A 1 108 ? -14.518 -5.948  3.819   1.00 51.79  ? 147 LYS A NZ  1 
ATOM   859  N  N   . LEU A 1 109 ? -8.950  -0.338  2.891   1.00 35.76  ? 148 LEU A N   1 
ATOM   860  C  CA  . LEU A 1 109 ? -8.631  1.035   3.360   1.00 34.61  ? 148 LEU A CA  1 
ATOM   861  C  C   . LEU A 1 109 ? -9.930  1.674   3.865   1.00 37.00  ? 148 LEU A C   1 
ATOM   862  O  O   . LEU A 1 109 ? -10.906 1.689   3.091   1.00 35.53  ? 148 LEU A O   1 
ATOM   863  C  CB  . LEU A 1 109 ? -8.028  1.800   2.187   1.00 31.53  ? 148 LEU A CB  1 
ATOM   864  C  CG  . LEU A 1 109 ? -6.824  1.115   1.517   1.00 30.31  ? 148 LEU A CG  1 
ATOM   865  C  CD1 . LEU A 1 109 ? -6.190  2.017   0.480   1.00 30.59  ? 148 LEU A CD1 1 
ATOM   866  C  CD2 . LEU A 1 109 ? -5.829  0.663   2.583   1.00 33.48  ? 148 LEU A CD2 1 
ATOM   867  N  N   . THR A 1 110 ? -9.930  2.176   5.092   1.00 36.33  ? 149 THR A N   1 
ATOM   868  C  CA  . THR A 1 110 ? -11.111 2.856   5.696   1.00 42.55  ? 149 THR A CA  1 
ATOM   869  C  C   . THR A 1 110 ? -10.723 4.251   6.158   1.00 43.24  ? 149 THR A C   1 
ATOM   870  O  O   . THR A 1 110 ? -9.501  4.525   6.243   1.00 42.26  ? 149 THR A O   1 
ATOM   871  C  CB  . THR A 1 110 ? -11.745 2.060   6.852   1.00 43.87  ? 149 THR A CB  1 
ATOM   872  O  OG1 . THR A 1 110 ? -12.836 2.813   7.400   1.00 47.41  ? 149 THR A OG1 1 
ATOM   873  C  CG2 . THR A 1 110 ? -10.799 1.718   7.977   1.00 42.06  ? 149 THR A CG2 1 
ATOM   874  N  N   . ASN A 1 111 ? -11.739 5.051   6.513   1.00 43.13  ? 150 ASN A N   1 
ATOM   875  C  CA  . ASN A 1 111 ? -11.569 6.367   7.185   1.00 47.94  ? 150 ASN A CA  1 
ATOM   876  C  C   . ASN A 1 111 ? -12.083 6.324   8.627   1.00 47.44  ? 150 ASN A C   1 
ATOM   877  O  O   . ASN A 1 111 ? -12.075 7.378   9.236   1.00 50.40  ? 150 ASN A O   1 
ATOM   878  C  CB  . ASN A 1 111 ? -12.179 7.531   6.387   1.00 48.45  ? 150 ASN A CB  1 
ATOM   879  C  CG  . ASN A 1 111 ? -13.618 7.357   5.932   1.00 46.31  ? 150 ASN A CG  1 
ATOM   880  O  OD1 . ASN A 1 111 ? -14.136 8.241   5.259   1.00 57.60  ? 150 ASN A OD1 1 
ATOM   881  N  ND2 . ASN A 1 111 ? -14.269 6.262   6.264   1.00 45.76  ? 150 ASN A ND2 1 
ATOM   882  N  N   . LYS A 1 112 ? -12.419 5.166   9.194   1.00 55.49  ? 151 LYS A N   1 
ATOM   883  C  CA  . LYS A 1 112 ? -13.019 5.082   10.559  1.00 64.96  ? 151 LYS A CA  1 
ATOM   884  C  C   . LYS A 1 112 ? -12.318 3.987   11.371  1.00 69.49  ? 151 LYS A C   1 
ATOM   885  O  O   . LYS A 1 112 ? -12.083 2.907   10.799  1.00 70.69  ? 151 LYS A O   1 
ATOM   886  C  CB  . LYS A 1 112 ? -14.528 4.813   10.458  1.00 72.44  ? 151 LYS A CB  1 
ATOM   887  C  CG  . LYS A 1 112 ? -15.338 5.838   9.664   1.00 78.05  ? 151 LYS A CG  1 
ATOM   888  C  CD  . LYS A 1 112 ? -15.610 7.136   10.410  1.00 81.67  ? 151 LYS A CD  1 
ATOM   889  C  CE  . LYS A 1 112 ? -16.685 7.981   9.760   1.00 81.40  ? 151 LYS A CE  1 
ATOM   890  N  NZ  . LYS A 1 112 ? -16.845 9.278   10.459  1.00 85.39  ? 151 LYS A NZ  1 
ATOM   891  N  N   . LEU A 1 113 ? -11.995 4.252   12.647  1.00 78.09  ? 152 LEU A N   1 
ATOM   892  C  CA  . LEU A 1 113 ? -11.429 3.233   13.582  1.00 82.05  ? 152 LEU A CA  1 
ATOM   893  C  C   . LEU A 1 113 ? -12.471 2.117   13.734  1.00 86.99  ? 152 LEU A C   1 
ATOM   894  O  O   . LEU A 1 113 ? -13.638 2.430   14.033  1.00 87.64  ? 152 LEU A O   1 
ATOM   895  C  CB  . LEU A 1 113 ? -10.987 3.830   14.932  1.00 82.35  ? 152 LEU A CB  1 
ATOM   896  C  CG  . LEU A 1 113 ? -11.764 5.002   15.555  1.00 84.64  ? 152 LEU A CG  1 
ATOM   897  C  CD1 . LEU A 1 113 ? -11.299 6.355   15.020  1.00 82.32  ? 152 LEU A CD1 1 
ATOM   898  C  CD2 . LEU A 1 113 ? -13.280 4.859   15.438  1.00 88.03  ? 152 LEU A CD2 1 
ATOM   899  N  N   . ASN A 1 114 ? -12.081 0.870   13.468  1.00 91.59  ? 153 ASN A N   1 
ATOM   900  C  CA  . ASN A 1 114 ? -13.032 -0.225  13.135  1.00 100.61 ? 153 ASN A CA  1 
ATOM   901  C  C   . ASN A 1 114 ? -12.592 -1.533  13.802  1.00 101.70 ? 153 ASN A C   1 
ATOM   902  O  O   . ASN A 1 114 ? -11.473 -1.569  14.362  1.00 106.11 ? 153 ASN A O   1 
ATOM   903  C  CB  . ASN A 1 114 ? -13.179 -0.377  11.616  1.00 104.06 ? 153 ASN A CB  1 
ATOM   904  C  CG  . ASN A 1 114 ? -14.083 0.664   10.979  1.00 106.40 ? 153 ASN A CG  1 
ATOM   905  O  OD1 . ASN A 1 114 ? -15.071 1.107   11.570  1.00 97.52  ? 153 ASN A OD1 1 
ATOM   906  N  ND2 . ASN A 1 114 ? -13.759 1.055   9.756   1.00 98.29  ? 153 ASN A ND2 1 
ATOM   907  N  N   . GLY A 1 115 ? -13.458 -2.552  13.735  1.00 105.31 ? 154 GLY A N   1 
ATOM   908  C  CA  . GLY A 1 115 ? -13.299 -3.866  14.392  1.00 105.80 ? 154 GLY A CA  1 
ATOM   909  C  C   . GLY A 1 115 ? -11.911 -4.444  14.188  1.00 97.32  ? 154 GLY A C   1 
ATOM   910  O  O   . GLY A 1 115 ? -11.117 -4.438  15.148  1.00 93.56  ? 154 GLY A O   1 
ATOM   911  N  N   . GLY A 1 116 ? -11.622 -4.917  12.976  1.00 89.58  ? 155 GLY A N   1 
ATOM   912  C  CA  . GLY A 1 116 ? -10.343 -5.571  12.649  1.00 86.75  ? 155 GLY A CA  1 
ATOM   913  C  C   . GLY A 1 116 ? -10.204 -5.804  11.161  1.00 78.32  ? 155 GLY A C   1 
ATOM   914  O  O   . GLY A 1 116 ? -11.216 -5.710  10.448  1.00 86.16  ? 155 GLY A O   1 
ATOM   915  N  N   . GLY A 1 117 ? -8.995  -6.130  10.716  1.00 72.41  ? 156 GLY A N   1 
ATOM   916  C  CA  . GLY A 1 117 ? -8.631  -6.202  9.291   1.00 67.07  ? 156 GLY A CA  1 
ATOM   917  C  C   . GLY A 1 117 ? -8.314  -4.821  8.743   1.00 59.30  ? 156 GLY A C   1 
ATOM   918  O  O   . GLY A 1 117 ? -7.130  -4.562  8.475   1.00 61.88  ? 156 GLY A O   1 
ATOM   919  N  N   . GLN A 1 118 ? -9.321  -3.944  8.638   1.00 52.73  ? 157 GLN A N   1 
ATOM   920  C  CA  . GLN A 1 118 ? -9.255  -2.705  7.814   1.00 49.71  ? 157 GLN A CA  1 
ATOM   921  C  C   . GLN A 1 118 ? -8.130  -1.802  8.334   1.00 45.59  ? 157 GLN A C   1 
ATOM   922  O  O   . GLN A 1 118 ? -7.859  -1.820  9.527   1.00 43.09  ? 157 GLN A O   1 
ATOM   923  C  CB  . GLN A 1 118 ? -10.568 -1.909  7.804   1.00 51.94  ? 157 GLN A CB  1 
ATOM   924  C  CG  . GLN A 1 118 ? -11.795 -2.704  7.405   1.00 59.76  ? 157 GLN A CG  1 
ATOM   925  C  CD  . GLN A 1 118 ? -12.744 -2.852  8.570   1.00 63.43  ? 157 GLN A CD  1 
ATOM   926  O  OE1 . GLN A 1 118 ? -13.743 -2.149  8.665   1.00 76.75  ? 157 GLN A OE1 1 
ATOM   927  N  NE2 . GLN A 1 118 ? -12.424 -3.748  9.483   1.00 57.14  ? 157 GLN A NE2 1 
ATOM   928  N  N   . ILE A 1 119 ? -7.481  -1.065  7.435   1.00 38.98  ? 158 ILE A N   1 
ATOM   929  C  CA  . ILE A 1 119 ? -6.419  -0.090  7.796   1.00 39.35  ? 158 ILE A CA  1 
ATOM   930  C  C   . ILE A 1 119 ? -7.014  1.301   7.613   1.00 36.08  ? 158 ILE A C   1 
ATOM   931  O  O   . ILE A 1 119 ? -7.395  1.625   6.467   1.00 36.87  ? 158 ILE A O   1 
ATOM   932  C  CB  . ILE A 1 119 ? -5.181  -0.291  6.911   1.00 36.59  ? 158 ILE A CB  1 
ATOM   933  C  CG1 . ILE A 1 119 ? -4.588  -1.695  7.089   1.00 37.71  ? 158 ILE A CG1 1 
ATOM   934  C  CG2 . ILE A 1 119 ? -4.184  0.836   7.098   1.00 36.03  ? 158 ILE A CG2 1 
ATOM   935  C  CD1 . ILE A 1 119 ? -4.229  -2.083  8.531   1.00 38.86  ? 158 ILE A CD1 1 
ATOM   936  N  N   . MET A 1 120 ? -6.995  2.082   8.689   1.00 38.39  ? 159 MET A N   1 
ATOM   937  C  CA  . MET A 1 120 ? -7.542  3.458   8.729   1.00 41.54  ? 159 MET A CA  1 
ATOM   938  C  C   . MET A 1 120 ? -6.505  4.429   8.176   1.00 38.61  ? 159 MET A C   1 
ATOM   939  O  O   . MET A 1 120 ? -5.355  4.462   8.675   1.00 38.37  ? 159 MET A O   1 
ATOM   940  C  CB  . MET A 1 120 ? -7.893  3.879   10.156  1.00 48.69  ? 159 MET A CB  1 
ATOM   941  C  CG  . MET A 1 120 ? -8.331  5.342   10.252  1.00 58.39  ? 159 MET A CG  1 
ATOM   942  S  SD  . MET A 1 120 ? -9.180  5.666   11.810  1.00 67.91  ? 159 MET A SD  1 
ATOM   943  C  CE  . MET A 1 120 ? -7.935  5.196   13.014  1.00 75.12  ? 159 MET A CE  1 
ATOM   944  N  N   . LEU A 1 121 ? -6.893  5.185   7.165   1.00 36.64  ? 160 LEU A N   1 
ATOM   945  C  CA  . LEU A 1 121 ? -6.048  6.259   6.610   1.00 33.39  ? 160 LEU A CA  1 
ATOM   946  C  C   . LEU A 1 121 ? -6.820  7.552   6.826   1.00 41.25  ? 160 LEU A C   1 
ATOM   947  O  O   . LEU A 1 121 ? -8.035  7.453   7.045   1.00 40.78  ? 160 LEU A O   1 
ATOM   948  C  CB  . LEU A 1 121 ? -5.790  5.996   5.125   1.00 36.29  ? 160 LEU A CB  1 
ATOM   949  C  CG  . LEU A 1 121 ? -5.098  4.695   4.756   1.00 32.42  ? 160 LEU A CG  1 
ATOM   950  C  CD1 . LEU A 1 121 ? -4.892  4.605   3.269   1.00 30.85  ? 160 LEU A CD1 1 
ATOM   951  C  CD2 . LEU A 1 121 ? -3.753  4.552   5.471   1.00 34.77  ? 160 LEU A CD2 1 
ATOM   952  N  N   . ASN A 1 122 ? -6.137  8.696   6.799   1.00 44.31  ? 161 ASN A N   1 
ATOM   953  C  CA  . ASN A 1 122 ? -6.793  10.027  6.803   1.00 45.02  ? 161 ASN A CA  1 
ATOM   954  C  C   . ASN A 1 122 ? -7.106  10.407  5.359   1.00 45.52  ? 161 ASN A C   1 
ATOM   955  O  O   . ASN A 1 122 ? -6.180  10.440  4.507   1.00 37.26  ? 161 ASN A O   1 
ATOM   956  C  CB  . ASN A 1 122 ? -5.920  11.138  7.381   1.00 45.88  ? 161 ASN A CB  1 
ATOM   957  C  CG  . ASN A 1 122 ? -5.570  10.931  8.832   1.00 49.15  ? 161 ASN A CG  1 
ATOM   958  O  OD1 . ASN A 1 122 ? -6.439  10.591  9.627   1.00 51.65  ? 161 ASN A OD1 1 
ATOM   959  N  ND2 . ASN A 1 122 ? -4.310  11.156  9.179   1.00 54.14  ? 161 ASN A ND2 1 
ATOM   960  N  N   . SER A 1 123 ? -8.359  10.751  5.094   1.00 39.03  ? 162 SER A N   1 
ATOM   961  C  CA  . SER A 1 123 ? -8.780  11.223  3.762   1.00 41.38  ? 162 SER A CA  1 
ATOM   962  C  C   . SER A 1 123 ? -7.990  12.484  3.381   1.00 35.42  ? 162 SER A C   1 
ATOM   963  O  O   . SER A 1 123 ? -7.660  13.259  4.279   1.00 38.57  ? 162 SER A O   1 
ATOM   964  C  CB  . SER A 1 123 ? -10.262 11.464  3.748   1.00 44.34  ? 162 SER A CB  1 
ATOM   965  O  OG  . SER A 1 123 ? -10.680 11.444  2.406   1.00 52.59  ? 162 SER A OG  1 
ATOM   966  N  N   . LEU A 1 124 ? -7.681  12.651  2.092   1.00 35.26  ? 163 LEU A N   1 
ATOM   967  C  CA  . LEU A 1 124 ? -6.957  13.801  1.487   1.00 35.30  ? 163 LEU A CA  1 
ATOM   968  C  C   . LEU A 1 124 ? -5.501  13.898  1.984   1.00 36.69  ? 163 LEU A C   1 
ATOM   969  O  O   . LEU A 1 124 ? -4.902  14.984  1.865   1.00 35.72  ? 163 LEU A O   1 
ATOM   970  C  CB  . LEU A 1 124 ? -7.737  15.082  1.789   1.00 40.69  ? 163 LEU A CB  1 
ATOM   971  C  CG  . LEU A 1 124 ? -9.164  15.102  1.232   1.00 41.23  ? 163 LEU A CG  1 
ATOM   972  C  CD1 . LEU A 1 124 ? -9.780  16.476  1.386   1.00 44.92  ? 163 LEU A CD1 1 
ATOM   973  C  CD2 . LEU A 1 124 ? -9.185  14.694  -0.229  1.00 39.48  ? 163 LEU A CD2 1 
ATOM   974  N  N   . HIS A 1 125 ? -4.962  12.812  2.522   1.00 33.96  ? 164 HIS A N   1 
ATOM   975  C  CA  . HIS A 1 125 ? -3.500  12.653  2.752   1.00 34.38  ? 164 HIS A CA  1 
ATOM   976  C  C   . HIS A 1 125 ? -2.905  11.710  1.705   1.00 34.68  ? 164 HIS A C   1 
ATOM   977  O  O   . HIS A 1 125 ? -3.614  10.814  1.154   1.00 28.72  ? 164 HIS A O   1 
ATOM   978  C  CB  . HIS A 1 125 ? -3.249  12.237  4.196   1.00 34.81  ? 164 HIS A CB  1 
ATOM   979  C  CG  . HIS A 1 125 ? -3.552  13.350  5.137   1.00 39.96  ? 164 HIS A CG  1 
ATOM   980  N  ND1 . HIS A 1 125 ? -4.840  13.847  5.317   1.00 48.73  ? 164 HIS A ND1 1 
ATOM   981  C  CD2 . HIS A 1 125 ? -2.743  14.086  5.930   1.00 43.12  ? 164 HIS A CD2 1 
ATOM   982  C  CE1 . HIS A 1 125 ? -4.799  14.859  6.178   1.00 44.61  ? 164 HIS A CE1 1 
ATOM   983  N  NE2 . HIS A 1 125 ? -3.531  15.011  6.583   1.00 48.86  ? 164 HIS A NE2 1 
ATOM   984  N  N   . LYS A 1 126 ? -1.627  11.940  1.437   1.00 30.81  ? 165 LYS A N   1 
ATOM   985  C  CA  . LYS A 1 126 ? -0.861  11.228  0.416   1.00 32.34  ? 165 LYS A CA  1 
ATOM   986  C  C   . LYS A 1 126 ? -0.074  10.147  1.163   1.00 32.65  ? 165 LYS A C   1 
ATOM   987  O  O   . LYS A 1 126 ? 0.546   10.481  2.211   1.00 28.89  ? 165 LYS A O   1 
ATOM   988  C  CB  . LYS A 1 126 ? -0.006  12.239  -0.324  1.00 34.97  ? 165 LYS A CB  1 
ATOM   989  C  CG  . LYS A 1 126 ? 0.799   11.645  -1.462  1.00 40.68  ? 165 LYS A CG  1 
ATOM   990  C  CD  . LYS A 1 126 ? 1.522   12.664  -2.278  1.00 43.01  ? 165 LYS A CD  1 
ATOM   991  C  CE  . LYS A 1 126 ? 0.684   13.199  -3.413  1.00 43.94  ? 165 LYS A CE  1 
ATOM   992  N  NZ  . LYS A 1 126 ? 1.508   14.036  -4.309  1.00 43.75  ? 165 LYS A NZ  1 
ATOM   993  N  N   . TYR A 1 127 ? -0.089  8.935   0.638   1.00 29.06  ? 166 TYR A N   1 
ATOM   994  C  CA  . TYR A 1 127 ? 0.485   7.731   1.286   1.00 24.99  ? 166 TYR A CA  1 
ATOM   995  C  C   . TYR A 1 127 ? 1.439   7.054   0.312   1.00 27.26  ? 166 TYR A C   1 
ATOM   996  O  O   . TYR A 1 127 ? 1.195   7.041   -0.893  1.00 26.07  ? 166 TYR A O   1 
ATOM   997  C  CB  . TYR A 1 127 ? -0.631  6.799   1.767   1.00 27.93  ? 166 TYR A CB  1 
ATOM   998  C  CG  . TYR A 1 127 ? -1.368  7.345   2.949   1.00 29.29  ? 166 TYR A CG  1 
ATOM   999  C  CD1 . TYR A 1 127 ? -0.858  7.234   4.228   1.00 28.99  ? 166 TYR A CD1 1 
ATOM   1000 C  CD2 . TYR A 1 127 ? -2.564  8.024   2.786   1.00 32.66  ? 166 TYR A CD2 1 
ATOM   1001 C  CE1 . TYR A 1 127 ? -1.522  7.740   5.330   1.00 31.39  ? 166 TYR A CE1 1 
ATOM   1002 C  CE2 . TYR A 1 127 ? -3.237  8.529   3.884   1.00 32.25  ? 166 TYR A CE2 1 
ATOM   1003 C  CZ  . TYR A 1 127 ? -2.702  8.426   5.143   1.00 33.65  ? 166 TYR A CZ  1 
ATOM   1004 O  OH  . TYR A 1 127 ? -3.388  8.984   6.180   1.00 35.83  ? 166 TYR A OH  1 
ATOM   1005 N  N   . GLU A 1 128 ? 2.477   6.428   0.885   1.00 26.68  ? 167 GLU A N   1 
ATOM   1006 C  CA  . GLU A 1 128 ? 3.433   5.558   0.165   1.00 27.44  ? 167 GLU A CA  1 
ATOM   1007 C  C   . GLU A 1 128 ? 3.385   4.189   0.813   1.00 26.84  ? 167 GLU A C   1 
ATOM   1008 O  O   . GLU A 1 128 ? 3.817   4.019   1.953   1.00 25.83  ? 167 GLU A O   1 
ATOM   1009 C  CB  . GLU A 1 128 ? 4.863   6.107   0.275   1.00 24.97  ? 167 GLU A CB  1 
ATOM   1010 C  CG  . GLU A 1 128 ? 5.839   5.358   -0.578  1.00 26.21  ? 167 GLU A CG  1 
ATOM   1011 C  CD  . GLU A 1 128 ? 7.159   6.117   -0.678  1.00 25.77  ? 167 GLU A CD  1 
ATOM   1012 O  OE1 . GLU A 1 128 ? 7.900   6.031   0.298   1.00 28.00  ? 167 GLU A OE1 1 
ATOM   1013 O  OE2 . GLU A 1 128 ? 7.393   6.693   -1.693  1.00 23.48  ? 167 GLU A OE2 1 
ATOM   1014 N  N   . PRO A 1 129 ? 2.798   3.198   0.107   1.00 24.87  ? 168 PRO A N   1 
ATOM   1015 C  CA  . PRO A 1 129 ? 2.839   1.822   0.571   1.00 26.33  ? 168 PRO A CA  1 
ATOM   1016 C  C   . PRO A 1 129 ? 4.274   1.361   0.869   1.00 23.98  ? 168 PRO A C   1 
ATOM   1017 O  O   . PRO A 1 129 ? 5.184   1.707   0.125   1.00 26.48  ? 168 PRO A O   1 
ATOM   1018 C  CB  . PRO A 1 129 ? 2.208   1.029   -0.571  1.00 25.44  ? 168 PRO A CB  1 
ATOM   1019 C  CG  . PRO A 1 129 ? 1.228   2.067   -1.164  1.00 24.86  ? 168 PRO A CG  1 
ATOM   1020 C  CD  . PRO A 1 129 ? 2.024   3.372   -1.131  1.00 26.60  ? 168 PRO A CD  1 
ATOM   1021 N  N   . ARG A 1 130 ? 4.362   0.506   1.882   1.00 25.62  ? 169 ARG A N   1 
ATOM   1022 C  CA  . ARG A 1 130 ? 5.623   -0.028  2.412   1.00 26.84  ? 169 ARG A CA  1 
ATOM   1023 C  C   . ARG A 1 130 ? 5.350   -1.434  2.950   1.00 27.42  ? 169 ARG A C   1 
ATOM   1024 O  O   . ARG A 1 130 ? 4.326   -1.663  3.657   1.00 27.69  ? 169 ARG A O   1 
ATOM   1025 C  CB  . ARG A 1 130 ? 6.156   0.941   3.476   1.00 28.30  ? 169 ARG A CB  1 
ATOM   1026 C  CG  . ARG A 1 130 ? 7.432   0.475   4.167   1.00 31.26  ? 169 ARG A CG  1 
ATOM   1027 C  CD  . ARG A 1 130 ? 7.835   1.546   5.161   1.00 26.75  ? 169 ARG A CD  1 
ATOM   1028 N  NE  . ARG A 1 130 ? 7.033   1.531   6.346   1.00 29.62  ? 169 ARG A NE  1 
ATOM   1029 C  CZ  . ARG A 1 130 ? 7.237   2.277   7.392   1.00 28.81  ? 169 ARG A CZ  1 
ATOM   1030 N  NH1 . ARG A 1 130 ? 8.268   3.123   7.402   1.00 29.19  ? 169 ARG A NH1 1 
ATOM   1031 N  NH2 . ARG A 1 130 ? 6.469   2.143   8.448   1.00 28.18  ? 169 ARG A NH2 1 
ATOM   1032 N  N   . ILE A 1 131 ? 6.243   -2.349  2.650   1.00 26.68  ? 170 ILE A N   1 
ATOM   1033 C  CA  . ILE A 1 131 ? 6.120   -3.688  3.261   1.00 26.76  ? 170 ILE A CA  1 
ATOM   1034 C  C   . ILE A 1 131 ? 7.289   -3.903  4.228   1.00 30.82  ? 170 ILE A C   1 
ATOM   1035 O  O   . ILE A 1 131 ? 8.364   -3.241  4.107   1.00 28.06  ? 170 ILE A O   1 
ATOM   1036 C  CB  . ILE A 1 131 ? 5.998   -4.774  2.189   1.00 28.69  ? 170 ILE A CB  1 
ATOM   1037 C  CG1 . ILE A 1 131 ? 7.253   -4.827  1.330   1.00 29.00  ? 170 ILE A CG1 1 
ATOM   1038 C  CG2 . ILE A 1 131 ? 4.736   -4.581  1.356   1.00 31.66  ? 170 ILE A CG2 1 
ATOM   1039 C  CD1 . ILE A 1 131 ? 7.473   -6.125  0.609   1.00 36.66  ? 170 ILE A CD1 1 
ATOM   1040 N  N   . HIS A 1 132 ? 7.062   -4.807  5.158   1.00 29.96  ? 171 HIS A N   1 
ATOM   1041 C  CA  . HIS A 1 132 ? 8.076   -5.347  6.070   1.00 28.25  ? 171 HIS A CA  1 
ATOM   1042 C  C   . HIS A 1 132 ? 8.088   -6.854  5.867   1.00 30.52  ? 171 HIS A C   1 
ATOM   1043 O  O   . HIS A 1 132 ? 6.981   -7.480  5.950   1.00 29.19  ? 171 HIS A O   1 
ATOM   1044 C  CB  . HIS A 1 132 ? 7.771   -4.985  7.503   1.00 29.56  ? 171 HIS A CB  1 
ATOM   1045 C  CG  . HIS A 1 132 ? 7.464   -3.544  7.676   1.00 33.67  ? 171 HIS A CG  1 
ATOM   1046 N  ND1 . HIS A 1 132 ? 8.451   -2.567  7.586   1.00 32.17  ? 171 HIS A ND1 1 
ATOM   1047 C  CD2 . HIS A 1 132 ? 6.292   -2.903  7.894   1.00 33.36  ? 171 HIS A CD2 1 
ATOM   1048 C  CE1 . HIS A 1 132 ? 7.895   -1.386  7.773   1.00 31.72  ? 171 HIS A CE1 1 
ATOM   1049 N  NE2 . HIS A 1 132 ? 6.562   -1.561  7.938   1.00 35.50  ? 171 HIS A NE2 1 
ATOM   1050 N  N   . ILE A 1 133 ? 9.271   -7.404  5.624   1.00 30.12  ? 172 ILE A N   1 
ATOM   1051 C  CA  . ILE A 1 133 ? 9.429   -8.890  5.575   1.00 30.88  ? 172 ILE A CA  1 
ATOM   1052 C  C   . ILE A 1 133 ? 10.121  -9.287  6.869   1.00 33.33  ? 172 ILE A C   1 
ATOM   1053 O  O   . ILE A 1 133 ? 11.241  -8.781  7.179   1.00 32.82  ? 172 ILE A O   1 
ATOM   1054 C  CB  . ILE A 1 133 ? 10.173  -9.388  4.337   1.00 32.58  ? 172 ILE A CB  1 
ATOM   1055 C  CG1 . ILE A 1 133 ? 9.502   -8.942  3.055   1.00 32.64  ? 172 ILE A CG1 1 
ATOM   1056 C  CG2 . ILE A 1 133 ? 10.285  -10.907 4.374   1.00 30.56  ? 172 ILE A CG2 1 
ATOM   1057 C  CD1 . ILE A 1 133 ? 10.376  -9.081  1.855   1.00 33.71  ? 172 ILE A CD1 1 
ATOM   1058 N  N   . VAL A 1 134 ? 9.403   -10.050 7.675   1.00 33.30  ? 173 VAL A N   1 
ATOM   1059 C  CA  . VAL A 1 134 ? 9.816   -10.323 9.077   1.00 32.24  ? 173 VAL A CA  1 
ATOM   1060 C  C   . VAL A 1 134 ? 10.137  -11.820 9.146   1.00 36.16  ? 173 VAL A C   1 
ATOM   1061 O  O   . VAL A 1 134 ? 9.217   -12.636 8.892   1.00 34.09  ? 173 VAL A O   1 
ATOM   1062 C  CB  . VAL A 1 134 ? 8.762   -9.927  10.108  1.00 32.93  ? 173 VAL A CB  1 
ATOM   1063 C  CG1 . VAL A 1 134 ? 9.270   -10.161 11.519  1.00 36.09  ? 173 VAL A CG1 1 
ATOM   1064 C  CG2 . VAL A 1 134 ? 8.298   -8.472  9.953   1.00 38.42  ? 173 VAL A CG2 1 
ATOM   1065 N  N   . ARG A 1 135 ? 11.402  -12.151 9.365   1.00 35.86  ? 174 ARG A N   1 
ATOM   1066 C  CA  . ARG A 1 135 ? 11.823  -13.549 9.657   1.00 40.14  ? 174 ARG A CA  1 
ATOM   1067 C  C   . ARG A 1 135 ? 11.364  -13.863 11.075  1.00 39.31  ? 174 ARG A C   1 
ATOM   1068 O  O   . ARG A 1 135 ? 11.862  -13.206 12.008  1.00 45.78  ? 174 ARG A O   1 
ATOM   1069 C  CB  . ARG A 1 135 ? 13.336  -13.698 9.464   1.00 48.83  ? 174 ARG A CB  1 
ATOM   1070 C  CG  . ARG A 1 135 ? 13.824  -15.138 9.494   1.00 51.65  ? 174 ARG A CG  1 
ATOM   1071 C  CD  . ARG A 1 135 ? 15.235  -15.220 8.965   1.00 59.15  ? 174 ARG A CD  1 
ATOM   1072 N  NE  . ARG A 1 135 ? 15.737  -16.589 9.020   1.00 65.50  ? 174 ARG A NE  1 
ATOM   1073 C  CZ  . ARG A 1 135 ? 16.867  -17.001 8.450   1.00 66.16  ? 174 ARG A CZ  1 
ATOM   1074 N  NH1 . ARG A 1 135 ? 17.625  -16.152 7.776   1.00 73.33  ? 174 ARG A NH1 1 
ATOM   1075 N  NH2 . ARG A 1 135 ? 17.234  -18.266 8.545   1.00 66.92  ? 174 ARG A NH2 1 
ATOM   1076 N  N   . VAL A 1 136 ? 10.501  -14.877 11.214  1.00 46.24  ? 175 VAL A N   1 
ATOM   1077 C  CA  . VAL A 1 136 ? 9.801   -15.258 12.473  1.00 43.85  ? 175 VAL A CA  1 
ATOM   1078 C  C   . VAL A 1 136 ? 10.201  -16.691 12.876  1.00 55.97  ? 175 VAL A C   1 
ATOM   1079 O  O   . VAL A 1 136 ? 10.587  -17.500 11.988  1.00 46.93  ? 175 VAL A O   1 
ATOM   1080 C  CB  . VAL A 1 136 ? 8.270   -15.173 12.298  1.00 47.05  ? 175 VAL A CB  1 
ATOM   1081 C  CG1 . VAL A 1 136 ? 7.777   -13.735 12.199  1.00 47.71  ? 175 VAL A CG1 1 
ATOM   1082 C  CG2 . VAL A 1 136 ? 7.765   -15.975 11.104  1.00 45.37  ? 175 VAL A CG2 1 
ATOM   1083 N  N   . GLY A 1 137 ? 10.023  -17.027 14.153  1.00 63.19  ? 176 GLY A N   1 
ATOM   1084 C  CA  . GLY A 1 137 ? 10.160  -18.409 14.655  1.00 75.56  ? 176 GLY A CA  1 
ATOM   1085 C  C   . GLY A 1 137 ? 11.613  -18.805 14.841  1.00 82.92  ? 176 GLY A C   1 
ATOM   1086 O  O   . GLY A 1 137 ? 11.908  -19.504 15.837  1.00 88.43  ? 176 GLY A O   1 
ATOM   1087 N  N   . GLY A 1 138 ? 12.485  -18.385 13.916  1.00 83.38  ? 177 GLY A N   1 
ATOM   1088 C  CA  . GLY A 1 138 ? 13.937  -18.629 13.961  1.00 87.85  ? 177 GLY A CA  1 
ATOM   1089 C  C   . GLY A 1 138 ? 14.577  -18.039 15.215  1.00 91.10  ? 177 GLY A C   1 
ATOM   1090 O  O   . GLY A 1 138 ? 13.916  -17.380 16.021  1.00 73.90  ? 177 GLY A O   1 
ATOM   1091 N  N   . PRO A 1 139 ? 15.892  -18.272 15.417  1.00 101.13 ? 178 PRO A N   1 
ATOM   1092 C  CA  . PRO A 1 139 ? 16.592  -17.719 16.576  1.00 101.08 ? 178 PRO A CA  1 
ATOM   1093 C  C   . PRO A 1 139 ? 16.702  -16.192 16.435  1.00 96.00  ? 178 PRO A C   1 
ATOM   1094 O  O   . PRO A 1 139 ? 16.195  -15.487 17.302  1.00 77.44  ? 178 PRO A O   1 
ATOM   1095 C  CB  . PRO A 1 139 ? 17.966  -18.417 16.559  1.00 105.87 ? 178 PRO A CB  1 
ATOM   1096 C  CG  . PRO A 1 139 ? 18.150  -18.935 15.130  1.00 101.48 ? 178 PRO A CG  1 
ATOM   1097 C  CD  . PRO A 1 139 ? 16.762  -19.068 14.534  1.00 99.29  ? 178 PRO A CD  1 
ATOM   1098 N  N   . GLN A 1 140 ? 17.327  -15.754 15.331  1.00 98.28  ? 179 GLN A N   1 
ATOM   1099 C  CA  . GLN A 1 140 ? 17.555  -14.335 14.942  1.00 95.36  ? 179 GLN A CA  1 
ATOM   1100 C  C   . GLN A 1 140 ? 16.298  -13.827 14.224  1.00 76.27  ? 179 GLN A C   1 
ATOM   1101 O  O   . GLN A 1 140 ? 16.078  -14.185 13.056  1.00 69.77  ? 179 GLN A O   1 
ATOM   1102 C  CB  . GLN A 1 140 ? 18.822  -14.195 14.081  1.00 104.54 ? 179 GLN A CB  1 
ATOM   1103 C  CG  . GLN A 1 140 ? 18.701  -14.776 12.667  1.00 120.56 ? 179 GLN A CG  1 
ATOM   1104 C  CD  . GLN A 1 140 ? 20.007  -15.224 12.049  1.00 126.35 ? 179 GLN A CD  1 
ATOM   1105 O  OE1 . GLN A 1 140 ? 20.919  -14.429 11.813  1.00 125.22 ? 179 GLN A OE1 1 
ATOM   1106 N  NE2 . GLN A 1 140 ? 20.093  -16.509 11.737  1.00 123.17 ? 179 GLN A NE2 1 
ATOM   1107 N  N   . ARG A 1 141 ? 15.488  -13.026 14.908  1.00 62.34  ? 180 ARG A N   1 
ATOM   1108 C  CA  . ARG A 1 141 ? 14.467  -12.181 14.239  1.00 57.95  ? 180 ARG A CA  1 
ATOM   1109 C  C   . ARG A 1 141 ? 15.214  -11.225 13.287  1.00 54.20  ? 180 ARG A C   1 
ATOM   1110 O  O   . ARG A 1 141 ? 16.336  -10.797 13.662  1.00 49.37  ? 180 ARG A O   1 
ATOM   1111 C  CB  . ARG A 1 141 ? 13.608  -11.490 15.302  1.00 64.18  ? 180 ARG A CB  1 
ATOM   1112 C  CG  . ARG A 1 141 ? 12.618  -10.490 14.723  1.00 74.87  ? 180 ARG A CG  1 
ATOM   1113 C  CD  . ARG A 1 141 ? 11.467  -10.130 15.639  1.00 78.25  ? 180 ARG A CD  1 
ATOM   1114 N  NE  . ARG A 1 141 ? 10.241  -10.731 15.131  1.00 90.17  ? 180 ARG A NE  1 
ATOM   1115 C  CZ  . ARG A 1 141 ? 9.459   -11.585 15.788  1.00 89.80  ? 180 ARG A CZ  1 
ATOM   1116 N  NH1 . ARG A 1 141 ? 8.373   -12.060 15.200  1.00 73.50  ? 180 ARG A NH1 1 
ATOM   1117 N  NH2 . ARG A 1 141 ? 9.739   -11.943 17.032  1.00 97.57  ? 180 ARG A NH2 1 
ATOM   1118 N  N   . MET A 1 142 ? 14.669  -10.969 12.076  1.00 43.29  ? 181 MET A N   1 
ATOM   1119 C  CA  . MET A 1 142 ? 15.167  -9.959  11.105  1.00 40.60  ? 181 MET A CA  1 
ATOM   1120 C  C   . MET A 1 142 ? 13.964  -9.318  10.393  1.00 41.12  ? 181 MET A C   1 
ATOM   1121 O  O   . MET A 1 142 ? 12.930  -9.986  10.167  1.00 33.13  ? 181 MET A O   1 
ATOM   1122 C  CB  . MET A 1 142 ? 16.123  -10.578 10.078  1.00 39.86  ? 181 MET A CB  1 
ATOM   1123 C  CG  . MET A 1 142 ? 16.862  -9.577  9.174   1.00 43.89  ? 181 MET A CG  1 
ATOM   1124 S  SD  . MET A 1 142 ? 17.594  -8.121  9.982   1.00 42.51  ? 181 MET A SD  1 
ATOM   1125 C  CE  . MET A 1 142 ? 18.076  -7.140  8.559   1.00 55.75  ? 181 MET A CE  1 
ATOM   1126 N  N   . ILE A 1 143 ? 14.104  -8.044  10.050  1.00 36.92  ? 182 ILE A N   1 
ATOM   1127 C  CA  . ILE A 1 143 ? 13.093  -7.277  9.265   1.00 34.22  ? 182 ILE A CA  1 
ATOM   1128 C  C   . ILE A 1 143 ? 13.804  -6.672  8.062   1.00 35.62  ? 182 ILE A C   1 
ATOM   1129 O  O   . ILE A 1 143 ? 14.914  -6.052  8.251   1.00 32.31  ? 182 ILE A O   1 
ATOM   1130 C  CB  . ILE A 1 143 ? 12.405  -6.228  10.150  1.00 33.23  ? 182 ILE A CB  1 
ATOM   1131 C  CG1 . ILE A 1 143 ? 11.646  -6.893  11.284  1.00 32.12  ? 182 ILE A CG1 1 
ATOM   1132 C  CG2 . ILE A 1 143 ? 11.482  -5.306  9.331   1.00 34.11  ? 182 ILE A CG2 1 
ATOM   1133 C  CD1 . ILE A 1 143 ? 11.262  -5.973  12.372  1.00 35.66  ? 182 ILE A CD1 1 
ATOM   1134 N  N   . THR A 1 144 ? 13.234  -6.847  6.871   1.00 33.59  ? 183 THR A N   1 
ATOM   1135 C  CA  . THR A 1 144 ? 13.620  -6.053  5.675   1.00 35.43  ? 183 THR A CA  1 
ATOM   1136 C  C   . THR A 1 144 ? 12.391  -5.245  5.245   1.00 33.71  ? 183 THR A C   1 
ATOM   1137 O  O   . THR A 1 144 ? 11.314  -5.823  5.133   1.00 30.24  ? 183 THR A O   1 
ATOM   1138 C  CB  . THR A 1 144 ? 14.237  -6.868  4.542   1.00 39.74  ? 183 THR A CB  1 
ATOM   1139 O  OG1 . THR A 1 144 ? 13.220  -7.497  3.768   1.00 66.15  ? 183 THR A OG1 1 
ATOM   1140 C  CG2 . THR A 1 144 ? 15.208  -7.908  5.045   1.00 35.94  ? 183 THR A CG2 1 
ATOM   1141 N  N   . SER A 1 145 ? 12.584  -3.955  5.007   1.00 32.98  ? 184 SER A N   1 
ATOM   1142 C  CA  . SER A 1 145 ? 11.479  -3.044  4.650   1.00 29.25  ? 184 SER A CA  1 
ATOM   1143 C  C   . SER A 1 145 ? 11.712  -2.550  3.250   1.00 32.90  ? 184 SER A C   1 
ATOM   1144 O  O   . SER A 1 145 ? 12.858  -2.390  2.812   1.00 33.45  ? 184 SER A O   1 
ATOM   1145 C  CB  . SER A 1 145 ? 11.335  -1.949  5.613   1.00 31.01  ? 184 SER A CB  1 
ATOM   1146 O  OG  . SER A 1 145 ? 11.033  -2.483  6.889   1.00 31.63  ? 184 SER A OG  1 
ATOM   1147 N  N   . HIS A 1 146 ? 10.625  -2.292  2.550   1.00 28.58  ? 185 HIS A N   1 
ATOM   1148 C  CA  . HIS A 1 146 ? 10.693  -1.755  1.193   1.00 27.92  ? 185 HIS A CA  1 
ATOM   1149 C  C   . HIS A 1 146 ? 9.480   -0.870  0.930   1.00 27.49  ? 185 HIS A C   1 
ATOM   1150 O  O   . HIS A 1 146 ? 8.323   -1.300  1.126   1.00 31.38  ? 185 HIS A O   1 
ATOM   1151 C  CB  . HIS A 1 146 ? 10.794  -2.876  0.170   1.00 30.97  ? 185 HIS A CB  1 
ATOM   1152 C  CG  . HIS A 1 146 ? 11.338  -2.422  -1.131  1.00 34.13  ? 185 HIS A CG  1 
ATOM   1153 N  ND1 . HIS A 1 146 ? 10.537  -1.906  -2.138  1.00 41.05  ? 185 HIS A ND1 1 
ATOM   1154 C  CD2 . HIS A 1 146 ? 12.596  -2.395  -1.590  1.00 36.00  ? 185 HIS A CD2 1 
ATOM   1155 C  CE1 . HIS A 1 146 ? 11.284  -1.605  -3.171  1.00 39.26  ? 185 HIS A CE1 1 
ATOM   1156 N  NE2 . HIS A 1 146 ? 12.554  -1.883  -2.854  1.00 44.30  ? 185 HIS A NE2 1 
ATOM   1157 N  N   A CYS A 1 147 ? 9.786   0.324   0.422   0.25 29.25  ? 186 CYS A N   1 
ATOM   1158 N  N   B CYS A 1 147 ? 9.699   0.364   0.498   0.25 27.45  ? 186 CYS A N   1 
ATOM   1159 C  CA  A CYS A 1 147 ? 8.855   1.385   -0.040  0.25 29.10  ? 186 CYS A CA  1 
ATOM   1160 C  CA  B CYS A 1 147 ? 8.591   1.285   0.122   0.25 25.77  ? 186 CYS A CA  1 
ATOM   1161 C  C   A CYS A 1 147 ? 8.533   1.218   -1.512  0.25 29.07  ? 186 CYS A C   1 
ATOM   1162 C  C   B CYS A 1 147 ? 8.541   1.401   -1.402  0.25 26.62  ? 186 CYS A C   1 
ATOM   1163 O  O   A CYS A 1 147 ? 9.410   0.744   -2.254  0.25 27.94  ? 186 CYS A O   1 
ATOM   1164 O  O   B CYS A 1 147 ? 9.574   1.220   -2.052  0.25 26.00  ? 186 CYS A O   1 
ATOM   1165 C  CB  A CYS A 1 147 ? 9.542   2.733   0.093   0.25 31.33  ? 186 CYS A CB  1 
ATOM   1166 C  CB  B CYS A 1 147 ? 8.755   2.621   0.834   0.25 26.34  ? 186 CYS A CB  1 
ATOM   1167 S  SG  A CYS A 1 147 ? 9.573   3.293   1.806   0.25 27.99  ? 186 CYS A SG  1 
ATOM   1168 S  SG  B CYS A 1 147 ? 10.305  3.474   0.427   0.25 22.06  ? 186 CYS A SG  1 
ATOM   1169 N  N   . PHE A 1 148 ? 7.341   1.644   -1.942  1.00 29.96  ? 187 PHE A N   1 
ATOM   1170 C  CA  . PHE A 1 148 ? 7.021   1.586   -3.381  1.00 27.51  ? 187 PHE A CA  1 
ATOM   1171 C  C   . PHE A 1 148 ? 6.539   2.957   -3.816  1.00 30.01  ? 187 PHE A C   1 
ATOM   1172 O  O   . PHE A 1 148 ? 5.335   3.201   -3.900  1.00 28.39  ? 187 PHE A O   1 
ATOM   1173 C  CB  . PHE A 1 148 ? 5.979   0.497   -3.609  1.00 29.55  ? 187 PHE A CB  1 
ATOM   1174 C  CG  . PHE A 1 148 ? 6.466   -0.886  -3.255  1.00 30.50  ? 187 PHE A CG  1 
ATOM   1175 C  CD1 . PHE A 1 148 ? 7.193   -1.633  -4.177  1.00 34.51  ? 187 PHE A CD1 1 
ATOM   1176 C  CD2 . PHE A 1 148 ? 6.270   -1.403  -1.982  1.00 28.99  ? 187 PHE A CD2 1 
ATOM   1177 C  CE1 . PHE A 1 148 ? 7.671   -2.897  -3.842  1.00 32.83  ? 187 PHE A CE1 1 
ATOM   1178 C  CE2 . PHE A 1 148 ? 6.720   -2.681  -1.660  1.00 34.27  ? 187 PHE A CE2 1 
ATOM   1179 C  CZ  . PHE A 1 148 ? 7.417   -3.425  -2.599  1.00 33.11  ? 187 PHE A CZ  1 
ATOM   1180 N  N   . PRO A 1 149 ? 7.455   3.897   -4.122  1.00 29.08  ? 188 PRO A N   1 
ATOM   1181 C  CA  . PRO A 1 149 ? 7.037   5.215   -4.622  1.00 28.83  ? 188 PRO A CA  1 
ATOM   1182 C  C   . PRO A 1 149 ? 6.039   5.186   -5.800  1.00 29.95  ? 188 PRO A C   1 
ATOM   1183 O  O   . PRO A 1 149 ? 5.226   6.085   -5.878  1.00 28.88  ? 188 PRO A O   1 
ATOM   1184 C  CB  . PRO A 1 149 ? 8.358   5.865   -5.073  1.00 30.73  ? 188 PRO A CB  1 
ATOM   1185 C  CG  . PRO A 1 149 ? 9.477   5.081   -4.405  1.00 33.69  ? 188 PRO A CG  1 
ATOM   1186 C  CD  . PRO A 1 149 ? 8.910   3.725   -4.061  1.00 33.05  ? 188 PRO A CD  1 
ATOM   1187 N  N   . GLU A 1 150 ? 6.145   4.195   -6.693  1.00 29.29  ? 189 GLU A N   1 
ATOM   1188 C  CA  . GLU A 1 150 ? 5.268   4.027   -7.887  1.00 31.79  ? 189 GLU A CA  1 
ATOM   1189 C  C   . GLU A 1 150 ? 3.796   3.907   -7.462  1.00 29.50  ? 189 GLU A C   1 
ATOM   1190 O  O   . GLU A 1 150 ? 2.907   4.122   -8.315  1.00 29.76  ? 189 GLU A O   1 
ATOM   1191 C  CB  . GLU A 1 150 ? 5.783   2.823   -8.677  1.00 37.04  ? 189 GLU A CB  1 
ATOM   1192 C  CG  . GLU A 1 150 ? 7.323   2.731   -8.694  1.00 41.17  ? 189 GLU A CG  1 
ATOM   1193 C  CD  . GLU A 1 150 ? 8.038   1.652   -7.853  1.00 40.59  ? 189 GLU A CD  1 
ATOM   1194 O  OE1 . GLU A 1 150 ? 8.760   0.854   -8.512  1.00 54.34  ? 189 GLU A OE1 1 
ATOM   1195 O  OE2 . GLU A 1 150 ? 7.939   1.581   -6.570  1.00 27.02  ? 189 GLU A OE2 1 
ATOM   1196 N  N   . THR A 1 151 ? 3.535   3.534   -6.212  1.00 28.64  ? 190 THR A N   1 
ATOM   1197 C  CA  . THR A 1 151 ? 2.205   3.107   -5.707  1.00 28.14  ? 190 THR A CA  1 
ATOM   1198 C  C   . THR A 1 151 ? 1.627   4.199   -4.823  1.00 26.68  ? 190 THR A C   1 
ATOM   1199 O  O   . THR A 1 151 ? 0.593   3.957   -4.179  1.00 30.58  ? 190 THR A O   1 
ATOM   1200 C  CB  . THR A 1 151 ? 2.280   1.748   -4.987  1.00 28.48  ? 190 THR A CB  1 
ATOM   1201 O  OG1 . THR A 1 151 ? 2.941   1.873   -3.712  1.00 26.29  ? 190 THR A OG1 1 
ATOM   1202 C  CG2 . THR A 1 151 ? 2.940   0.706   -5.861  1.00 29.96  ? 190 THR A CG2 1 
ATOM   1203 N  N   . GLN A 1 152 ? 2.325   5.353   -4.727  1.00 26.59  ? 191 GLN A N   1 
ATOM   1204 C  CA  . GLN A 1 152 ? 1.788   6.490   -3.968  1.00 25.36  ? 191 GLN A CA  1 
ATOM   1205 C  C   . GLN A 1 152 ? 0.362   6.831   -4.424  1.00 26.92  ? 191 GLN A C   1 
ATOM   1206 O  O   . GLN A 1 152 ? 0.088   6.791   -5.642  1.00 30.43  ? 191 GLN A O   1 
ATOM   1207 C  CB  . GLN A 1 152 ? 2.650   7.727   -4.163  1.00 28.81  ? 191 GLN A CB  1 
ATOM   1208 C  CG  . GLN A 1 152 ? 3.892   7.626   -3.302  1.00 30.88  ? 191 GLN A CG  1 
ATOM   1209 C  CD  . GLN A 1 152 ? 4.704   8.853   -3.585  1.00 43.08  ? 191 GLN A CD  1 
ATOM   1210 O  OE1 . GLN A 1 152 ? 4.127   9.919   -3.822  1.00 43.89  ? 191 GLN A OE1 1 
ATOM   1211 N  NE2 . GLN A 1 152 ? 6.015   8.677   -3.621  1.00 40.82  ? 191 GLN A NE2 1 
ATOM   1212 N  N   . PHE A 1 153 ? -0.458  7.209   -3.471  1.00 28.40  ? 192 PHE A N   1 
ATOM   1213 C  CA  . PHE A 1 153 ? -1.809  7.695   -3.780  1.00 30.90  ? 192 PHE A CA  1 
ATOM   1214 C  C   . PHE A 1 153 ? -2.281  8.654   -2.704  1.00 29.40  ? 192 PHE A C   1 
ATOM   1215 O  O   . PHE A 1 153 ? -1.798  8.682   -1.584  1.00 32.50  ? 192 PHE A O   1 
ATOM   1216 C  CB  . PHE A 1 153 ? -2.763  6.485   -3.818  1.00 27.70  ? 192 PHE A CB  1 
ATOM   1217 C  CG  . PHE A 1 153 ? -2.868  5.764   -2.514  1.00 26.04  ? 192 PHE A CG  1 
ATOM   1218 C  CD1 . PHE A 1 153 ? -3.775  6.138   -1.553  1.00 27.86  ? 192 PHE A CD1 1 
ATOM   1219 C  CD2 . PHE A 1 153 ? -2.063  4.660   -2.253  1.00 25.38  ? 192 PHE A CD2 1 
ATOM   1220 C  CE1 . PHE A 1 153 ? -3.881  5.447   -0.352  1.00 29.38  ? 192 PHE A CE1 1 
ATOM   1221 C  CE2 . PHE A 1 153 ? -2.159  3.983   -1.054  1.00 25.53  ? 192 PHE A CE2 1 
ATOM   1222 C  CZ  . PHE A 1 153 ? -3.062  4.372   -0.102  1.00 27.89  ? 192 PHE A CZ  1 
ATOM   1223 N  N   . ILE A 1 154 ? -3.348  9.394   -3.049  1.00 28.70  ? 193 ILE A N   1 
ATOM   1224 C  CA  . ILE A 1 154 ? -4.116  10.211  -2.091  1.00 28.95  ? 193 ILE A CA  1 
ATOM   1225 C  C   . ILE A 1 154 ? -5.383  9.443   -1.774  1.00 32.04  ? 193 ILE A C   1 
ATOM   1226 O  O   . ILE A 1 154 ? -5.984  8.946   -2.745  1.00 33.06  ? 193 ILE A O   1 
ATOM   1227 C  CB  . ILE A 1 154 ? -4.435  11.588  -2.712  1.00 31.37  ? 193 ILE A CB  1 
ATOM   1228 C  CG1 . ILE A 1 154 ? -3.154  12.332  -3.090  1.00 33.19  ? 193 ILE A CG1 1 
ATOM   1229 C  CG2 . ILE A 1 154 ? -5.335  12.368  -1.773  1.00 33.52  ? 193 ILE A CG2 1 
ATOM   1230 C  CD1 . ILE A 1 154 ? -3.364  13.646  -3.783  1.00 38.12  ? 193 ILE A CD1 1 
ATOM   1231 N  N   . ALA A 1 155 ? -5.677  9.315   -0.491  1.00 29.49  ? 194 ALA A N   1 
ATOM   1232 C  CA  . ALA A 1 155 ? -6.873  8.667   0.066   1.00 34.17  ? 194 ALA A CA  1 
ATOM   1233 C  C   . ALA A 1 155 ? -8.037  9.648   -0.136  1.00 34.38  ? 194 ALA A C   1 
ATOM   1234 O  O   . ALA A 1 155 ? -7.860  10.830  0.165   1.00 35.20  ? 194 ALA A O   1 
ATOM   1235 C  CB  . ALA A 1 155 ? -6.639  8.327   1.507   1.00 35.12  ? 194 ALA A CB  1 
ATOM   1236 N  N   . VAL A 1 156 ? -9.125  9.180   -0.743  1.00 34.05  ? 195 VAL A N   1 
ATOM   1237 C  CA  . VAL A 1 156 ? -10.300 10.018  -1.165  1.00 31.45  ? 195 VAL A CA  1 
ATOM   1238 C  C   . VAL A 1 156 ? -11.588 9.245   -0.836  1.00 33.20  ? 195 VAL A C   1 
ATOM   1239 O  O   . VAL A 1 156 ? -11.556 8.007   -0.827  1.00 32.13  ? 195 VAL A O   1 
ATOM   1240 C  CB  . VAL A 1 156 ? -10.211 10.447  -2.644  1.00 32.34  ? 195 VAL A CB  1 
ATOM   1241 C  CG1 . VAL A 1 156 ? -8.939  11.236  -2.945  1.00 33.42  ? 195 VAL A CG1 1 
ATOM   1242 C  CG2 . VAL A 1 156 ? -10.366 9.271   -3.606  1.00 30.57  ? 195 VAL A CG2 1 
ATOM   1243 N  N   . THR A 1 157 ? -12.678 9.943   -0.482  1.00 34.45  ? 196 THR A N   1 
ATOM   1244 C  CA  . THR A 1 157 ? -13.995 9.309   -0.234  1.00 40.21  ? 196 THR A CA  1 
ATOM   1245 C  C   . THR A 1 157 ? -14.726 9.160   -1.570  1.00 38.81  ? 196 THR A C   1 
ATOM   1246 O  O   . THR A 1 157 ? -15.623 8.327   -1.610  1.00 34.66  ? 196 THR A O   1 
ATOM   1247 C  CB  . THR A 1 157 ? -14.869 10.082  0.768   1.00 41.54  ? 196 THR A CB  1 
ATOM   1248 O  OG1 . THR A 1 157 ? -15.028 11.383  0.230   1.00 42.95  ? 196 THR A OG1 1 
ATOM   1249 C  CG2 . THR A 1 157 ? -14.283 10.176  2.155   1.00 44.29  ? 196 THR A CG2 1 
ATOM   1250 N  N   . ALA A 1 158 ? -14.306 9.873   -2.619  1.00 34.70  ? 197 ALA A N   1 
ATOM   1251 C  CA  . ALA A 1 158 ? -14.770 9.656   -4.011  1.00 37.72  ? 197 ALA A CA  1 
ATOM   1252 C  C   . ALA A 1 158 ? -13.716 10.178  -4.978  1.00 31.02  ? 197 ALA A C   1 
ATOM   1253 O  O   . ALA A 1 158 ? -13.018 11.122  -4.606  1.00 37.53  ? 197 ALA A O   1 
ATOM   1254 C  CB  . ALA A 1 158 ? -16.108 10.342  -4.211  1.00 38.30  ? 197 ALA A CB  1 
ATOM   1255 N  N   . TYR A 1 159 ? -13.598 9.627   -6.190  1.00 33.69  ? 198 TYR A N   1 
ATOM   1256 C  CA  . TYR A 1 159 ? -12.578 10.089  -7.162  1.00 33.85  ? 198 TYR A CA  1 
ATOM   1257 C  C   . TYR A 1 159 ? -12.798 11.558  -7.563  1.00 39.79  ? 198 TYR A C   1 
ATOM   1258 O  O   . TYR A 1 159 ? -13.919 11.974  -7.885  1.00 34.59  ? 198 TYR A O   1 
ATOM   1259 C  CB  . TYR A 1 159 ? -12.518 9.198   -8.399  1.00 36.03  ? 198 TYR A CB  1 
ATOM   1260 C  CG  . TYR A 1 159 ? -12.094 7.783   -8.113  1.00 33.89  ? 198 TYR A CG  1 
ATOM   1261 C  CD1 . TYR A 1 159 ? -10.951 7.517   -7.372  1.00 34.82  ? 198 TYR A CD1 1 
ATOM   1262 C  CD2 . TYR A 1 159 ? -12.860 6.709   -8.523  1.00 37.02  ? 198 TYR A CD2 1 
ATOM   1263 C  CE1 . TYR A 1 159 ? -10.566 6.219   -7.078  1.00 35.25  ? 198 TYR A CE1 1 
ATOM   1264 C  CE2 . TYR A 1 159 ? -12.483 5.406   -8.252  1.00 37.75  ? 198 TYR A CE2 1 
ATOM   1265 C  CZ  . TYR A 1 159 ? -11.329 5.160   -7.537  1.00 38.14  ? 198 TYR A CZ  1 
ATOM   1266 O  OH  . TYR A 1 159 ? -10.947 3.887   -7.289  1.00 37.56  ? 198 TYR A OH  1 
ATOM   1267 N  N   . GLN A 1 160 ? -11.707 12.325  -7.635  1.00 33.92  ? 199 GLN A N   1 
ATOM   1268 C  CA  . GLN A 1 160 ? -11.730 13.746  -8.029  1.00 30.98  ? 199 GLN A CA  1 
ATOM   1269 C  C   . GLN A 1 160 ? -11.330 13.877  -9.489  1.00 36.47  ? 199 GLN A C   1 
ATOM   1270 O  O   . GLN A 1 160 ? -12.035 14.569  -10.228 1.00 35.01  ? 199 GLN A O   1 
ATOM   1271 C  CB  . GLN A 1 160 ? -10.837 14.544  -7.088  1.00 36.32  ? 199 GLN A CB  1 
ATOM   1272 C  CG  . GLN A 1 160 ? -11.224 14.392  -5.632  1.00 39.24  ? 199 GLN A CG  1 
ATOM   1273 C  CD  . GLN A 1 160 ? -12.622 14.882  -5.379  1.00 43.61  ? 199 GLN A CD  1 
ATOM   1274 O  OE1 . GLN A 1 160 ? -12.966 16.010  -5.719  1.00 54.03  ? 199 GLN A OE1 1 
ATOM   1275 N  NE2 . GLN A 1 160 ? -13.440 14.027  -4.793  1.00 42.09  ? 199 GLN A NE2 1 
ATOM   1276 N  N   . ASN A 1 161 ? -10.263 13.204  -9.905  1.00 31.86  ? 200 ASN A N   1 
ATOM   1277 C  CA  . ASN A 1 161 ? -9.752  13.289  -11.283 1.00 34.26  ? 200 ASN A CA  1 
ATOM   1278 C  C   . ASN A 1 161 ? -10.442 12.192  -12.091 1.00 35.44  ? 200 ASN A C   1 
ATOM   1279 O  O   . ASN A 1 161 ? -10.209 11.030  -11.814 1.00 33.60  ? 200 ASN A O   1 
ATOM   1280 C  CB  . ASN A 1 161 ? -8.237  13.174  -11.262 1.00 33.58  ? 200 ASN A CB  1 
ATOM   1281 C  CG  . ASN A 1 161 ? -7.604  13.191  -12.618 1.00 36.26  ? 200 ASN A CG  1 
ATOM   1282 O  OD1 . ASN A 1 161 ? -8.264  13.372  -13.632 1.00 35.82  ? 200 ASN A OD1 1 
ATOM   1283 N  ND2 . ASN A 1 161 ? -6.287  13.064  -12.637 1.00 35.61  ? 200 ASN A ND2 1 
ATOM   1284 N  N   . GLU A 1 162 ? -11.247 12.557  -13.096 1.00 32.82  ? 201 GLU A N   1 
ATOM   1285 C  CA  . GLU A 1 162 ? -12.032 11.550  -13.866 1.00 34.41  ? 201 GLU A CA  1 
ATOM   1286 C  C   . GLU A 1 162 ? -11.056 10.671  -14.674 1.00 33.07  ? 201 GLU A C   1 
ATOM   1287 O  O   . GLU A 1 162 ? -11.392 9.535   -14.978 1.00 35.96  ? 201 GLU A O   1 
ATOM   1288 C  CB  . GLU A 1 162 ? -13.069 12.314  -14.717 1.00 38.90  ? 201 GLU A CB  1 
ATOM   1289 C  CG  . GLU A 1 162 ? -12.677 12.444  -16.168 1.00 52.43  ? 201 GLU A CG  1 
ATOM   1290 C  CD  . GLU A 1 162 ? -12.755 13.788  -16.875 1.00 65.53  ? 201 GLU A CD  1 
ATOM   1291 O  OE1 . GLU A 1 162 ? -13.407 13.844  -17.956 1.00 56.43  ? 201 GLU A OE1 1 
ATOM   1292 O  OE2 . GLU A 1 162 ? -12.080 14.744  -16.414 1.00 82.70  ? 201 GLU A OE2 1 
ATOM   1293 N  N   . GLU A 1 163 ? -9.851  11.165  -14.978 1.00 33.57  ? 202 GLU A N   1 
ATOM   1294 C  CA  . GLU A 1 163 ? -8.837  10.391  -15.731 1.00 35.71  ? 202 GLU A CA  1 
ATOM   1295 C  C   . GLU A 1 163 ? -8.448  9.157   -14.904 1.00 31.18  ? 202 GLU A C   1 
ATOM   1296 O  O   . GLU A 1 163 ? -8.140  8.114   -15.518 1.00 33.30  ? 202 GLU A O   1 
ATOM   1297 C  CB  . GLU A 1 163 ? -7.578  11.211  -16.029 1.00 34.77  ? 202 GLU A CB  1 
ATOM   1298 C  CG  . GLU A 1 163 ? -7.754  12.435  -16.899 1.00 38.72  ? 202 GLU A CG  1 
ATOM   1299 C  CD  . GLU A 1 163 ? -6.517  13.338  -16.843 1.00 50.49  ? 202 GLU A CD  1 
ATOM   1300 O  OE1 . GLU A 1 163 ? -5.954  13.657  -17.920 1.00 57.50  ? 202 GLU A OE1 1 
ATOM   1301 O  OE2 . GLU A 1 163 ? -6.071  13.653  -15.710 1.00 57.53  ? 202 GLU A OE2 1 
ATOM   1302 N  N   . ILE A 1 164 ? -8.413  9.278   -13.567 1.00 29.62  ? 203 ILE A N   1 
ATOM   1303 C  CA  . ILE A 1 164 ? -8.191  8.141   -12.623 1.00 28.98  ? 203 ILE A CA  1 
ATOM   1304 C  C   . ILE A 1 164 ? -9.394  7.203   -12.703 1.00 29.84  ? 203 ILE A C   1 
ATOM   1305 O  O   . ILE A 1 164 ? -9.212  6.008   -12.829 1.00 30.19  ? 203 ILE A O   1 
ATOM   1306 C  CB  . ILE A 1 164 ? -7.912  8.655   -11.190 1.00 29.04  ? 203 ILE A CB  1 
ATOM   1307 C  CG1 . ILE A 1 164 ? -6.529  9.307   -11.135 1.00 30.38  ? 203 ILE A CG1 1 
ATOM   1308 C  CG2 . ILE A 1 164 ? -8.087  7.589   -10.128 1.00 32.38  ? 203 ILE A CG2 1 
ATOM   1309 C  CD1 . ILE A 1 164 ? -5.376  8.299   -11.313 1.00 33.99  ? 203 ILE A CD1 1 
ATOM   1310 N  N   . THR A 1 165 ? -10.600 7.749   -12.623 1.00 30.06  ? 204 THR A N   1 
ATOM   1311 C  CA  . THR A 1 165 ? -11.835 6.946   -12.707 1.00 32.44  ? 204 THR A CA  1 
ATOM   1312 C  C   . THR A 1 165 ? -11.769 6.111   -13.970 1.00 28.57  ? 204 THR A C   1 
ATOM   1313 O  O   . THR A 1 165 ? -11.966 4.918   -13.848 1.00 34.62  ? 204 THR A O   1 
ATOM   1314 C  CB  . THR A 1 165 ? -13.090 7.801   -12.643 1.00 32.18  ? 204 THR A CB  1 
ATOM   1315 O  OG1 . THR A 1 165 ? -12.907 8.749   -11.592 1.00 32.95  ? 204 THR A OG1 1 
ATOM   1316 C  CG2 . THR A 1 165 ? -14.322 6.948   -12.434 1.00 34.99  ? 204 THR A CG2 1 
ATOM   1317 N  N   . ALA A 1 166 ? -11.420 6.709   -15.105 1.00 34.20  ? 205 ALA A N   1 
ATOM   1318 C  CA  . ALA A 1 166 ? -11.412 6.010   -16.409 1.00 35.89  ? 205 ALA A CA  1 
ATOM   1319 C  C   . ALA A 1 166 ? -10.348 4.917   -16.344 1.00 35.04  ? 205 ALA A C   1 
ATOM   1320 O  O   . ALA A 1 166 ? -10.571 3.816   -16.846 1.00 29.74  ? 205 ALA A O   1 
ATOM   1321 C  CB  . ALA A 1 166 ? -11.145 6.961   -17.551 1.00 39.40  ? 205 ALA A CB  1 
ATOM   1322 N  N   . LEU A 1 167 ? -9.157  5.226   -15.807 1.00 33.98  ? 206 LEU A N   1 
ATOM   1323 C  CA  . LEU A 1 167 ? -8.074  4.206   -15.773 1.00 31.31  ? 206 LEU A CA  1 
ATOM   1324 C  C   . LEU A 1 167 ? -8.467  3.024   -14.902 1.00 27.75  ? 206 LEU A C   1 
ATOM   1325 O  O   . LEU A 1 167 ? -8.110  1.895   -15.260 1.00 32.05  ? 206 LEU A O   1 
ATOM   1326 C  CB  . LEU A 1 167 ? -6.798  4.826   -15.190 1.00 34.74  ? 206 LEU A CB  1 
ATOM   1327 C  CG  . LEU A 1 167 ? -5.643  5.116   -16.133 1.00 42.45  ? 206 LEU A CG  1 
ATOM   1328 C  CD1 . LEU A 1 167 ? -4.323  5.014   -15.340 1.00 38.01  ? 206 LEU A CD1 1 
ATOM   1329 C  CD2 . LEU A 1 167 ? -5.606  4.212   -17.367 1.00 43.75  ? 206 LEU A CD2 1 
ATOM   1330 N  N   . LYS A 1 168 ? -9.071  3.285   -13.741 1.00 27.74  ? 207 LYS A N   1 
ATOM   1331 C  CA  . LYS A 1 168 ? -9.489  2.244   -12.779 1.00 29.22  ? 207 LYS A CA  1 
ATOM   1332 C  C   . LYS A 1 168 ? -10.418 1.251   -13.497 1.00 35.06  ? 207 LYS A C   1 
ATOM   1333 O  O   . LYS A 1 168 ? -10.213 0.007   -13.419 1.00 34.82  ? 207 LYS A O   1 
ATOM   1334 C  CB  . LYS A 1 168 ? -10.198 2.855   -11.573 1.00 31.00  ? 207 LYS A CB  1 
ATOM   1335 C  CG  . LYS A 1 168 ? -9.344  3.785   -10.716 1.00 35.96  ? 207 LYS A CG  1 
ATOM   1336 C  CD  . LYS A 1 168 ? -8.551  3.086   -9.658  1.00 36.68  ? 207 LYS A CD  1 
ATOM   1337 C  CE  . LYS A 1 168 ? -7.698  4.058   -8.857  1.00 35.15  ? 207 LYS A CE  1 
ATOM   1338 N  NZ  . LYS A 1 168 ? -7.477  3.534   -7.506  1.00 37.01  ? 207 LYS A NZ  1 
ATOM   1339 N  N   . ILE A 1 169 ? -11.365 1.787   -14.252 1.00 31.94  ? 208 ILE A N   1 
ATOM   1340 C  CA  . ILE A 1 169 ? -12.367 0.930   -14.944 1.00 29.83  ? 208 ILE A CA  1 
ATOM   1341 C  C   . ILE A 1 169 ? -11.662 0.206   -16.093 1.00 30.79  ? 208 ILE A C   1 
ATOM   1342 O  O   . ILE A 1 169 ? -11.831 -1.012  -16.223 1.00 33.51  ? 208 ILE A O   1 
ATOM   1343 C  CB  . ILE A 1 169 ? -13.549 1.817   -15.387 1.00 31.35  ? 208 ILE A CB  1 
ATOM   1344 C  CG1 . ILE A 1 169 ? -14.343 2.317   -14.179 1.00 27.69  ? 208 ILE A CG1 1 
ATOM   1345 C  CG2 . ILE A 1 169 ? -14.427 1.058   -16.403 1.00 33.04  ? 208 ILE A CG2 1 
ATOM   1346 C  CD1 . ILE A 1 169 ? -15.190 3.492   -14.469 1.00 35.35  ? 208 ILE A CD1 1 
ATOM   1347 N  N   . LYS A 1 170 ? -10.849 0.914   -16.871 1.00 30.42  ? 209 LYS A N   1 
ATOM   1348 C  CA  . LYS A 1 170 ? -10.215 0.349   -18.095 1.00 31.47  ? 209 LYS A CA  1 
ATOM   1349 C  C   . LYS A 1 170 ? -9.429  -0.912  -17.717 1.00 35.62  ? 209 LYS A C   1 
ATOM   1350 O  O   . LYS A 1 170 ? -9.512  -1.910  -18.475 1.00 33.37  ? 209 LYS A O   1 
ATOM   1351 C  CB  . LYS A 1 170 ? -9.357  1.396   -18.812 1.00 32.13  ? 209 LYS A CB  1 
ATOM   1352 C  CG  . LYS A 1 170 ? -8.878  1.025   -20.208 1.00 37.67  ? 209 LYS A CG  1 
ATOM   1353 C  CD  . LYS A 1 170 ? -8.194  2.191   -20.946 1.00 40.38  ? 209 LYS A CD  1 
ATOM   1354 C  CE  . LYS A 1 170 ? -7.901  1.929   -22.411 1.00 45.18  ? 209 LYS A CE  1 
ATOM   1355 N  NZ  . LYS A 1 170 ? -6.744  1.015   -22.581 1.00 48.61  ? 209 LYS A NZ  1 
ATOM   1356 N  N   . TYR A 1 171 ? -8.746  -0.908  -16.568 1.00 32.92  ? 210 TYR A N   1 
ATOM   1357 C  CA  . TYR A 1 171 ? -7.787  -1.982  -16.204 1.00 35.46  ? 210 TYR A CA  1 
ATOM   1358 C  C   . TYR A 1 171 ? -8.356  -2.934  -15.171 1.00 35.24  ? 210 TYR A C   1 
ATOM   1359 O  O   . TYR A 1 171 ? -7.696  -3.936  -14.924 1.00 38.03  ? 210 TYR A O   1 
ATOM   1360 C  CB  . TYR A 1 171 ? -6.414  -1.375  -15.873 1.00 34.55  ? 210 TYR A CB  1 
ATOM   1361 C  CG  . TYR A 1 171 ? -5.807  -0.877  -17.156 1.00 35.30  ? 210 TYR A CG  1 
ATOM   1362 C  CD1 . TYR A 1 171 ? -5.452  -1.789  -18.141 1.00 42.91  ? 210 TYR A CD1 1 
ATOM   1363 C  CD2 . TYR A 1 171 ? -5.752  0.465   -17.468 1.00 36.32  ? 210 TYR A CD2 1 
ATOM   1364 C  CE1 . TYR A 1 171 ? -4.964  -1.365  -19.364 1.00 42.53  ? 210 TYR A CE1 1 
ATOM   1365 C  CE2 . TYR A 1 171 ? -5.268  0.913   -18.688 1.00 39.43  ? 210 TYR A CE2 1 
ATOM   1366 C  CZ  . TYR A 1 171 ? -4.878  -0.014  -19.640 1.00 42.07  ? 210 TYR A CZ  1 
ATOM   1367 O  OH  . TYR A 1 171 ? -4.416  0.396   -20.857 1.00 45.71  ? 210 TYR A OH  1 
ATOM   1368 N  N   . ASN A 1 172 ? -9.531  -2.688  -14.605 1.00 35.90  ? 211 ASN A N   1 
ATOM   1369 C  CA  . ASN A 1 172 ? -10.088 -3.654  -13.641 1.00 41.67  ? 211 ASN A CA  1 
ATOM   1370 C  C   . ASN A 1 172 ? -10.824 -4.715  -14.473 1.00 56.69  ? 211 ASN A C   1 
ATOM   1371 O  O   . ASN A 1 172 ? -10.997 -4.549  -15.692 1.00 51.19  ? 211 ASN A O   1 
ATOM   1372 C  CB  . ASN A 1 172 ? -10.872 -2.960  -12.531 1.00 46.70  ? 211 ASN A CB  1 
ATOM   1373 C  CG  . ASN A 1 172 ? -12.275 -2.549  -12.939 1.00 51.42  ? 211 ASN A CG  1 
ATOM   1374 O  OD1 . ASN A 1 172 ? -12.925 -1.786  -12.223 1.00 53.34  ? 211 ASN A OD1 1 
ATOM   1375 N  ND2 . ASN A 1 172 ? -12.747 -3.048  -14.068 1.00 45.25  ? 211 ASN A ND2 1 
HETATM 1376 CD CD  . CD  B 2 .   ? 10.022  5.633   1.584   0.50 27.31  ? 301 CD  A CD  1 
HETATM 1377 CD CD  . CD  C 2 .   ? 9.182   7.953   -1.068  1.00 29.04  ? 302 CD  A CD  1 
HETATM 1378 CD CD  . CD  D 2 .   ? -5.834  -0.475  13.673  1.00 62.60  ? 303 CD  A CD  1 
HETATM 1379 CD CD  . CD  E 2 .   ? 5.516   20.820  4.703   1.00 35.97  ? 304 CD  A CD  1 
HETATM 1380 CD CD  . CD  F 2 .   ? -2.451  -0.789  15.282  1.00 62.34  ? 305 CD  A CD  1 
HETATM 1381 N  N1  . K2M G 3 .   ? -1.729  -13.644 13.482  0.44 36.55  ? 306 K2M A N1  1 
HETATM 1382 C  C4  . K2M G 3 .   ? -0.545  -13.584 14.332  0.44 37.24  ? 306 K2M A C4  1 
HETATM 1383 C  C5  . K2M G 3 .   ? 2.072   -13.063 11.797  0.44 31.43  ? 306 K2M A C5  1 
HETATM 1384 C  C6  . K2M G 3 .   ? 3.048   -12.100 12.215  0.44 34.03  ? 306 K2M A C6  1 
HETATM 1385 C  C7  . K2M G 3 .   ? 4.394   -12.090 12.126  0.44 33.74  ? 306 K2M A C7  1 
HETATM 1386 C  C8  . K2M G 3 .   ? 4.838   -10.865 12.674  0.44 34.18  ? 306 K2M A C8  1 
HETATM 1387 N  N   . K2M G 3 .   ? -3.783  -14.644 13.316  0.44 32.97  ? 306 K2M A N   1 
HETATM 1388 C  C   . K2M G 3 .   ? -2.927  -13.961 14.065  0.44 34.92  ? 306 K2M A C   1 
HETATM 1389 O  O   . K2M G 3 .   ? -3.194  -13.630 15.222  0.44 34.93  ? 306 K2M A O   1 
HETATM 1390 C  C1  . K2M G 3 .   ? -1.390  -14.207 12.180  0.44 37.22  ? 306 K2M A C1  1 
HETATM 1391 C  C2  . K2M G 3 .   ? -0.335  -13.381 11.482  0.44 36.39  ? 306 K2M A C2  1 
HETATM 1392 C  C3  . K2M G 3 .   ? 0.541   -12.732 13.711  0.44 34.30  ? 306 K2M A C3  1 
HETATM 1393 C  C9  . K2M G 3 .   ? 3.704   -10.195 13.082  0.44 35.67  ? 306 K2M A C9  1 
HETATM 1394 N  N2  . K2M G 3 .   ? 0.838   -13.123 12.329  0.44 33.40  ? 306 K2M A N2  1 
HETATM 1395 O  O1  . K2M G 3 .   ? 2.374   -13.757 10.840  0.44 30.39  ? 306 K2M A O1  1 
HETATM 1396 O  O2  . K2M G 3 .   ? 2.601   -10.945 12.795  0.44 35.11  ? 306 K2M A O2  1 
HETATM 1397 O  O   . HOH H 4 .   ? -7.751  8.159   -17.901 1.00 41.66  ? 401 HOH A O   1 
HETATM 1398 O  O   . HOH H 4 .   ? -7.058  -10.248 4.901   1.00 36.52  ? 402 HOH A O   1 
HETATM 1399 O  O   . HOH H 4 .   ? 16.495  -14.428 5.179   1.00 42.35  ? 403 HOH A O   1 
HETATM 1400 O  O   . HOH H 4 .   ? 1.563   -4.582  -8.277  1.00 35.00  ? 404 HOH A O   1 
HETATM 1401 O  O   . HOH H 4 .   ? -18.236 5.200   4.515   1.00 54.56  ? 405 HOH A O   1 
HETATM 1402 O  O   . HOH H 4 .   ? 0.373   -20.051 7.573   0.50 35.57  ? 406 HOH A O   1 
HETATM 1403 O  O   . HOH H 4 .   ? -0.579  13.932  3.084   1.00 31.58  ? 407 HOH A O   1 
HETATM 1404 O  O   . HOH H 4 .   ? 10.752  -15.751 -6.605  1.00 49.96  ? 408 HOH A O   1 
HETATM 1405 O  O   . HOH H 4 .   ? -1.033  -17.588 -1.735  1.00 42.76  ? 409 HOH A O   1 
HETATM 1406 O  O   . HOH H 4 .   ? -0.968  -5.159  -9.507  1.00 41.56  ? 410 HOH A O   1 
HETATM 1407 O  O   . HOH H 4 .   ? -7.794  -4.902  5.922   1.00 38.74  ? 411 HOH A O   1 
HETATM 1408 O  O   . HOH H 4 .   ? -10.227 10.737  6.992   1.00 53.63  ? 412 HOH A O   1 
HETATM 1409 O  O   . HOH H 4 .   ? -6.803  -4.535  -1.510  1.00 32.70  ? 413 HOH A O   1 
HETATM 1410 O  O   . HOH H 4 .   ? -5.844  12.540  -9.452  1.00 30.59  ? 414 HOH A O   1 
HETATM 1411 O  O   . HOH H 4 .   ? 13.252  -1.804  8.221   1.00 29.59  ? 415 HOH A O   1 
HETATM 1412 O  O   . HOH H 4 .   ? -9.071  1.441   -1.746  1.00 36.50  ? 416 HOH A O   1 
HETATM 1413 O  O   . HOH H 4 .   ? 15.201  -3.362  8.226   1.00 40.71  ? 417 HOH A O   1 
HETATM 1414 O  O   . HOH H 4 .   ? 0.351   5.257   -7.888  1.00 30.36  ? 418 HOH A O   1 
HETATM 1415 O  O   . HOH H 4 .   ? 14.865  -0.666  2.039   1.00 43.80  ? 419 HOH A O   1 
HETATM 1416 O  O   . HOH H 4 .   ? -4.317  2.590   10.419  1.00 45.32  ? 420 HOH A O   1 
HETATM 1417 O  O   . HOH H 4 .   ? 3.322   1.356   10.655  1.00 42.74  ? 421 HOH A O   1 
HETATM 1418 O  O   . HOH H 4 .   ? 3.586   -16.158 -2.889  1.00 37.71  ? 422 HOH A O   1 
HETATM 1419 O  O   . HOH H 4 .   ? 12.165  1.889   -2.870  1.00 47.06  ? 423 HOH A O   1 
HETATM 1420 O  O   . HOH H 4 .   ? 7.685   -13.509 -4.871  1.00 41.58  ? 424 HOH A O   1 
HETATM 1421 O  O   . HOH H 4 .   ? -2.948  17.127  -9.857  1.00 42.39  ? 425 HOH A O   1 
HETATM 1422 O  O   . HOH H 4 .   ? 0.274   9.116   -7.241  1.00 33.43  ? 426 HOH A O   1 
HETATM 1423 O  O   . HOH H 4 .   ? 1.477   -14.972 -1.108  1.00 36.77  ? 427 HOH A O   1 
HETATM 1424 O  O   . HOH H 4 .   ? -0.283  -13.651 -2.880  1.00 35.14  ? 428 HOH A O   1 
HETATM 1425 O  O   . HOH H 4 .   ? -9.641  -2.585  -21.253 1.00 33.47  ? 429 HOH A O   1 
HETATM 1426 O  O   . HOH H 4 .   ? 15.266  -2.995  5.316   1.00 37.11  ? 430 HOH A O   1 
HETATM 1427 O  O   . HOH H 4 .   ? -17.257 6.985   -3.566  1.00 43.82  ? 431 HOH A O   1 
HETATM 1428 O  O   . HOH H 4 .   ? -15.734 7.853   -7.034  1.00 38.12  ? 432 HOH A O   1 
HETATM 1429 O  O   . HOH H 4 .   ? -7.037  -1.853  -22.241 1.00 38.54  ? 433 HOH A O   1 
HETATM 1430 O  O   . HOH H 4 .   ? -11.852 15.401  -13.321 1.00 46.16  ? 434 HOH A O   1 
HETATM 1431 O  O   . HOH H 4 .   ? -16.229 -7.481  -0.551  1.00 39.77  ? 435 HOH A O   1 
HETATM 1432 O  O   . HOH H 4 .   ? -3.088  -3.843  -2.413  1.00 31.30  ? 436 HOH A O   1 
HETATM 1433 O  O   . HOH H 4 .   ? 6.730   -4.694  -13.107 1.00 52.83  ? 437 HOH A O   1 
HETATM 1434 O  O   . HOH H 4 .   ? -13.866 -3.620  -1.327  1.00 43.02  ? 438 HOH A O   1 
HETATM 1435 O  O   . HOH H 4 .   ? -4.163  -9.462  0.993   1.00 29.21  ? 439 HOH A O   1 
HETATM 1436 O  O   . HOH H 4 .   ? 5.751   17.161  4.936   1.00 36.13  ? 440 HOH A O   1 
HETATM 1437 O  O   . HOH H 4 .   ? 5.757   -3.483  -15.852 1.00 45.71  ? 441 HOH A O   1 
HETATM 1438 O  O   . HOH H 4 .   ? 13.867  -10.149 6.732   1.00 46.37  ? 442 HOH A O   1 
HETATM 1439 O  O   . HOH H 4 .   ? 10.421  3.808   5.404   1.00 26.63  ? 443 HOH A O   1 
HETATM 1440 O  O   . HOH H 4 .   ? 7.892   6.625   -9.197  1.00 46.85  ? 444 HOH A O   1 
HETATM 1441 O  O   . HOH H 4 .   ? -4.136  -5.135  -9.788  1.00 39.33  ? 445 HOH A O   1 
HETATM 1442 O  O   . HOH H 4 .   ? -1.065  -2.396  13.821  1.00 34.33  ? 446 HOH A O   1 
HETATM 1443 O  O   . HOH H 4 .   ? -1.781  -18.379 7.656   1.00 39.69  ? 447 HOH A O   1 
HETATM 1444 O  O   . HOH H 4 .   ? 15.343  -4.882  -3.060  1.00 45.83  ? 448 HOH A O   1 
HETATM 1445 O  O   . HOH H 4 .   ? -12.424 13.113  -0.534  1.00 46.80  ? 449 HOH A O   1 
HETATM 1446 O  O   . HOH H 4 .   ? -12.966 -11.803 0.667   1.00 46.32  ? 450 HOH A O   1 
HETATM 1447 O  O   . HOH H 4 .   ? -5.784  -2.688  11.800  1.00 50.70  ? 451 HOH A O   1 
HETATM 1448 O  O   . HOH H 4 .   ? -2.017  21.265  5.074   1.00 35.71  ? 452 HOH A O   1 
HETATM 1449 O  O   . HOH H 4 .   ? -4.326  -11.979 -0.145  1.00 34.33  ? 453 HOH A O   1 
HETATM 1450 O  O   . HOH H 4 .   ? 12.987  1.130   0.427   1.00 26.63  ? 454 HOH A O   1 
HETATM 1451 O  O   . HOH H 4 .   ? -6.719  0.741   11.751  1.00 37.62  ? 455 HOH A O   1 
HETATM 1452 O  O   . HOH H 4 .   ? -2.913  -13.725 -1.854  1.00 36.90  ? 456 HOH A O   1 
HETATM 1453 O  O   . HOH H 4 .   ? 8.802   5.469   3.578   0.50 26.62  ? 457 HOH A O   1 
HETATM 1454 O  O   . HOH H 4 .   ? -13.733 4.089   -10.948 1.00 46.88  ? 458 HOH A O   1 
HETATM 1455 O  O   . HOH H 4 .   ? 6.403   19.278  3.128   1.00 27.07  ? 459 HOH A O   1 
HETATM 1456 O  O   . HOH H 4 .   ? 5.916   23.159  4.512   1.00 23.39  ? 460 HOH A O   1 
HETATM 1457 O  O   . HOH H 4 .   ? -8.332  5.585   -19.348 1.00 41.44  ? 461 HOH A O   1 
HETATM 1458 O  O   . HOH H 4 .   ? 8.417   10.033  -0.354  1.00 23.39  ? 462 HOH A O   1 
HETATM 1459 O  O   . HOH H 4 .   ? 6.054   20.075  6.703   1.00 30.18  ? 463 HOH A O   1 
HETATM 1460 O  O   . HOH H 4 .   ? -13.185 0.375   -20.088 1.00 36.37  ? 464 HOH A O   1 
HETATM 1461 O  O   . HOH H 4 .   ? -7.554  11.402  -20.977 1.00 38.90  ? 465 HOH A O   1 
HETATM 1462 O  O   . HOH H 4 .   ? 15.774  -12.021 6.596   1.00 38.34  ? 466 HOH A O   1 
HETATM 1463 O  O   . HOH H 4 .   ? -8.192  -12.504 4.098   1.00 37.11  ? 467 HOH A O   1 
HETATM 1464 O  O   . HOH H 4 .   ? -17.916 9.417   -12.480 1.00 48.80  ? 468 HOH A O   1 
HETATM 1465 O  O   . HOH H 4 .   ? -4.812  -2.136  15.541  1.00 43.06  ? 469 HOH A O   1 
HETATM 1466 O  O   . HOH H 4 .   ? -3.741  0.656   17.001  1.00 49.91  ? 470 HOH A O   1 
# 
